data_9KOZ
#
_entry.id   9KOZ
#
_cell.length_a   96.160
_cell.length_b   96.040
_cell.length_c   97.820
_cell.angle_alpha   90.000
_cell.angle_beta   92.806
_cell.angle_gamma   90.000
#
_symmetry.space_group_name_H-M   'P 1 21 1'
#
loop_
_entity.id
_entity.type
_entity.pdbx_description
1 polymer '4-hydroxyphenylpyruvate dioxygenase'
2 non-polymer 'COBALT (II) ION'
3 non-polymer iptriazopyrid
4 water water
#
_entity_poly.entity_id   1
_entity_poly.type   'polypeptide(L)'
_entity_poly.pdbx_seq_one_letter_code
;GHQNAAVSENQNHDDGAASSPGFKLVGFSKFVRKNPKSDKFKVKRFHHIEFWCGDATNVARRFSWGLGMRFSAKSDLSTG
NMVHASYLLTSGDLRFLFTAPYSPSLSAGEIKPTTTASIPSFDHGSCRSFFSSHGLGVRAVAIEVEDAESAFSISVANGA
IPSSPPIVLNEAVTIAEVKLYGDVVLRYVSYKAEDTEKSEFLPGFERVEDASSFPLDYGIRRLDHAVGNVPELGPALTYV
AGFTGFHQFAEFTADDVGTAESGLNSAVLASNDEMVLLPINEPVHGTKRKSQIQTYLEHNEGAGLQHLALMSEDIFRTLR
EMRKRSSIGGFDFMPSPPPTYYQNLKKRVGDVLSDDQIKECEELGILVDRDDQGTLLQIFTKPLGDRPTIFIEIIQRVGC
MMKDEEGKAYQSGGCGGFGKGNFSELFKSIEEYEKTLEAKQLVG
;
_entity_poly.pdbx_strand_id   A,B,C,D
#
loop_
_chem_comp.id
_chem_comp.type
_chem_comp.name
_chem_comp.formula
A1L59 non-polymer iptriazopyrid 'C15 H15 F3 N6 O4 S'
CO non-polymer 'COBALT (II) ION' 'Co 2'
#
# COMPACT_ATOMS: atom_id res chain seq x y z
N GLY A 27 4.47 47.47 -26.03
CA GLY A 27 3.65 47.08 -27.19
C GLY A 27 3.07 45.67 -27.04
N PHE A 28 2.46 45.40 -25.87
CA PHE A 28 2.01 44.07 -25.50
C PHE A 28 0.58 43.83 -26.00
N SER A 29 -0.04 42.77 -25.48
CA SER A 29 -1.46 42.53 -25.64
C SER A 29 -2.13 42.66 -24.28
N LYS A 30 -3.47 42.72 -24.28
CA LYS A 30 -4.24 42.88 -23.06
C LYS A 30 -5.61 42.24 -23.24
N PHE A 31 -6.08 41.54 -22.20
CA PHE A 31 -7.43 40.99 -22.16
C PHE A 31 -8.20 41.79 -21.11
N VAL A 32 -9.45 42.18 -21.43
CA VAL A 32 -10.28 42.93 -20.51
C VAL A 32 -11.55 42.13 -20.23
N ARG A 33 -11.92 42.07 -18.96
CA ARG A 33 -13.06 41.29 -18.51
C ARG A 33 -14.15 42.23 -18.00
N LYS A 34 -15.39 41.89 -18.34
CA LYS A 34 -16.55 42.57 -17.81
C LYS A 34 -17.20 41.69 -16.74
N ASN A 35 -17.82 42.33 -15.75
CA ASN A 35 -18.62 41.65 -14.75
C ASN A 35 -19.76 42.58 -14.32
N PRO A 36 -20.97 42.44 -14.91
CA PRO A 36 -22.12 43.26 -14.51
C PRO A 36 -22.65 42.98 -13.10
N LYS A 37 -22.20 41.89 -12.47
CA LYS A 37 -22.67 41.51 -11.14
C LYS A 37 -24.20 41.56 -11.10
N SER A 38 -24.82 40.81 -12.01
CA SER A 38 -26.27 40.85 -12.19
C SER A 38 -27.00 39.67 -11.51
N ASP A 39 -26.37 38.98 -10.54
CA ASP A 39 -27.08 37.91 -9.84
C ASP A 39 -28.41 38.46 -9.32
N LYS A 40 -29.50 37.74 -9.61
CA LYS A 40 -30.83 38.16 -9.21
C LYS A 40 -31.16 37.75 -7.78
N PHE A 41 -30.27 37.00 -7.12
CA PHE A 41 -30.37 36.73 -5.69
C PHE A 41 -28.97 36.40 -5.18
N LYS A 42 -28.81 36.41 -3.86
CA LYS A 42 -27.48 36.29 -3.28
C LYS A 42 -27.04 34.84 -3.31
N VAL A 43 -25.99 34.55 -4.09
CA VAL A 43 -25.38 33.24 -4.17
C VAL A 43 -24.04 33.26 -3.45
N LYS A 44 -23.75 32.19 -2.69
CA LYS A 44 -22.56 32.13 -1.86
C LYS A 44 -21.52 31.20 -2.49
N ARG A 45 -21.77 29.89 -2.50
CA ARG A 45 -20.75 28.91 -2.83
C ARG A 45 -21.46 27.64 -3.30
N PHE A 46 -20.70 26.74 -3.96
CA PHE A 46 -21.17 25.41 -4.25
C PHE A 46 -21.32 24.66 -2.92
N HIS A 47 -22.47 23.99 -2.70
CA HIS A 47 -22.73 23.31 -1.43
C HIS A 47 -22.39 21.82 -1.52
N HIS A 48 -23.03 21.10 -2.45
CA HIS A 48 -22.80 19.67 -2.63
C HIS A 48 -23.23 19.24 -4.02
N ILE A 49 -22.74 18.07 -4.42
CA ILE A 49 -23.22 17.38 -5.61
C ILE A 49 -23.89 16.07 -5.20
N GLU A 50 -25.08 15.81 -5.73
CA GLU A 50 -25.80 14.58 -5.48
C GLU A 50 -25.80 13.71 -6.73
N PHE A 51 -25.22 12.51 -6.59
CA PHE A 51 -25.35 11.43 -7.55
C PHE A 51 -26.52 10.52 -7.19
N TRP A 52 -27.37 10.27 -8.18
CA TRP A 52 -28.34 9.20 -8.09
C TRP A 52 -27.74 7.92 -8.67
N CYS A 53 -27.75 6.88 -7.82
CA CYS A 53 -27.12 5.60 -8.09
C CYS A 53 -28.16 4.50 -8.02
N GLY A 54 -27.77 3.33 -8.52
CA GLY A 54 -28.49 2.10 -8.25
C GLY A 54 -28.17 1.59 -6.84
N ASP A 55 -26.89 1.65 -6.46
CA ASP A 55 -26.42 1.26 -5.15
C ASP A 55 -25.49 2.32 -4.59
N ALA A 56 -26.01 3.11 -3.62
CA ALA A 56 -25.26 4.20 -3.03
C ALA A 56 -23.99 3.67 -2.36
N THR A 57 -24.08 2.48 -1.76
CA THR A 57 -23.03 1.94 -0.91
C THR A 57 -21.79 1.62 -1.71
N ASN A 58 -21.93 0.97 -2.87
CA ASN A 58 -20.76 0.60 -3.68
C ASN A 58 -20.14 1.81 -4.38
N VAL A 59 -20.96 2.74 -4.89
CA VAL A 59 -20.42 3.92 -5.54
C VAL A 59 -19.70 4.77 -4.50
N ALA A 60 -20.35 4.99 -3.36
CA ALA A 60 -19.77 5.81 -2.31
C ALA A 60 -18.43 5.23 -1.85
N ARG A 61 -18.36 3.90 -1.71
CA ARG A 61 -17.16 3.23 -1.23
C ARG A 61 -16.04 3.34 -2.26
N ARG A 62 -16.38 3.19 -3.54
CA ARG A 62 -15.42 3.28 -4.65
C ARG A 62 -14.84 4.69 -4.75
N PHE A 63 -15.74 5.69 -4.76
CA PHE A 63 -15.35 7.10 -4.82
C PHE A 63 -14.50 7.49 -3.61
N SER A 64 -14.87 7.01 -2.42
CA SER A 64 -14.13 7.31 -1.22
C SER A 64 -12.66 6.94 -1.39
N TRP A 65 -12.41 5.75 -1.94
CA TRP A 65 -11.08 5.20 -2.09
C TRP A 65 -10.35 5.87 -3.25
N GLY A 66 -11.09 6.14 -4.33
CA GLY A 66 -10.54 6.71 -5.54
C GLY A 66 -10.05 8.16 -5.39
N LEU A 67 -10.81 8.97 -4.62
CA LEU A 67 -10.65 10.41 -4.53
C LEU A 67 -10.12 10.83 -3.17
N GLY A 68 -10.14 9.92 -2.19
CA GLY A 68 -9.67 10.24 -0.85
C GLY A 68 -10.66 11.13 -0.10
N MET A 69 -11.94 10.75 -0.17
CA MET A 69 -12.99 11.51 0.48
C MET A 69 -13.44 10.74 1.73
N ARG A 70 -13.71 11.47 2.82
CA ARG A 70 -14.07 10.85 4.09
C ARG A 70 -15.58 10.61 4.16
N PHE A 71 -15.97 9.46 4.75
CA PHE A 71 -17.38 9.17 5.06
C PHE A 71 -17.79 10.00 6.28
N SER A 72 -18.68 10.97 6.09
CA SER A 72 -18.83 12.04 7.06
C SER A 72 -20.25 12.11 7.59
N ALA A 73 -21.26 11.69 6.80
CA ALA A 73 -22.63 11.66 7.27
C ALA A 73 -23.47 10.66 6.48
N LYS A 74 -24.66 10.33 6.99
CA LYS A 74 -25.52 9.32 6.41
C LYS A 74 -26.97 9.44 6.85
N SER A 75 -27.85 8.98 5.96
CA SER A 75 -29.26 8.86 6.24
C SER A 75 -29.78 7.62 5.52
N ASP A 76 -30.00 6.53 6.28
CA ASP A 76 -30.39 5.24 5.74
C ASP A 76 -31.20 4.49 6.80
N LEU A 77 -31.36 3.18 6.63
CA LEU A 77 -32.08 2.31 7.55
C LEU A 77 -31.48 2.35 8.95
N SER A 78 -30.14 2.44 9.07
CA SER A 78 -29.49 2.49 10.37
C SER A 78 -29.80 3.82 11.08
N THR A 79 -30.65 4.64 10.45
CA THR A 79 -30.88 6.02 10.87
C THR A 79 -32.38 6.27 11.00
N GLY A 80 -33.20 5.39 10.43
CA GLY A 80 -34.64 5.53 10.49
C GLY A 80 -35.23 5.72 9.09
N ASN A 81 -34.35 5.93 8.10
CA ASN A 81 -34.78 6.25 6.75
C ASN A 81 -35.11 4.96 6.03
N MET A 82 -36.38 4.83 5.64
CA MET A 82 -36.90 3.66 4.98
C MET A 82 -37.28 3.96 3.54
N VAL A 83 -36.85 5.14 3.05
CA VAL A 83 -37.19 5.59 1.70
C VAL A 83 -35.96 5.53 0.79
N HIS A 84 -34.80 6.02 1.29
CA HIS A 84 -33.60 6.14 0.47
C HIS A 84 -32.35 6.02 1.34
N ALA A 85 -31.29 5.47 0.75
CA ALA A 85 -29.98 5.45 1.37
C ALA A 85 -29.15 6.57 0.77
N SER A 86 -28.63 7.45 1.64
CA SER A 86 -27.86 8.60 1.23
C SER A 86 -26.58 8.67 2.06
N TYR A 87 -25.43 8.68 1.41
CA TYR A 87 -24.14 8.70 2.09
C TYR A 87 -23.35 9.91 1.59
N LEU A 88 -22.88 10.75 2.51
CA LEU A 88 -22.14 11.95 2.20
C LEU A 88 -20.65 11.68 2.38
N LEU A 89 -19.87 12.00 1.34
CA LEU A 89 -18.42 12.02 1.39
C LEU A 89 -17.94 13.47 1.33
N THR A 90 -16.83 13.76 2.02
CA THR A 90 -16.28 15.11 2.08
C THR A 90 -14.75 15.12 1.99
N SER A 91 -14.24 16.16 1.31
CA SER A 91 -12.81 16.44 1.29
C SER A 91 -12.66 17.95 1.18
N GLY A 92 -12.10 18.56 2.22
CA GLY A 92 -12.22 19.98 2.47
C GLY A 92 -13.70 20.40 2.47
N ASP A 93 -14.07 21.27 1.51
CA ASP A 93 -15.40 21.81 1.38
C ASP A 93 -16.16 21.11 0.25
N LEU A 94 -15.55 20.09 -0.37
CA LEU A 94 -16.24 19.32 -1.38
C LEU A 94 -17.17 18.33 -0.68
N ARG A 95 -18.43 18.30 -1.14
CA ARG A 95 -19.43 17.43 -0.58
C ARG A 95 -20.08 16.66 -1.72
N PHE A 96 -19.88 15.33 -1.70
CA PHE A 96 -20.48 14.39 -2.64
C PHE A 96 -21.48 13.51 -1.89
N LEU A 97 -22.72 13.52 -2.37
CA LEU A 97 -23.81 12.76 -1.81
C LEU A 97 -24.22 11.67 -2.80
N PHE A 98 -24.32 10.43 -2.31
CA PHE A 98 -24.73 9.29 -3.11
C PHE A 98 -26.05 8.76 -2.56
N THR A 99 -27.08 8.68 -3.41
CA THR A 99 -28.42 8.36 -3.00
C THR A 99 -29.01 7.26 -3.89
N ALA A 100 -29.69 6.28 -3.26
CA ALA A 100 -30.40 5.26 -4.00
C ALA A 100 -31.70 4.90 -3.30
N PRO A 101 -32.71 4.41 -4.05
CA PRO A 101 -34.02 4.07 -3.46
C PRO A 101 -34.02 2.68 -2.82
N TYR A 102 -34.70 2.54 -1.67
CA TYR A 102 -35.09 1.24 -1.14
C TYR A 102 -36.38 0.78 -1.84
N SER A 103 -36.83 -0.44 -1.55
CA SER A 103 -38.12 -0.88 -2.05
C SER A 103 -39.20 0.07 -1.51
N PRO A 104 -40.15 0.53 -2.36
CA PRO A 104 -41.29 1.30 -1.86
C PRO A 104 -42.07 0.52 -0.80
N SER A 105 -42.00 -0.82 -0.85
CA SER A 105 -42.79 -1.66 0.02
C SER A 105 -42.45 -1.43 1.49
N LEU A 106 -41.22 -0.98 1.79
CA LEU A 106 -40.80 -0.74 3.16
C LEU A 106 -41.69 0.31 3.82
N SER A 107 -42.00 1.36 3.06
CA SER A 107 -42.62 2.55 3.60
C SER A 107 -44.07 2.66 3.14
N ALA A 108 -44.70 1.51 2.84
CA ALA A 108 -46.11 1.48 2.46
C ALA A 108 -47.01 1.45 3.71
N GLY A 109 -46.69 2.32 4.69
CA GLY A 109 -47.47 2.43 5.91
C GLY A 109 -47.17 3.72 6.66
N THR A 114 -46.34 12.11 7.10
CA THR A 114 -44.95 12.20 7.60
C THR A 114 -44.15 10.98 7.11
N THR A 115 -42.92 11.25 6.63
CA THR A 115 -42.12 10.26 5.94
C THR A 115 -40.75 10.23 6.60
N THR A 116 -40.01 9.13 6.38
CA THR A 116 -38.73 8.91 7.03
C THR A 116 -37.57 9.43 6.17
N ALA A 117 -37.87 9.83 4.92
CA ALA A 117 -36.92 10.51 4.05
C ALA A 117 -36.40 11.79 4.69
N SER A 118 -35.11 12.08 4.47
CA SER A 118 -34.49 13.31 4.95
C SER A 118 -34.43 14.36 3.84
N ILE A 119 -34.36 13.89 2.59
CA ILE A 119 -34.35 14.77 1.44
C ILE A 119 -35.78 14.86 0.92
N PRO A 120 -36.47 16.00 1.10
CA PRO A 120 -37.88 16.10 0.72
C PRO A 120 -38.16 15.88 -0.77
N SER A 121 -37.23 16.28 -1.64
CA SER A 121 -37.40 16.17 -3.08
C SER A 121 -37.44 14.71 -3.53
N PHE A 122 -36.73 13.82 -2.81
CA PHE A 122 -36.53 12.45 -3.24
C PHE A 122 -37.85 11.77 -3.60
N ASP A 123 -37.84 11.03 -4.70
CA ASP A 123 -38.98 10.26 -5.16
C ASP A 123 -38.47 8.98 -5.82
N HIS A 124 -39.01 7.83 -5.37
CA HIS A 124 -38.62 6.51 -5.87
C HIS A 124 -38.70 6.46 -7.39
N GLY A 125 -39.87 6.79 -7.93
CA GLY A 125 -40.12 6.81 -9.37
C GLY A 125 -39.05 7.60 -10.13
N SER A 126 -38.76 8.81 -9.65
CA SER A 126 -37.86 9.70 -10.35
C SER A 126 -36.45 9.12 -10.35
N CYS A 127 -36.01 8.61 -9.19
CA CYS A 127 -34.67 8.07 -9.05
C CYS A 127 -34.44 6.89 -9.99
N ARG A 128 -35.36 5.93 -10.00
CA ARG A 128 -35.28 4.72 -10.80
C ARG A 128 -35.27 5.05 -12.29
N SER A 129 -36.19 5.94 -12.71
CA SER A 129 -36.29 6.42 -14.07
C SER A 129 -35.01 7.11 -14.53
N PHE A 130 -34.47 8.00 -13.68
CA PHE A 130 -33.22 8.69 -13.98
C PHE A 130 -32.11 7.68 -14.23
N PHE A 131 -32.01 6.68 -13.34
CA PHE A 131 -30.88 5.76 -13.32
C PHE A 131 -30.99 4.79 -14.49
N SER A 132 -32.21 4.33 -14.78
CA SER A 132 -32.45 3.48 -15.94
C SER A 132 -32.09 4.20 -17.23
N SER A 133 -32.35 5.50 -17.27
CA SER A 133 -32.24 6.28 -18.48
C SER A 133 -30.80 6.74 -18.72
N HIS A 134 -30.09 7.11 -17.66
CA HIS A 134 -28.81 7.81 -17.78
C HIS A 134 -27.65 7.01 -17.20
N GLY A 135 -27.97 6.03 -16.35
CA GLY A 135 -26.95 5.34 -15.59
C GLY A 135 -26.42 6.26 -14.49
N LEU A 136 -25.22 5.94 -13.99
CA LEU A 136 -24.65 6.68 -12.88
C LEU A 136 -24.46 8.12 -13.32
N GLY A 137 -24.99 9.08 -12.55
CA GLY A 137 -24.81 10.47 -12.90
C GLY A 137 -25.25 11.45 -11.81
N VAL A 138 -24.97 12.74 -12.07
CA VAL A 138 -25.31 13.83 -11.17
C VAL A 138 -26.77 14.21 -11.38
N ARG A 139 -27.53 14.14 -10.29
CA ARG A 139 -28.91 14.59 -10.30
C ARG A 139 -28.99 16.08 -9.97
N ALA A 140 -28.21 16.50 -8.97
CA ALA A 140 -28.39 17.81 -8.39
C ALA A 140 -27.04 18.50 -8.23
N VAL A 141 -26.94 19.73 -8.76
CA VAL A 141 -25.89 20.66 -8.43
C VAL A 141 -26.48 21.64 -7.41
N ALA A 142 -25.86 21.71 -6.23
CA ALA A 142 -26.46 22.46 -5.14
C ALA A 142 -25.56 23.64 -4.76
N ILE A 143 -26.19 24.82 -4.69
CA ILE A 143 -25.49 26.04 -4.30
C ILE A 143 -26.13 26.56 -3.02
N GLU A 144 -25.30 27.02 -2.09
CA GLU A 144 -25.77 27.69 -0.90
C GLU A 144 -26.17 29.13 -1.25
N VAL A 145 -27.30 29.57 -0.73
CA VAL A 145 -27.79 30.92 -0.98
C VAL A 145 -28.28 31.52 0.34
N GLU A 146 -28.56 32.82 0.31
CA GLU A 146 -29.04 33.52 1.50
C GLU A 146 -30.40 32.97 1.93
N ASP A 147 -31.31 32.78 0.96
CA ASP A 147 -32.67 32.34 1.25
C ASP A 147 -33.19 31.53 0.07
N ALA A 148 -33.52 30.26 0.30
CA ALA A 148 -33.87 29.34 -0.76
C ALA A 148 -35.28 29.64 -1.30
N GLU A 149 -36.15 30.11 -0.40
CA GLU A 149 -37.53 30.48 -0.73
C GLU A 149 -37.51 31.57 -1.80
N SER A 150 -36.75 32.65 -1.54
CA SER A 150 -36.67 33.79 -2.44
C SER A 150 -35.89 33.44 -3.72
N ALA A 151 -34.75 32.76 -3.58
CA ALA A 151 -34.02 32.24 -4.73
C ALA A 151 -34.96 31.50 -5.66
N PHE A 152 -35.86 30.68 -5.10
CA PHE A 152 -36.81 29.89 -5.87
C PHE A 152 -37.87 30.79 -6.50
N SER A 153 -38.45 31.70 -5.69
CA SER A 153 -39.47 32.63 -6.19
C SER A 153 -38.95 33.46 -7.36
N ILE A 154 -37.75 34.03 -7.19
CA ILE A 154 -37.18 34.89 -8.20
C ILE A 154 -36.89 34.08 -9.47
N SER A 155 -36.42 32.85 -9.30
CA SER A 155 -36.07 32.01 -10.44
C SER A 155 -37.30 31.71 -11.28
N VAL A 156 -38.39 31.26 -10.64
CA VAL A 156 -39.60 30.90 -11.35
C VAL A 156 -40.13 32.13 -12.10
N ALA A 157 -40.13 33.29 -11.42
CA ALA A 157 -40.60 34.54 -12.00
C ALA A 157 -39.85 34.83 -13.30
N ASN A 158 -38.54 34.52 -13.29
CA ASN A 158 -37.64 34.84 -14.38
C ASN A 158 -37.37 33.64 -15.27
N GLY A 159 -38.36 32.73 -15.39
CA GLY A 159 -38.34 31.74 -16.45
C GLY A 159 -38.05 30.31 -15.97
N ALA A 160 -37.53 30.14 -14.74
CA ALA A 160 -37.11 28.83 -14.27
C ALA A 160 -38.30 27.89 -14.12
N ILE A 161 -38.11 26.65 -14.55
CA ILE A 161 -39.10 25.59 -14.38
C ILE A 161 -38.93 25.00 -12.98
N PRO A 162 -39.99 24.97 -12.15
CA PRO A 162 -39.90 24.36 -10.82
C PRO A 162 -39.71 22.85 -10.91
N SER A 163 -38.87 22.31 -10.01
CA SER A 163 -38.72 20.88 -9.87
C SER A 163 -39.24 20.45 -8.50
N SER A 164 -38.68 21.02 -7.43
CA SER A 164 -39.16 20.82 -6.08
C SER A 164 -39.34 22.18 -5.40
N PRO A 165 -40.44 22.39 -4.65
CA PRO A 165 -40.73 23.69 -4.03
C PRO A 165 -39.83 23.91 -2.82
N PRO A 166 -39.85 25.13 -2.23
CA PRO A 166 -39.08 25.40 -1.02
C PRO A 166 -39.69 24.62 0.13
N ILE A 167 -38.85 23.87 0.84
CA ILE A 167 -39.28 23.06 1.97
C ILE A 167 -38.30 23.31 3.11
N VAL A 168 -38.85 23.69 4.26
CA VAL A 168 -38.08 23.94 5.46
C VAL A 168 -37.93 22.62 6.21
N LEU A 169 -36.75 22.39 6.80
CA LEU A 169 -36.42 21.10 7.37
C LEU A 169 -36.04 21.32 8.82
N ASN A 170 -36.87 20.77 9.73
CA ASN A 170 -36.66 20.91 11.16
C ASN A 170 -36.39 22.38 11.47
N GLU A 171 -37.14 23.26 10.79
CA GLU A 171 -37.02 24.69 10.99
C GLU A 171 -35.54 25.10 11.06
N ALA A 172 -34.72 24.54 10.17
CA ALA A 172 -33.28 24.78 10.21
C ALA A 172 -32.69 25.08 8.82
N VAL A 173 -33.25 24.47 7.76
CA VAL A 173 -32.68 24.53 6.43
C VAL A 173 -33.83 24.59 5.43
N THR A 174 -33.70 25.41 4.38
CA THR A 174 -34.67 25.40 3.29
C THR A 174 -34.00 24.86 2.04
N ILE A 175 -34.77 24.11 1.24
CA ILE A 175 -34.28 23.47 0.04
C ILE A 175 -35.34 23.63 -1.06
N ALA A 176 -34.90 24.09 -2.23
CA ALA A 176 -35.74 24.12 -3.42
C ALA A 176 -34.91 23.71 -4.65
N GLU A 177 -35.62 23.30 -5.70
CA GLU A 177 -34.99 22.78 -6.90
C GLU A 177 -35.70 23.35 -8.13
N VAL A 178 -34.89 23.78 -9.09
CA VAL A 178 -35.37 24.14 -10.41
C VAL A 178 -34.56 23.31 -11.41
N LYS A 179 -35.11 23.13 -12.61
CA LYS A 179 -34.42 22.40 -13.66
C LYS A 179 -33.24 23.22 -14.14
N LEU A 180 -32.11 22.54 -14.39
CA LEU A 180 -30.91 23.17 -14.89
C LEU A 180 -30.77 22.84 -16.38
N TYR A 181 -30.53 21.56 -16.69
CA TYR A 181 -30.58 21.03 -18.04
C TYR A 181 -30.82 19.52 -17.92
N GLY A 182 -31.60 18.95 -18.84
CA GLY A 182 -31.92 17.52 -18.80
C GLY A 182 -32.70 17.19 -17.53
N ASP A 183 -32.27 16.15 -16.81
CA ASP A 183 -32.84 15.79 -15.52
C ASP A 183 -31.90 16.19 -14.38
N VAL A 184 -31.00 17.15 -14.65
CA VAL A 184 -30.20 17.76 -13.62
C VAL A 184 -31.01 18.93 -13.06
N VAL A 185 -30.97 19.09 -11.74
CA VAL A 185 -31.61 20.23 -11.09
C VAL A 185 -30.54 21.06 -10.42
N LEU A 186 -30.82 22.37 -10.37
CA LEU A 186 -30.09 23.30 -9.53
C LEU A 186 -30.80 23.37 -8.19
N ARG A 187 -30.08 23.03 -7.12
CA ARG A 187 -30.67 22.98 -5.78
C ARG A 187 -30.16 24.15 -4.95
N TYR A 188 -31.12 24.93 -4.41
CA TYR A 188 -30.83 26.03 -3.52
C TYR A 188 -30.89 25.53 -2.08
N VAL A 189 -29.86 25.87 -1.30
CA VAL A 189 -29.75 25.49 0.10
C VAL A 189 -29.49 26.76 0.92
N SER A 190 -30.36 27.01 1.91
CA SER A 190 -30.22 28.17 2.79
C SER A 190 -30.35 27.74 4.25
N TYR A 191 -29.44 28.23 5.10
CA TYR A 191 -29.42 27.95 6.53
C TYR A 191 -30.07 29.12 7.27
N LYS A 192 -31.00 28.79 8.18
CA LYS A 192 -31.77 29.80 8.92
C LYS A 192 -30.86 30.67 9.78
N ALA A 193 -29.73 30.13 10.25
CA ALA A 193 -28.76 30.95 10.97
C ALA A 193 -27.35 30.38 10.81
N GLU A 194 -26.36 31.17 11.25
CA GLU A 194 -24.94 30.83 11.13
C GLU A 194 -24.78 29.41 10.57
N LYS A 198 -23.41 22.93 10.58
CA LYS A 198 -22.99 21.68 11.27
C LYS A 198 -22.41 20.71 10.24
N SER A 199 -21.78 19.64 10.74
CA SER A 199 -21.20 18.60 9.90
C SER A 199 -22.22 17.47 9.66
N GLU A 200 -23.45 17.65 10.16
CA GLU A 200 -24.53 16.72 9.89
C GLU A 200 -25.21 17.04 8.56
N PHE A 201 -24.74 18.07 7.84
CA PHE A 201 -25.11 18.31 6.45
C PHE A 201 -26.56 18.80 6.37
N LEU A 202 -27.51 17.90 6.63
CA LEU A 202 -28.94 18.22 6.56
C LEU A 202 -29.66 17.55 7.73
N PRO A 203 -30.86 18.05 8.11
CA PRO A 203 -31.68 17.37 9.12
C PRO A 203 -32.04 15.95 8.70
N GLY A 204 -31.87 15.00 9.63
CA GLY A 204 -32.15 13.60 9.39
C GLY A 204 -30.88 12.78 9.15
N PHE A 205 -29.72 13.45 9.06
CA PHE A 205 -28.46 12.79 8.80
C PHE A 205 -27.73 12.62 10.13
N GLU A 206 -27.01 11.50 10.30
CA GLU A 206 -26.13 11.30 11.44
C GLU A 206 -24.68 11.53 11.01
N ARG A 207 -23.93 12.28 11.80
CA ARG A 207 -22.49 12.35 11.68
C ARG A 207 -21.90 10.95 11.83
N VAL A 208 -20.94 10.63 10.95
CA VAL A 208 -20.13 9.44 11.07
C VAL A 208 -18.75 9.88 11.54
N GLU A 209 -18.22 9.14 12.52
CA GLU A 209 -16.91 9.46 13.09
C GLU A 209 -15.88 8.61 12.36
N ASP A 210 -14.69 9.18 12.11
CA ASP A 210 -13.64 8.48 11.41
C ASP A 210 -13.31 7.18 12.16
N ALA A 211 -13.47 6.06 11.45
CA ALA A 211 -13.22 4.74 12.00
C ALA A 211 -11.78 4.32 11.68
N SER A 212 -10.83 5.22 11.96
CA SER A 212 -9.49 5.12 11.39
C SER A 212 -8.55 6.15 12.04
N SER A 213 -7.31 5.70 12.30
CA SER A 213 -6.24 6.58 12.79
C SER A 213 -5.72 7.48 11.67
N PHE A 214 -5.84 7.00 10.42
CA PHE A 214 -5.50 7.77 9.23
C PHE A 214 -6.71 7.82 8.30
N PRO A 215 -7.60 8.83 8.44
CA PRO A 215 -8.68 9.04 7.47
C PRO A 215 -8.11 9.59 6.15
N LEU A 216 -8.82 9.36 5.06
CA LEU A 216 -8.29 9.59 3.72
C LEU A 216 -8.33 11.07 3.38
N ASP A 217 -7.28 11.52 2.70
CA ASP A 217 -7.18 12.89 2.21
C ASP A 217 -6.05 12.94 1.19
N TYR A 218 -6.41 13.22 -0.07
CA TYR A 218 -5.43 13.35 -1.15
C TYR A 218 -5.26 14.82 -1.55
N GLY A 219 -5.92 15.74 -0.85
CA GLY A 219 -5.71 17.17 -1.04
C GLY A 219 -6.79 17.87 -1.86
N ILE A 220 -7.87 17.15 -2.20
CA ILE A 220 -9.00 17.79 -2.86
C ILE A 220 -9.73 18.67 -1.84
N ARG A 221 -10.10 19.90 -2.24
CA ARG A 221 -10.61 20.90 -1.30
C ARG A 221 -11.98 21.45 -1.66
N ARG A 222 -12.33 21.56 -2.94
CA ARG A 222 -13.62 22.13 -3.29
C ARG A 222 -13.96 21.87 -4.75
N LEU A 223 -15.23 22.15 -5.09
CA LEU A 223 -15.71 22.08 -6.46
C LEU A 223 -15.43 23.41 -7.15
N ASP A 224 -14.77 23.36 -8.32
CA ASP A 224 -14.37 24.57 -9.03
C ASP A 224 -15.43 24.95 -10.05
N HIS A 225 -15.74 24.02 -10.97
CA HIS A 225 -16.82 24.24 -11.92
C HIS A 225 -17.53 22.92 -12.23
N ALA A 226 -18.72 23.04 -12.83
CA ALA A 226 -19.55 21.91 -13.13
C ALA A 226 -20.19 22.15 -14.48
N VAL A 227 -19.86 21.26 -15.44
CA VAL A 227 -20.06 21.48 -16.86
C VAL A 227 -21.20 20.60 -17.35
N GLY A 228 -22.17 21.20 -18.03
CA GLY A 228 -23.23 20.44 -18.68
C GLY A 228 -23.01 20.33 -20.18
N ASN A 229 -23.56 19.26 -20.79
CA ASN A 229 -23.69 19.15 -22.23
C ASN A 229 -25.17 19.22 -22.60
N VAL A 230 -25.45 19.99 -23.66
CA VAL A 230 -26.79 20.22 -24.14
C VAL A 230 -26.76 20.13 -25.67
N PRO A 231 -27.90 19.82 -26.33
CA PRO A 231 -27.95 19.80 -27.79
C PRO A 231 -27.74 21.16 -28.48
N GLU A 232 -28.24 22.26 -27.89
CA GLU A 232 -27.99 23.59 -28.42
C GLU A 232 -27.66 24.56 -27.28
N LEU A 233 -26.50 25.20 -27.37
CA LEU A 233 -25.96 26.06 -26.34
C LEU A 233 -26.83 27.30 -26.12
N GLY A 234 -27.35 27.86 -27.22
CA GLY A 234 -28.07 29.12 -27.18
C GLY A 234 -29.24 29.10 -26.19
N PRO A 235 -30.31 28.34 -26.48
CA PRO A 235 -31.46 28.25 -25.58
C PRO A 235 -31.09 27.94 -24.13
N ALA A 236 -30.14 27.02 -23.95
CA ALA A 236 -29.68 26.63 -22.63
C ALA A 236 -29.19 27.84 -21.85
N LEU A 237 -28.37 28.67 -22.50
CA LEU A 237 -27.77 29.85 -21.86
C LEU A 237 -28.85 30.89 -21.57
N THR A 238 -29.77 31.10 -22.52
CA THR A 238 -30.86 32.04 -22.31
C THR A 238 -31.62 31.65 -21.05
N TYR A 239 -31.89 30.35 -20.90
CA TYR A 239 -32.70 29.84 -19.81
C TYR A 239 -31.99 30.12 -18.47
N VAL A 240 -30.78 29.60 -18.32
CA VAL A 240 -30.14 29.61 -17.01
C VAL A 240 -29.85 31.05 -16.61
N ALA A 241 -29.14 31.79 -17.49
CA ALA A 241 -28.74 33.16 -17.20
C ALA A 241 -29.99 34.02 -16.96
N GLY A 242 -31.03 33.77 -17.75
CA GLY A 242 -32.29 34.49 -17.61
C GLY A 242 -32.82 34.42 -16.19
N PHE A 243 -32.83 33.23 -15.57
CA PHE A 243 -33.45 33.07 -14.26
C PHE A 243 -32.44 33.34 -13.15
N THR A 244 -31.14 33.19 -13.42
CA THR A 244 -30.13 33.36 -12.38
C THR A 244 -29.59 34.79 -12.38
N GLY A 245 -29.42 35.37 -13.57
CA GLY A 245 -28.69 36.62 -13.75
C GLY A 245 -27.17 36.43 -13.67
N PHE A 246 -26.71 35.17 -13.78
CA PHE A 246 -25.28 34.89 -13.88
C PHE A 246 -24.77 35.50 -15.19
N HIS A 247 -23.50 35.92 -15.19
CA HIS A 247 -22.93 36.58 -16.36
C HIS A 247 -21.98 35.63 -17.09
N GLN A 248 -21.63 36.00 -18.32
CA GLN A 248 -20.66 35.29 -19.13
C GLN A 248 -19.23 35.64 -18.71
N PHE A 249 -18.53 34.63 -18.19
CA PHE A 249 -17.10 34.72 -17.94
C PHE A 249 -16.35 34.37 -19.23
N ALA A 250 -15.52 35.30 -19.70
CA ALA A 250 -14.82 35.17 -20.97
C ALA A 250 -13.53 34.36 -20.79
N GLU A 251 -13.15 33.60 -21.83
CA GLU A 251 -11.88 32.88 -21.90
C GLU A 251 -10.93 33.54 -22.90
N PHE A 252 -9.71 33.85 -22.45
CA PHE A 252 -8.58 34.22 -23.30
C PHE A 252 -8.30 33.10 -24.31
N THR A 253 -8.28 33.44 -25.60
CA THR A 253 -8.20 32.46 -26.68
C THR A 253 -6.99 32.78 -27.58
N ALA A 254 -6.72 31.87 -28.53
CA ALA A 254 -5.83 32.15 -29.66
C ALA A 254 -6.06 31.11 -30.76
N GLU A 261 -12.45 21.76 -34.38
CA GLU A 261 -11.16 21.11 -34.00
C GLU A 261 -11.26 20.43 -32.62
N SER A 262 -12.17 20.92 -31.78
CA SER A 262 -12.42 20.31 -30.47
C SER A 262 -13.85 19.76 -30.40
N GLY A 263 -14.67 20.11 -31.40
CA GLY A 263 -15.99 19.51 -31.56
C GLY A 263 -17.02 20.03 -30.56
N LEU A 264 -16.66 21.05 -29.77
CA LEU A 264 -17.60 21.63 -28.80
C LEU A 264 -17.68 23.13 -29.01
N ASN A 265 -18.84 23.70 -28.64
CA ASN A 265 -18.98 25.14 -28.50
C ASN A 265 -19.47 25.40 -27.07
N SER A 266 -18.80 26.31 -26.35
CA SER A 266 -19.10 26.50 -24.94
C SER A 266 -19.13 27.97 -24.55
N ALA A 267 -19.91 28.26 -23.51
CA ALA A 267 -19.84 29.49 -22.73
C ALA A 267 -19.96 29.17 -21.24
N VAL A 268 -19.50 30.11 -20.41
CA VAL A 268 -19.46 29.93 -18.97
C VAL A 268 -20.37 30.94 -18.28
N LEU A 269 -21.35 30.46 -17.49
CA LEU A 269 -22.11 31.29 -16.59
C LEU A 269 -21.41 31.39 -15.23
N ALA A 270 -21.40 32.60 -14.65
CA ALA A 270 -20.66 32.89 -13.43
C ALA A 270 -21.48 33.79 -12.52
N SER A 271 -21.38 33.51 -11.20
CA SER A 271 -21.99 34.31 -10.16
C SER A 271 -21.16 35.57 -9.95
N ASN A 272 -21.67 36.49 -9.11
CA ASN A 272 -21.15 37.85 -9.01
C ASN A 272 -19.66 37.83 -8.68
N ASP A 273 -19.25 36.96 -7.73
CA ASP A 273 -17.87 36.86 -7.29
C ASP A 273 -17.11 35.81 -8.10
N GLU A 274 -17.82 35.17 -9.04
CA GLU A 274 -17.25 34.21 -9.97
C GLU A 274 -16.70 32.97 -9.26
N MET A 275 -17.25 32.65 -8.08
CA MET A 275 -16.87 31.45 -7.34
C MET A 275 -17.79 30.28 -7.68
N VAL A 276 -18.97 30.57 -8.24
CA VAL A 276 -19.86 29.54 -8.78
C VAL A 276 -19.80 29.64 -10.30
N LEU A 277 -19.38 28.55 -10.95
CA LEU A 277 -19.09 28.54 -12.37
C LEU A 277 -19.81 27.37 -13.03
N LEU A 278 -20.68 27.69 -14.01
CA LEU A 278 -21.47 26.69 -14.69
C LEU A 278 -21.22 26.77 -16.20
N PRO A 279 -20.09 26.23 -16.71
CA PRO A 279 -19.92 26.03 -18.15
C PRO A 279 -20.99 25.14 -18.79
N ILE A 280 -21.24 25.37 -20.08
CA ILE A 280 -22.16 24.54 -20.85
C ILE A 280 -21.57 24.36 -22.24
N ASN A 281 -21.57 23.11 -22.71
CA ASN A 281 -21.09 22.75 -24.03
C ASN A 281 -22.27 22.35 -24.92
N GLU A 282 -22.06 22.55 -26.22
CA GLU A 282 -22.91 21.97 -27.24
C GLU A 282 -21.99 21.25 -28.23
N PRO A 283 -22.53 20.28 -29.00
CA PRO A 283 -21.71 19.60 -30.01
C PRO A 283 -21.49 20.51 -31.20
N VAL A 284 -20.30 20.41 -31.80
CA VAL A 284 -20.01 20.99 -33.11
C VAL A 284 -20.01 19.85 -34.13
N HIS A 285 -21.10 19.78 -34.91
CA HIS A 285 -21.25 18.77 -35.95
C HIS A 285 -20.29 19.07 -37.10
N GLY A 286 -19.99 18.03 -37.91
CA GLY A 286 -19.32 18.19 -39.18
C GLY A 286 -17.83 17.83 -39.16
N THR A 287 -17.18 17.96 -38.00
CA THR A 287 -15.73 17.85 -37.92
C THR A 287 -15.33 16.39 -38.15
N LYS A 288 -14.02 16.16 -38.37
CA LYS A 288 -13.48 14.85 -38.72
C LYS A 288 -13.84 13.84 -37.64
N ARG A 289 -13.26 14.02 -36.44
CA ARG A 289 -13.63 13.22 -35.29
C ARG A 289 -15.00 13.68 -34.81
N LYS A 290 -15.88 12.71 -34.55
CA LYS A 290 -17.20 12.98 -34.02
C LYS A 290 -17.05 13.74 -32.71
N SER A 291 -17.99 14.65 -32.44
CA SER A 291 -17.98 15.42 -31.21
C SER A 291 -18.15 14.50 -30.00
N GLN A 292 -17.21 14.59 -29.04
CA GLN A 292 -17.33 13.92 -27.75
C GLN A 292 -18.61 14.36 -27.03
N ILE A 293 -19.09 15.58 -27.31
CA ILE A 293 -20.35 16.06 -26.76
C ILE A 293 -21.51 15.25 -27.34
N GLN A 294 -21.43 14.99 -28.66
CA GLN A 294 -22.47 14.24 -29.35
C GLN A 294 -22.52 12.79 -28.84
N THR A 295 -21.35 12.21 -28.55
CA THR A 295 -21.26 10.86 -28.00
C THR A 295 -21.92 10.85 -26.63
N TYR A 296 -21.53 11.81 -25.77
CA TYR A 296 -22.16 12.01 -24.48
C TYR A 296 -23.68 11.98 -24.65
N LEU A 297 -24.20 12.83 -25.52
CA LEU A 297 -25.64 13.04 -25.62
C LEU A 297 -26.33 11.74 -26.00
N GLU A 298 -25.62 10.86 -26.73
CA GLU A 298 -26.16 9.59 -27.19
C GLU A 298 -26.14 8.54 -26.07
N HIS A 299 -24.99 8.38 -25.42
CA HIS A 299 -24.82 7.41 -24.35
C HIS A 299 -25.60 7.80 -23.10
N ASN A 300 -25.80 9.11 -22.87
CA ASN A 300 -26.49 9.62 -21.68
C ASN A 300 -27.99 9.76 -21.93
N GLU A 301 -28.46 9.47 -23.15
CA GLU A 301 -29.86 9.65 -23.50
C GLU A 301 -30.28 11.09 -23.24
N GLY A 302 -29.42 12.04 -23.61
CA GLY A 302 -29.77 13.45 -23.57
C GLY A 302 -28.78 14.30 -22.77
N ALA A 303 -29.21 15.53 -22.48
CA ALA A 303 -28.40 16.51 -21.80
C ALA A 303 -28.19 16.09 -20.35
N GLY A 304 -27.08 16.54 -19.78
CA GLY A 304 -26.76 16.24 -18.40
C GLY A 304 -25.38 16.75 -18.05
N LEU A 305 -24.91 16.43 -16.84
CA LEU A 305 -23.65 16.96 -16.36
C LEU A 305 -22.53 16.11 -16.91
N GLN A 306 -21.59 16.78 -17.59
CA GLN A 306 -20.50 16.12 -18.27
C GLN A 306 -19.33 15.91 -17.32
N HIS A 307 -18.87 16.95 -16.63
CA HIS A 307 -17.74 16.75 -15.72
C HIS A 307 -17.75 17.71 -14.56
N LEU A 308 -16.97 17.33 -13.55
CA LEU A 308 -16.82 18.05 -12.31
C LEU A 308 -15.33 18.34 -12.13
N ALA A 309 -15.00 19.62 -12.04
CA ALA A 309 -13.61 20.00 -11.85
C ALA A 309 -13.39 20.20 -10.35
N LEU A 310 -12.54 19.36 -9.78
CA LEU A 310 -12.32 19.39 -8.35
C LEU A 310 -10.98 20.08 -8.11
N MET A 311 -11.00 21.12 -7.28
CA MET A 311 -9.81 21.90 -6.96
C MET A 311 -9.03 21.20 -5.87
N SER A 312 -7.70 21.15 -6.04
CA SER A 312 -6.78 20.52 -5.13
C SER A 312 -5.77 21.54 -4.62
N GLU A 313 -5.37 21.42 -3.36
CA GLU A 313 -4.33 22.30 -2.84
C GLU A 313 -3.00 21.98 -3.51
N ASP A 314 -2.86 20.77 -4.08
CA ASP A 314 -1.61 20.35 -4.68
C ASP A 314 -1.87 19.15 -5.58
N ILE A 315 -1.94 19.43 -6.88
CA ILE A 315 -2.34 18.43 -7.86
C ILE A 315 -1.32 17.29 -7.90
N PHE A 316 -0.06 17.57 -7.55
CA PHE A 316 0.97 16.55 -7.61
C PHE A 316 0.65 15.47 -6.57
N ARG A 317 0.41 15.90 -5.33
CA ARG A 317 0.00 15.01 -4.25
C ARG A 317 -1.23 14.19 -4.67
N THR A 318 -2.30 14.89 -5.10
CA THR A 318 -3.54 14.25 -5.43
C THR A 318 -3.31 13.17 -6.49
N LEU A 319 -2.62 13.53 -7.57
CA LEU A 319 -2.50 12.63 -8.69
C LEU A 319 -1.61 11.45 -8.33
N ARG A 320 -0.59 11.68 -7.52
CA ARG A 320 0.26 10.61 -7.07
C ARG A 320 -0.60 9.55 -6.36
N GLU A 321 -1.50 10.02 -5.47
CA GLU A 321 -2.40 9.16 -4.72
C GLU A 321 -3.39 8.46 -5.64
N MET A 322 -4.02 9.21 -6.55
CA MET A 322 -5.08 8.66 -7.36
C MET A 322 -4.53 7.67 -8.39
N ARG A 323 -3.34 7.93 -8.93
CA ARG A 323 -2.75 7.10 -9.96
C ARG A 323 -2.35 5.74 -9.36
N LYS A 324 -1.79 5.76 -8.15
CA LYS A 324 -1.46 4.55 -7.43
C LYS A 324 -2.67 3.65 -7.27
N ARG A 325 -3.87 4.22 -7.16
CA ARG A 325 -5.06 3.45 -6.87
C ARG A 325 -5.83 3.04 -8.13
N SER A 326 -5.36 3.50 -9.29
CA SER A 326 -6.01 3.27 -10.58
C SER A 326 -6.33 1.80 -10.81
N SER A 327 -5.39 0.91 -10.49
CA SER A 327 -5.55 -0.51 -10.79
C SER A 327 -6.03 -1.31 -9.58
N ILE A 328 -6.34 -0.65 -8.46
CA ILE A 328 -6.86 -1.31 -7.26
C ILE A 328 -8.16 -0.63 -6.81
N GLY A 329 -9.06 -0.38 -7.76
CA GLY A 329 -10.41 0.06 -7.46
C GLY A 329 -10.62 1.57 -7.60
N GLY A 330 -9.54 2.34 -7.83
CA GLY A 330 -9.62 3.78 -8.00
C GLY A 330 -10.14 4.17 -9.38
N PHE A 331 -9.69 5.34 -9.87
CA PHE A 331 -10.08 5.86 -11.18
C PHE A 331 -8.91 5.81 -12.17
N ASP A 332 -9.26 5.64 -13.45
CA ASP A 332 -8.26 5.65 -14.50
C ASP A 332 -8.20 7.03 -15.15
N PHE A 333 -7.05 7.35 -15.75
CA PHE A 333 -6.85 8.66 -16.35
C PHE A 333 -6.70 8.56 -17.86
N MET A 334 -7.00 9.68 -18.53
CA MET A 334 -6.90 9.76 -19.98
C MET A 334 -5.44 9.62 -20.39
N PRO A 335 -5.18 9.05 -21.58
CA PRO A 335 -3.81 8.88 -22.06
C PRO A 335 -3.03 10.19 -22.02
N SER A 336 -1.76 10.10 -21.60
CA SER A 336 -0.94 11.26 -21.30
C SER A 336 -0.47 11.95 -22.59
N PRO A 337 -0.12 13.26 -22.54
CA PRO A 337 0.48 13.94 -23.69
C PRO A 337 1.84 13.34 -24.07
N PRO A 338 2.28 13.47 -25.34
CA PRO A 338 3.61 13.03 -25.75
C PRO A 338 4.73 13.81 -25.05
N PRO A 339 5.97 13.26 -25.01
CA PRO A 339 7.13 13.96 -24.45
C PRO A 339 7.32 15.41 -24.93
N THR A 340 7.00 15.66 -26.20
CA THR A 340 7.14 16.97 -26.81
C THR A 340 6.40 18.05 -26.02
N TYR A 341 5.18 17.71 -25.56
CA TYR A 341 4.36 18.62 -24.78
C TYR A 341 5.17 19.17 -23.61
N TYR A 342 5.96 18.29 -22.97
CA TYR A 342 6.67 18.64 -21.75
C TYR A 342 7.95 19.39 -22.07
N GLN A 343 8.49 19.17 -23.28
CA GLN A 343 9.63 19.93 -23.75
C GLN A 343 9.22 21.37 -24.03
N ASN A 344 7.96 21.60 -24.37
CA ASN A 344 7.49 22.94 -24.71
C ASN A 344 7.02 23.72 -23.49
N LEU A 345 7.05 23.13 -22.28
CA LEU A 345 6.45 23.78 -21.13
C LEU A 345 7.31 24.95 -20.67
N LYS A 346 8.64 24.77 -20.58
CA LYS A 346 9.51 25.83 -20.11
C LYS A 346 9.33 27.09 -20.96
N LYS A 347 9.19 26.89 -22.27
CA LYS A 347 8.87 27.97 -23.19
C LYS A 347 7.63 28.73 -22.69
N ARG A 348 6.60 28.00 -22.26
CA ARG A 348 5.28 28.55 -22.00
C ARG A 348 5.13 28.99 -20.54
N VAL A 349 5.62 28.18 -19.59
CA VAL A 349 5.34 28.39 -18.17
C VAL A 349 6.62 28.27 -17.34
N GLY A 350 7.78 28.46 -17.96
CA GLY A 350 9.05 28.43 -17.25
C GLY A 350 9.22 29.58 -16.25
N ASP A 351 8.37 30.61 -16.35
CA ASP A 351 8.37 31.68 -15.36
C ASP A 351 7.62 31.27 -14.09
N VAL A 352 6.54 30.48 -14.23
CA VAL A 352 5.70 30.14 -13.09
C VAL A 352 6.11 28.78 -12.50
N LEU A 353 6.45 27.79 -13.34
CA LEU A 353 6.79 26.46 -12.86
C LEU A 353 8.30 26.24 -12.95
N SER A 354 8.88 25.60 -11.93
CA SER A 354 10.27 25.21 -11.94
C SER A 354 10.46 23.98 -12.83
N ASP A 355 11.72 23.62 -13.09
CA ASP A 355 12.03 22.49 -13.97
C ASP A 355 11.50 21.20 -13.35
N ASP A 356 11.67 21.05 -12.03
CA ASP A 356 11.29 19.82 -11.33
C ASP A 356 9.78 19.64 -11.31
N GLN A 357 9.02 20.75 -11.42
CA GLN A 357 7.57 20.68 -11.46
C GLN A 357 7.10 20.26 -12.85
N ILE A 358 7.87 20.63 -13.87
CA ILE A 358 7.56 20.25 -15.24
C ILE A 358 7.81 18.76 -15.44
N LYS A 359 8.82 18.22 -14.74
CA LYS A 359 9.11 16.78 -14.79
C LYS A 359 8.00 16.00 -14.09
N GLU A 360 7.48 16.56 -13.00
CA GLU A 360 6.41 15.92 -12.26
C GLU A 360 5.13 15.91 -13.10
N CYS A 361 4.89 17.03 -13.81
CA CYS A 361 3.77 17.15 -14.73
C CYS A 361 3.83 16.03 -15.77
N GLU A 362 5.05 15.72 -16.24
CA GLU A 362 5.24 14.73 -17.28
C GLU A 362 5.01 13.33 -16.71
N GLU A 363 5.56 13.12 -15.52
CA GLU A 363 5.46 11.84 -14.82
C GLU A 363 3.99 11.49 -14.54
N LEU A 364 3.13 12.51 -14.33
CA LEU A 364 1.75 12.28 -13.90
C LEU A 364 0.75 12.61 -15.01
N GLY A 365 1.24 13.06 -16.18
CA GLY A 365 0.41 13.28 -17.36
C GLY A 365 -0.43 14.55 -17.25
N ILE A 366 0.10 15.55 -16.53
CA ILE A 366 -0.64 16.77 -16.22
C ILE A 366 -0.52 17.77 -17.39
N LEU A 367 -1.66 18.37 -17.75
CA LEU A 367 -1.75 19.44 -18.72
C LEU A 367 -1.58 20.77 -18.00
N VAL A 368 -0.99 21.74 -18.69
CA VAL A 368 -0.78 23.07 -18.15
C VAL A 368 -1.25 24.08 -19.18
N ASP A 369 -2.04 25.06 -18.74
CA ASP A 369 -2.47 26.15 -19.60
C ASP A 369 -2.33 27.45 -18.83
N ARG A 370 -2.35 28.55 -19.58
CA ARG A 370 -2.13 29.87 -19.02
C ARG A 370 -3.05 30.83 -19.76
N ASP A 371 -3.58 31.81 -19.02
CA ASP A 371 -4.37 32.86 -19.64
C ASP A 371 -3.80 34.22 -19.22
N ASP A 372 -4.60 35.27 -19.44
CA ASP A 372 -4.31 36.63 -19.06
C ASP A 372 -3.71 36.70 -17.65
N GLN A 373 -4.39 36.07 -16.69
CA GLN A 373 -4.24 36.38 -15.27
C GLN A 373 -3.38 35.35 -14.53
N GLY A 374 -3.43 34.07 -14.94
CA GLY A 374 -2.73 33.04 -14.18
C GLY A 374 -2.55 31.73 -14.95
N THR A 375 -2.28 30.67 -14.20
CA THR A 375 -1.87 29.39 -14.75
C THR A 375 -2.70 28.27 -14.10
N LEU A 376 -3.01 27.26 -14.92
CA LEU A 376 -3.91 26.18 -14.55
C LEU A 376 -3.21 24.84 -14.81
N LEU A 377 -3.11 24.00 -13.78
CA LEU A 377 -2.76 22.60 -13.92
C LEU A 377 -4.04 21.77 -13.92
N GLN A 378 -4.11 20.75 -14.76
CA GLN A 378 -5.35 19.99 -14.89
C GLN A 378 -5.05 18.60 -15.41
N ILE A 379 -5.97 17.68 -15.10
CA ILE A 379 -5.99 16.35 -15.69
C ILE A 379 -7.42 15.82 -15.62
N PHE A 380 -7.74 14.90 -16.54
CA PHE A 380 -9.08 14.35 -16.64
C PHE A 380 -9.05 12.84 -16.43
N THR A 381 -10.03 12.32 -15.69
CA THR A 381 -10.19 10.88 -15.54
C THR A 381 -10.90 10.31 -16.76
N LYS A 382 -10.83 8.99 -16.92
CA LYS A 382 -11.76 8.27 -17.77
C LYS A 382 -13.13 8.29 -17.10
N PRO A 383 -14.21 7.92 -17.82
CA PRO A 383 -15.54 7.86 -17.20
C PRO A 383 -15.59 7.17 -15.82
N LEU A 384 -16.56 7.61 -15.00
CA LEU A 384 -16.67 7.19 -13.60
C LEU A 384 -17.44 5.87 -13.50
N GLY A 385 -18.42 5.70 -14.39
CA GLY A 385 -19.20 4.47 -14.43
C GLY A 385 -19.11 3.81 -15.81
N ASP A 386 -20.16 3.09 -16.17
CA ASP A 386 -20.10 2.21 -17.31
C ASP A 386 -20.08 3.03 -18.60
N ARG A 387 -20.91 4.07 -18.65
CA ARG A 387 -21.14 4.81 -19.88
C ARG A 387 -20.05 5.85 -20.06
N PRO A 388 -19.68 6.19 -21.32
CA PRO A 388 -18.78 7.32 -21.59
C PRO A 388 -19.49 8.68 -21.47
N THR A 389 -19.90 9.00 -20.24
CA THR A 389 -20.65 10.20 -19.95
C THR A 389 -19.84 11.08 -19.00
N ILE A 390 -20.03 10.86 -17.69
CA ILE A 390 -19.51 11.76 -16.68
C ILE A 390 -18.06 11.39 -16.36
N PHE A 391 -17.23 12.41 -16.13
CA PHE A 391 -15.85 12.20 -15.74
C PHE A 391 -15.46 13.32 -14.78
N ILE A 392 -14.24 13.26 -14.24
CA ILE A 392 -13.77 14.21 -13.24
C ILE A 392 -12.49 14.86 -13.75
N GLU A 393 -12.36 16.15 -13.45
CA GLU A 393 -11.15 16.91 -13.71
C GLU A 393 -10.56 17.32 -12.36
N ILE A 394 -9.27 17.07 -12.17
CA ILE A 394 -8.50 17.62 -11.06
C ILE A 394 -7.72 18.83 -11.56
N ILE A 395 -7.85 19.96 -10.84
CA ILE A 395 -7.18 21.19 -11.24
C ILE A 395 -6.43 21.80 -10.07
N GLN A 396 -5.45 22.63 -10.42
CA GLN A 396 -4.88 23.58 -9.48
C GLN A 396 -4.65 24.92 -10.18
N ARG A 397 -5.06 26.00 -9.49
CA ARG A 397 -4.97 27.35 -10.02
C ARG A 397 -3.78 28.08 -9.39
N VAL A 398 -3.01 28.79 -10.23
CA VAL A 398 -1.84 29.54 -9.78
C VAL A 398 -1.94 30.99 -10.27
N GLY A 399 -1.85 31.94 -9.31
CA GLY A 399 -1.95 33.37 -9.59
C GLY A 399 -3.22 33.98 -8.97
N CYS A 400 -3.48 35.26 -9.29
CA CYS A 400 -4.71 35.97 -8.95
C CYS A 400 -4.94 36.06 -7.44
N MET A 401 -3.86 36.16 -6.65
CA MET A 401 -3.99 36.37 -5.22
C MET A 401 -4.23 37.85 -4.96
N MET A 402 -5.37 38.19 -4.33
CA MET A 402 -5.71 39.57 -4.07
C MET A 402 -6.24 39.71 -2.64
N LYS A 403 -6.28 40.96 -2.14
CA LYS A 403 -6.69 41.25 -0.77
C LYS A 403 -8.18 41.58 -0.73
N ASP A 404 -8.87 41.05 0.31
CA ASP A 404 -10.27 41.32 0.57
C ASP A 404 -10.37 42.45 1.59
N GLU A 405 -11.57 42.63 2.17
CA GLU A 405 -11.84 43.69 3.13
C GLU A 405 -11.31 43.33 4.51
N GLU A 406 -11.12 42.03 4.77
CA GLU A 406 -10.64 41.53 6.05
C GLU A 406 -9.15 41.79 6.20
N GLY A 407 -8.44 41.97 5.08
CA GLY A 407 -7.01 42.23 5.08
C GLY A 407 -6.19 40.99 4.69
N LYS A 408 -6.85 39.82 4.64
CA LYS A 408 -6.22 38.60 4.18
C LYS A 408 -6.37 38.50 2.66
N ALA A 409 -5.77 37.46 2.07
CA ALA A 409 -5.78 37.27 0.63
C ALA A 409 -6.87 36.25 0.25
N TYR A 410 -7.29 36.33 -1.02
CA TYR A 410 -8.11 35.31 -1.65
C TYR A 410 -7.57 35.12 -3.06
N GLN A 411 -8.05 34.09 -3.75
CA GLN A 411 -7.73 33.87 -5.15
C GLN A 411 -8.98 34.09 -5.99
N SER A 412 -8.85 34.86 -7.08
CA SER A 412 -9.98 35.13 -7.95
C SER A 412 -10.46 33.82 -8.58
N GLY A 413 -11.78 33.71 -8.78
CA GLY A 413 -12.36 32.55 -9.42
C GLY A 413 -12.01 32.51 -10.91
N GLY A 414 -11.80 31.31 -11.45
CA GLY A 414 -11.49 31.14 -12.85
C GLY A 414 -10.03 31.51 -13.18
N CYS A 415 -9.17 31.59 -12.15
CA CYS A 415 -7.79 31.96 -12.34
C CYS A 415 -7.07 30.95 -13.23
N GLY A 416 -6.69 31.38 -14.43
CA GLY A 416 -5.99 30.51 -15.37
C GLY A 416 -6.93 30.03 -16.47
N GLY A 417 -8.23 30.25 -16.31
CA GLY A 417 -9.21 29.82 -17.30
C GLY A 417 -9.61 28.37 -17.08
N PHE A 418 -9.91 27.67 -18.18
CA PHE A 418 -10.45 26.32 -18.13
C PHE A 418 -9.69 25.37 -19.05
N GLY A 419 -8.53 25.79 -19.57
CA GLY A 419 -7.67 24.92 -20.35
C GLY A 419 -8.10 24.79 -21.82
N LYS A 420 -8.65 25.86 -22.41
CA LYS A 420 -8.99 25.85 -23.83
C LYS A 420 -7.73 25.83 -24.70
N GLY A 421 -6.62 26.38 -24.18
CA GLY A 421 -5.36 26.38 -24.90
C GLY A 421 -4.85 24.96 -25.19
N ASN A 422 -5.24 23.99 -24.35
CA ASN A 422 -4.58 22.69 -24.31
C ASN A 422 -4.97 21.81 -25.50
N PHE A 423 -6.18 21.96 -26.03
CA PHE A 423 -6.61 21.21 -27.20
C PHE A 423 -5.57 21.40 -28.31
N SER A 424 -5.28 22.67 -28.63
CA SER A 424 -4.34 23.01 -29.68
C SER A 424 -2.92 22.62 -29.25
N GLU A 425 -2.51 23.02 -28.03
CA GLU A 425 -1.18 22.71 -27.53
C GLU A 425 -0.92 21.19 -27.54
N LEU A 426 -1.99 20.39 -27.51
CA LEU A 426 -1.87 18.94 -27.52
C LEU A 426 -1.75 18.41 -28.95
N PHE A 427 -2.54 18.96 -29.88
CA PHE A 427 -2.44 18.59 -31.28
C PHE A 427 -1.06 19.00 -31.81
N LYS A 428 -0.58 20.17 -31.37
CA LYS A 428 0.75 20.65 -31.73
C LYS A 428 1.81 19.66 -31.27
N SER A 429 1.72 19.19 -30.02
CA SER A 429 2.79 18.39 -29.44
C SER A 429 2.85 17.01 -30.09
N ILE A 430 1.69 16.49 -30.53
CA ILE A 430 1.58 15.17 -31.14
C ILE A 430 2.22 15.19 -32.54
N GLU A 431 1.92 16.24 -33.31
CA GLU A 431 2.49 16.41 -34.64
C GLU A 431 3.99 16.65 -34.61
N GLU A 432 4.47 17.38 -33.59
CA GLU A 432 5.90 17.57 -33.42
C GLU A 432 6.55 16.25 -33.07
N TYR A 433 5.92 15.48 -32.16
CA TYR A 433 6.42 14.19 -31.71
C TYR A 433 6.61 13.28 -32.91
N GLU A 434 5.60 13.28 -33.80
CA GLU A 434 5.64 12.53 -35.04
C GLU A 434 6.82 12.99 -35.90
N LYS A 435 6.97 14.31 -36.10
CA LYS A 435 8.02 14.85 -36.96
C LYS A 435 9.42 14.62 -36.37
N THR A 436 9.51 14.34 -35.06
CA THR A 436 10.79 14.02 -34.43
C THR A 436 11.06 12.52 -34.54
N LEU A 437 10.02 11.73 -34.85
CA LEU A 437 10.16 10.29 -35.07
C LEU A 437 10.50 10.01 -36.55
N VAL B 26 -16.36 -47.76 24.39
CA VAL B 26 -17.27 -47.99 25.56
C VAL B 26 -18.32 -46.89 25.57
N GLY B 27 -19.00 -46.70 24.43
CA GLY B 27 -20.00 -45.66 24.27
C GLY B 27 -19.46 -44.46 23.50
N PHE B 28 -19.90 -44.28 22.25
CA PHE B 28 -19.62 -43.08 21.48
C PHE B 28 -20.85 -42.77 20.63
N SER B 29 -20.69 -41.85 19.68
CA SER B 29 -21.75 -41.50 18.74
C SER B 29 -21.26 -41.63 17.31
N LYS B 30 -22.21 -41.92 16.41
CA LYS B 30 -21.93 -42.11 14.99
C LYS B 30 -22.97 -41.31 14.20
N PHE B 31 -22.49 -40.64 13.16
CA PHE B 31 -23.36 -39.95 12.22
C PHE B 31 -23.20 -40.63 10.87
N VAL B 32 -24.31 -41.08 10.30
CA VAL B 32 -24.26 -41.86 9.07
C VAL B 32 -24.88 -41.04 7.95
N ARG B 33 -24.12 -40.88 6.86
CA ARG B 33 -24.52 -40.07 5.73
C ARG B 33 -24.96 -40.99 4.60
N LYS B 34 -26.11 -40.66 4.01
CA LYS B 34 -26.56 -41.25 2.75
C LYS B 34 -26.17 -40.36 1.57
N ASN B 35 -25.94 -41.00 0.43
CA ASN B 35 -25.68 -40.32 -0.83
C ASN B 35 -26.17 -41.24 -1.95
N PRO B 36 -27.39 -41.04 -2.47
CA PRO B 36 -27.87 -41.82 -3.61
C PRO B 36 -27.26 -41.48 -4.98
N LYS B 37 -26.32 -40.51 -5.01
CA LYS B 37 -25.70 -40.14 -6.27
C LYS B 37 -26.73 -40.17 -7.40
N SER B 38 -27.84 -39.44 -7.20
CA SER B 38 -28.98 -39.48 -8.08
C SER B 38 -29.04 -38.30 -9.06
N ASP B 39 -27.90 -37.64 -9.33
CA ASP B 39 -27.86 -36.56 -10.30
C ASP B 39 -28.36 -37.04 -11.67
N LYS B 40 -29.19 -36.20 -12.31
CA LYS B 40 -29.82 -36.52 -13.58
C LYS B 40 -28.95 -36.16 -14.79
N PHE B 41 -27.82 -35.48 -14.55
CA PHE B 41 -26.84 -35.15 -15.57
C PHE B 41 -25.50 -34.90 -14.87
N LYS B 42 -24.41 -34.92 -15.63
CA LYS B 42 -23.09 -34.82 -15.03
C LYS B 42 -22.77 -33.37 -14.69
N VAL B 43 -22.63 -33.10 -13.40
CA VAL B 43 -22.26 -31.78 -12.89
C VAL B 43 -20.80 -31.82 -12.48
N LYS B 44 -20.05 -30.78 -12.84
CA LYS B 44 -18.62 -30.73 -12.56
C LYS B 44 -18.35 -29.83 -11.36
N ARG B 45 -18.56 -28.52 -11.51
CA ARG B 45 -18.20 -27.57 -10.46
C ARG B 45 -19.03 -26.30 -10.59
N PHE B 46 -18.99 -25.48 -9.54
CA PHE B 46 -19.41 -24.09 -9.65
C PHE B 46 -18.52 -23.39 -10.67
N HIS B 47 -19.13 -22.71 -11.65
CA HIS B 47 -18.35 -22.10 -12.72
C HIS B 47 -18.16 -20.60 -12.44
N HIS B 48 -19.28 -19.89 -12.27
CA HIS B 48 -19.24 -18.46 -11.96
C HIS B 48 -20.53 -18.02 -11.29
N ILE B 49 -20.46 -16.83 -10.68
CA ILE B 49 -21.61 -16.11 -10.15
C ILE B 49 -21.71 -14.78 -10.89
N GLU B 50 -22.91 -14.46 -11.40
CA GLU B 50 -23.20 -13.21 -12.07
C GLU B 50 -24.10 -12.34 -11.17
N PHE B 51 -23.58 -11.14 -10.85
CA PHE B 51 -24.37 -10.10 -10.22
C PHE B 51 -24.92 -9.17 -11.29
N TRP B 52 -26.21 -8.85 -11.15
CA TRP B 52 -26.83 -7.81 -11.93
C TRP B 52 -26.83 -6.51 -11.11
N CYS B 53 -26.27 -5.45 -11.71
CA CYS B 53 -26.10 -4.17 -11.05
C CYS B 53 -26.77 -3.07 -11.86
N GLY B 54 -26.76 -1.87 -11.27
CA GLY B 54 -27.00 -0.65 -12.01
C GLY B 54 -25.73 -0.15 -12.69
N ASP B 55 -24.59 -0.25 -11.98
CA ASP B 55 -23.30 0.14 -12.51
C ASP B 55 -22.26 -0.93 -12.19
N ALA B 56 -21.84 -1.65 -13.24
CA ALA B 56 -20.93 -2.79 -13.14
C ALA B 56 -19.53 -2.35 -12.75
N THR B 57 -19.10 -1.18 -13.25
CA THR B 57 -17.75 -0.68 -13.02
C THR B 57 -17.52 -0.44 -11.53
N ASN B 58 -18.37 0.38 -10.89
CA ASN B 58 -18.19 0.75 -9.49
C ASN B 58 -18.32 -0.48 -8.58
N VAL B 59 -19.27 -1.37 -8.86
CA VAL B 59 -19.40 -2.57 -8.04
C VAL B 59 -18.16 -3.46 -8.24
N ALA B 60 -17.73 -3.64 -9.50
CA ALA B 60 -16.59 -4.48 -9.79
C ALA B 60 -15.31 -3.92 -9.14
N ARG B 61 -15.15 -2.59 -9.17
CA ARG B 61 -13.96 -1.94 -8.61
C ARG B 61 -13.94 -2.13 -7.09
N ARG B 62 -15.11 -1.99 -6.46
CA ARG B 62 -15.25 -2.12 -5.02
C ARG B 62 -14.92 -3.55 -4.60
N PHE B 63 -15.54 -4.52 -5.29
CA PHE B 63 -15.37 -5.93 -4.97
C PHE B 63 -13.91 -6.34 -5.18
N SER B 64 -13.31 -5.85 -6.27
CA SER B 64 -11.94 -6.21 -6.59
C SER B 64 -11.00 -5.87 -5.44
N TRP B 65 -11.17 -4.64 -4.91
CA TRP B 65 -10.35 -4.08 -3.84
C TRP B 65 -10.67 -4.74 -2.49
N GLY B 66 -11.97 -4.90 -2.21
CA GLY B 66 -12.46 -5.48 -0.97
C GLY B 66 -12.12 -6.96 -0.78
N LEU B 67 -12.17 -7.76 -1.87
CA LEU B 67 -12.02 -9.21 -1.81
C LEU B 67 -10.67 -9.67 -2.34
N GLY B 68 -9.97 -8.78 -3.06
CA GLY B 68 -8.67 -9.09 -3.63
C GLY B 68 -8.81 -10.01 -4.84
N MET B 69 -9.62 -9.59 -5.81
CA MET B 69 -9.89 -10.34 -7.02
C MET B 69 -9.33 -9.59 -8.22
N ARG B 70 -8.60 -10.26 -9.11
CA ARG B 70 -7.98 -9.61 -10.25
C ARG B 70 -9.01 -9.40 -11.35
N PHE B 71 -8.87 -8.28 -12.09
CA PHE B 71 -9.65 -8.02 -13.29
C PHE B 71 -9.11 -8.92 -14.40
N SER B 72 -9.94 -9.85 -14.88
CA SER B 72 -9.49 -10.94 -15.74
C SER B 72 -9.98 -10.77 -17.18
N ALA B 73 -11.21 -10.28 -17.35
CA ALA B 73 -11.81 -10.23 -18.67
C ALA B 73 -12.96 -9.24 -18.67
N LYS B 74 -13.35 -8.79 -19.88
CA LYS B 74 -14.40 -7.80 -20.03
C LYS B 74 -15.13 -7.99 -21.35
N SER B 75 -16.38 -7.57 -21.38
CA SER B 75 -17.14 -7.41 -22.60
C SER B 75 -18.00 -6.16 -22.47
N ASP B 76 -17.63 -5.12 -23.22
CA ASP B 76 -18.20 -3.79 -23.10
C ASP B 76 -17.96 -3.04 -24.41
N LEU B 77 -18.19 -1.73 -24.39
CA LEU B 77 -18.02 -0.86 -25.56
C LEU B 77 -16.62 -0.99 -26.15
N SER B 78 -15.59 -1.05 -25.30
CA SER B 78 -14.21 -1.11 -25.75
C SER B 78 -13.89 -2.46 -26.40
N THR B 79 -14.84 -3.42 -26.41
CA THR B 79 -14.64 -4.69 -27.07
C THR B 79 -15.65 -4.87 -28.21
N GLY B 80 -16.60 -3.93 -28.36
CA GLY B 80 -17.59 -4.02 -29.41
C GLY B 80 -19.00 -4.27 -28.89
N ASN B 81 -19.11 -4.51 -27.57
CA ASN B 81 -20.39 -4.82 -26.96
C ASN B 81 -21.19 -3.53 -26.73
N MET B 82 -22.37 -3.46 -27.36
CA MET B 82 -23.20 -2.28 -27.37
C MET B 82 -24.43 -2.49 -26.50
N VAL B 83 -24.54 -3.70 -25.92
CA VAL B 83 -25.77 -4.09 -25.25
C VAL B 83 -25.60 -4.01 -23.73
N HIS B 84 -24.48 -4.52 -23.22
CA HIS B 84 -24.28 -4.66 -21.79
C HIS B 84 -22.80 -4.54 -21.48
N ALA B 85 -22.46 -3.97 -20.32
CA ALA B 85 -21.10 -3.98 -19.81
C ALA B 85 -20.95 -5.12 -18.80
N SER B 86 -19.99 -6.02 -19.04
CA SER B 86 -19.75 -7.12 -18.14
C SER B 86 -18.26 -7.21 -17.80
N TYR B 87 -17.94 -7.33 -16.51
CA TYR B 87 -16.56 -7.36 -16.05
C TYR B 87 -16.38 -8.60 -15.17
N LEU B 88 -15.35 -9.40 -15.49
CA LEU B 88 -15.07 -10.60 -14.74
C LEU B 88 -13.92 -10.35 -13.76
N LEU B 89 -14.18 -10.63 -12.47
CA LEU B 89 -13.13 -10.73 -11.47
C LEU B 89 -12.94 -12.20 -11.14
N THR B 90 -11.68 -12.60 -10.86
CA THR B 90 -11.35 -13.97 -10.52
C THR B 90 -10.32 -14.01 -9.38
N SER B 91 -10.43 -15.04 -8.52
CA SER B 91 -9.45 -15.32 -7.48
C SER B 91 -9.39 -16.84 -7.30
N GLY B 92 -8.30 -17.46 -7.76
CA GLY B 92 -8.23 -18.89 -7.95
C GLY B 92 -9.28 -19.35 -8.98
N ASP B 93 -10.21 -20.21 -8.54
CA ASP B 93 -11.25 -20.73 -9.40
C ASP B 93 -12.53 -19.90 -9.27
N LEU B 94 -12.50 -18.91 -8.38
CA LEU B 94 -13.68 -18.10 -8.13
C LEU B 94 -13.83 -17.10 -9.27
N ARG B 95 -15.04 -16.99 -9.82
CA ARG B 95 -15.32 -16.09 -10.91
C ARG B 95 -16.60 -15.30 -10.60
N PHE B 96 -16.40 -14.00 -10.40
CA PHE B 96 -17.48 -13.06 -10.20
C PHE B 96 -17.64 -12.24 -11.47
N LEU B 97 -18.88 -12.16 -11.97
CA LEU B 97 -19.20 -11.41 -13.17
C LEU B 97 -20.19 -10.32 -12.78
N PHE B 98 -19.86 -9.07 -13.14
CA PHE B 98 -20.71 -7.92 -12.87
C PHE B 98 -21.23 -7.38 -14.20
N THR B 99 -22.55 -7.29 -14.34
CA THR B 99 -23.17 -6.91 -15.59
C THR B 99 -24.22 -5.81 -15.37
N ALA B 100 -24.26 -4.86 -16.30
CA ALA B 100 -25.25 -3.80 -16.28
C ALA B 100 -25.64 -3.44 -17.71
N PRO B 101 -26.86 -2.88 -17.93
CA PRO B 101 -27.34 -2.57 -19.27
C PRO B 101 -26.87 -1.19 -19.75
N TYR B 102 -26.57 -1.08 -21.06
CA TYR B 102 -26.38 0.22 -21.70
C TYR B 102 -27.75 0.70 -22.17
N SER B 103 -27.80 1.94 -22.68
CA SER B 103 -29.02 2.44 -23.29
C SER B 103 -29.39 1.54 -24.47
N PRO B 104 -30.66 1.08 -24.55
CA PRO B 104 -31.16 0.43 -25.76
C PRO B 104 -30.85 1.13 -27.07
N SER B 105 -30.81 2.47 -27.03
CA SER B 105 -30.64 3.26 -28.24
C SER B 105 -29.29 2.98 -28.92
N LEU B 106 -28.29 2.51 -28.17
CA LEU B 106 -26.98 2.25 -28.75
C LEU B 106 -27.09 1.12 -29.77
N SER B 107 -27.96 0.14 -29.47
CA SER B 107 -28.05 -1.09 -30.24
C SER B 107 -29.46 -1.25 -30.80
N ALA B 108 -30.09 -0.13 -31.19
CA ALA B 108 -31.42 -0.16 -31.76
C ALA B 108 -31.37 -0.74 -33.17
N GLY B 109 -30.18 -0.69 -33.80
CA GLY B 109 -29.96 -1.22 -35.14
C GLY B 109 -29.29 -2.59 -35.11
N THR B 115 -26.84 -9.28 -32.23
CA THR B 115 -26.37 -8.17 -31.36
C THR B 115 -24.89 -8.37 -31.04
N THR B 116 -24.30 -7.33 -30.44
CA THR B 116 -22.90 -7.33 -30.04
C THR B 116 -22.73 -7.95 -28.65
N ALA B 117 -23.85 -8.39 -28.05
CA ALA B 117 -23.88 -8.96 -26.71
C ALA B 117 -23.08 -10.25 -26.64
N SER B 118 -22.30 -10.44 -25.58
CA SER B 118 -21.54 -11.66 -25.40
C SER B 118 -22.36 -12.70 -24.65
N ILE B 119 -23.27 -12.25 -23.77
CA ILE B 119 -24.12 -13.16 -23.02
C ILE B 119 -25.50 -13.20 -23.68
N PRO B 120 -25.86 -14.29 -24.38
CA PRO B 120 -27.11 -14.35 -25.13
C PRO B 120 -28.40 -14.21 -24.31
N SER B 121 -28.38 -14.63 -23.05
CA SER B 121 -29.57 -14.58 -22.21
C SER B 121 -29.90 -13.14 -21.79
N PHE B 122 -28.95 -12.21 -21.96
CA PHE B 122 -29.08 -10.89 -21.37
C PHE B 122 -30.26 -10.16 -22.00
N ASP B 123 -31.00 -9.41 -21.18
CA ASP B 123 -32.14 -8.64 -21.64
C ASP B 123 -32.19 -7.32 -20.89
N HIS B 124 -32.31 -6.21 -21.63
CA HIS B 124 -32.35 -4.87 -21.06
C HIS B 124 -33.44 -4.80 -20.00
N GLY B 125 -34.66 -5.20 -20.38
CA GLY B 125 -35.84 -5.07 -19.54
C GLY B 125 -35.73 -5.93 -18.28
N SER B 126 -35.30 -7.18 -18.46
CA SER B 126 -35.12 -8.09 -17.34
C SER B 126 -34.15 -7.52 -16.31
N CYS B 127 -33.04 -6.99 -16.81
CA CYS B 127 -31.95 -6.55 -15.94
C CYS B 127 -32.38 -5.31 -15.16
N ARG B 128 -32.93 -4.31 -15.86
CA ARG B 128 -33.42 -3.10 -15.19
C ARG B 128 -34.43 -3.48 -14.11
N SER B 129 -35.35 -4.37 -14.48
CA SER B 129 -36.45 -4.80 -13.63
C SER B 129 -35.96 -5.55 -12.40
N PHE B 130 -34.99 -6.43 -12.58
CA PHE B 130 -34.37 -7.13 -11.47
C PHE B 130 -33.81 -6.10 -10.50
N PHE B 131 -33.00 -5.17 -11.03
CA PHE B 131 -32.22 -4.27 -10.19
C PHE B 131 -33.14 -3.27 -9.47
N SER B 132 -34.24 -2.90 -10.12
CA SER B 132 -35.23 -2.00 -9.54
C SER B 132 -35.95 -2.69 -8.39
N SER B 133 -36.14 -3.99 -8.53
CA SER B 133 -36.94 -4.78 -7.61
C SER B 133 -36.10 -5.20 -6.41
N HIS B 134 -34.88 -5.71 -6.67
CA HIS B 134 -34.12 -6.44 -5.66
C HIS B 134 -32.89 -5.67 -5.16
N GLY B 135 -32.50 -4.63 -5.89
CA GLY B 135 -31.21 -4.00 -5.64
C GLY B 135 -30.08 -4.92 -6.08
N LEU B 136 -28.84 -4.52 -5.75
CA LEU B 136 -27.67 -5.31 -6.10
C LEU B 136 -27.91 -6.75 -5.66
N GLY B 137 -27.73 -7.71 -6.59
CA GLY B 137 -27.88 -9.11 -6.24
C GLY B 137 -27.38 -10.09 -7.31
N VAL B 138 -27.34 -11.35 -6.90
CA VAL B 138 -26.95 -12.46 -7.76
C VAL B 138 -28.15 -12.81 -8.63
N ARG B 139 -27.93 -12.75 -9.96
CA ARG B 139 -28.91 -13.12 -10.95
C ARG B 139 -28.77 -14.59 -11.30
N ALA B 140 -27.51 -15.07 -11.37
CA ALA B 140 -27.21 -16.37 -11.93
C ALA B 140 -26.19 -17.08 -11.07
N VAL B 141 -26.54 -18.32 -10.70
CA VAL B 141 -25.60 -19.28 -10.16
C VAL B 141 -25.23 -20.21 -11.32
N ALA B 142 -23.95 -20.23 -11.69
CA ALA B 142 -23.52 -20.93 -12.89
C ALA B 142 -22.69 -22.15 -12.49
N ILE B 143 -23.00 -23.28 -13.14
CA ILE B 143 -22.30 -24.53 -12.91
C ILE B 143 -21.86 -25.11 -14.25
N GLU B 144 -20.60 -25.58 -14.27
CA GLU B 144 -20.08 -26.31 -15.41
C GLU B 144 -20.70 -27.72 -15.43
N VAL B 145 -21.33 -28.04 -16.55
CA VAL B 145 -21.84 -29.39 -16.78
C VAL B 145 -21.17 -29.95 -18.04
N GLU B 146 -21.29 -31.28 -18.20
CA GLU B 146 -20.67 -31.96 -19.33
C GLU B 146 -21.33 -31.51 -20.63
N ASP B 147 -22.67 -31.36 -20.61
CA ASP B 147 -23.40 -30.89 -21.79
C ASP B 147 -24.62 -30.06 -21.35
N ALA B 148 -24.61 -28.78 -21.75
CA ALA B 148 -25.60 -27.83 -21.29
C ALA B 148 -26.94 -28.07 -21.98
N GLU B 149 -26.91 -28.59 -23.21
CA GLU B 149 -28.13 -28.82 -23.97
C GLU B 149 -28.97 -29.90 -23.30
N SER B 150 -28.33 -31.03 -22.98
CA SER B 150 -29.00 -32.14 -22.32
C SER B 150 -29.44 -31.76 -20.89
N ALA B 151 -28.58 -31.00 -20.20
CA ALA B 151 -28.89 -30.57 -18.84
C ALA B 151 -30.19 -29.77 -18.84
N PHE B 152 -30.34 -28.88 -19.82
CA PHE B 152 -31.54 -28.08 -19.95
C PHE B 152 -32.74 -28.99 -20.23
N SER B 153 -32.56 -29.95 -21.15
CA SER B 153 -33.63 -30.83 -21.58
C SER B 153 -34.11 -31.71 -20.42
N ILE B 154 -33.18 -32.33 -19.71
CA ILE B 154 -33.50 -33.26 -18.66
C ILE B 154 -34.12 -32.49 -17.49
N SER B 155 -33.70 -31.23 -17.31
CA SER B 155 -34.21 -30.37 -16.25
C SER B 155 -35.66 -30.01 -16.53
N VAL B 156 -35.92 -29.44 -17.70
CA VAL B 156 -37.26 -29.00 -18.03
C VAL B 156 -38.24 -30.18 -17.98
N ALA B 157 -37.79 -31.34 -18.48
CA ALA B 157 -38.60 -32.56 -18.50
C ALA B 157 -38.94 -32.98 -17.07
N ASN B 158 -38.01 -32.73 -16.14
CA ASN B 158 -38.22 -33.07 -14.75
C ASN B 158 -38.71 -31.87 -13.94
N GLY B 159 -39.37 -30.91 -14.60
CA GLY B 159 -40.19 -29.93 -13.88
C GLY B 159 -39.63 -28.50 -13.87
N ALA B 160 -38.38 -28.30 -14.33
CA ALA B 160 -37.76 -26.99 -14.30
C ALA B 160 -38.50 -26.00 -15.20
N ILE B 161 -38.60 -24.75 -14.75
CA ILE B 161 -39.14 -23.67 -15.56
C ILE B 161 -38.00 -23.08 -16.39
N PRO B 162 -38.07 -23.12 -17.73
CA PRO B 162 -36.98 -22.63 -18.57
C PRO B 162 -36.86 -21.10 -18.53
N SER B 163 -35.63 -20.60 -18.59
CA SER B 163 -35.38 -19.16 -18.57
C SER B 163 -34.74 -18.72 -19.89
N SER B 164 -33.65 -19.38 -20.26
CA SER B 164 -33.03 -19.19 -21.56
C SER B 164 -32.75 -20.55 -22.17
N PRO B 165 -33.09 -20.79 -23.46
CA PRO B 165 -32.86 -22.09 -24.10
C PRO B 165 -31.38 -22.26 -24.39
N PRO B 166 -30.91 -23.49 -24.70
CA PRO B 166 -29.49 -23.73 -24.92
C PRO B 166 -29.05 -22.91 -26.13
N ILE B 167 -27.98 -22.12 -25.95
CA ILE B 167 -27.39 -21.37 -27.04
C ILE B 167 -25.91 -21.71 -27.11
N VAL B 168 -25.45 -22.08 -28.31
CA VAL B 168 -24.04 -22.41 -28.53
C VAL B 168 -23.34 -21.14 -29.01
N LEU B 169 -22.13 -20.90 -28.48
CA LEU B 169 -21.44 -19.64 -28.69
C LEU B 169 -20.10 -19.92 -29.36
N ASN B 170 -19.90 -19.30 -30.53
CA ASN B 170 -18.70 -19.46 -31.33
C ASN B 170 -18.31 -20.94 -31.42
N GLU B 171 -19.32 -21.82 -31.53
CA GLU B 171 -19.10 -23.25 -31.65
C GLU B 171 -18.19 -23.78 -30.54
N ALA B 172 -18.21 -23.13 -29.37
CA ALA B 172 -17.19 -23.36 -28.36
C ALA B 172 -17.81 -23.66 -26.98
N VAL B 173 -18.85 -22.92 -26.61
CA VAL B 173 -19.43 -23.00 -25.28
C VAL B 173 -20.94 -23.03 -25.47
N THR B 174 -21.62 -23.83 -24.65
CA THR B 174 -23.07 -23.82 -24.65
C THR B 174 -23.56 -23.32 -23.29
N ILE B 175 -24.60 -22.46 -23.32
CA ILE B 175 -25.16 -21.86 -22.13
C ILE B 175 -26.67 -22.01 -22.20
N ALA B 176 -27.24 -22.37 -21.04
CA ALA B 176 -28.68 -22.50 -20.86
C ALA B 176 -29.02 -22.14 -19.42
N GLU B 177 -30.28 -21.71 -19.20
CA GLU B 177 -30.68 -21.20 -17.90
C GLU B 177 -32.09 -21.67 -17.56
N VAL B 178 -32.23 -22.15 -16.31
CA VAL B 178 -33.54 -22.45 -15.74
C VAL B 178 -33.65 -21.68 -14.43
N LYS B 179 -34.90 -21.45 -14.00
CA LYS B 179 -35.20 -20.76 -12.75
C LYS B 179 -34.85 -21.64 -11.56
N LEU B 180 -34.15 -21.04 -10.59
CA LEU B 180 -33.76 -21.71 -9.36
C LEU B 180 -34.76 -21.33 -8.27
N TYR B 181 -34.81 -20.04 -7.90
CA TYR B 181 -35.76 -19.50 -6.93
C TYR B 181 -35.83 -18.01 -7.17
N GLY B 182 -37.03 -17.44 -6.99
CA GLY B 182 -37.27 -16.04 -7.29
C GLY B 182 -36.82 -15.72 -8.72
N ASP B 183 -36.07 -14.62 -8.89
CA ASP B 183 -35.56 -14.22 -10.18
C ASP B 183 -34.12 -14.66 -10.35
N VAL B 184 -33.67 -15.65 -9.56
CA VAL B 184 -32.35 -16.25 -9.70
C VAL B 184 -32.47 -17.44 -10.65
N VAL B 185 -31.49 -17.58 -11.55
CA VAL B 185 -31.46 -18.67 -12.50
C VAL B 185 -30.25 -19.52 -12.19
N LEU B 186 -30.41 -20.84 -12.39
CA LEU B 186 -29.31 -21.78 -12.45
C LEU B 186 -28.86 -21.80 -13.90
N ARG B 187 -27.57 -21.49 -14.13
CA ARG B 187 -27.03 -21.41 -15.47
C ARG B 187 -26.10 -22.59 -15.70
N TYR B 188 -26.31 -23.30 -16.82
CA TYR B 188 -25.48 -24.42 -17.21
C TYR B 188 -24.48 -23.97 -18.26
N VAL B 189 -23.22 -24.39 -18.07
CA VAL B 189 -22.13 -24.03 -18.95
C VAL B 189 -21.36 -25.30 -19.33
N SER B 190 -21.28 -25.61 -20.62
CA SER B 190 -20.51 -26.75 -21.10
C SER B 190 -19.58 -26.29 -22.21
N TYR B 191 -18.35 -26.82 -22.16
CA TYR B 191 -17.30 -26.55 -23.14
C TYR B 191 -17.27 -27.71 -24.14
N LYS B 192 -17.12 -27.37 -25.43
CA LYS B 192 -17.14 -28.35 -26.52
C LYS B 192 -16.21 -29.52 -26.21
N ALA B 193 -14.92 -29.22 -26.04
CA ALA B 193 -13.96 -30.23 -25.63
C ALA B 193 -12.73 -29.56 -25.05
N GLU B 194 -11.94 -30.34 -24.30
CA GLU B 194 -10.83 -29.82 -23.52
C GLU B 194 -11.33 -28.61 -22.70
N LYS B 198 -10.69 -21.83 -21.32
CA LYS B 198 -9.98 -20.59 -21.77
C LYS B 198 -9.91 -19.59 -20.62
N SER B 199 -8.90 -18.73 -20.65
CA SER B 199 -8.75 -17.63 -19.71
C SER B 199 -9.56 -16.41 -20.15
N GLU B 200 -10.21 -16.50 -21.33
CA GLU B 200 -11.13 -15.46 -21.77
C GLU B 200 -12.58 -15.83 -21.39
N PHE B 201 -12.75 -16.81 -20.49
CA PHE B 201 -14.03 -17.06 -19.83
C PHE B 201 -15.10 -17.51 -20.84
N LEU B 202 -15.60 -16.56 -21.65
CA LEU B 202 -16.62 -16.85 -22.65
C LEU B 202 -16.26 -16.16 -23.96
N PRO B 203 -16.79 -16.64 -25.10
CA PRO B 203 -16.57 -15.97 -26.39
C PRO B 203 -17.10 -14.54 -26.28
N GLY B 204 -16.35 -13.60 -26.88
CA GLY B 204 -16.72 -12.20 -26.90
C GLY B 204 -16.01 -11.38 -25.81
N PHE B 205 -15.38 -12.06 -24.86
CA PHE B 205 -14.71 -11.41 -23.75
C PHE B 205 -13.24 -11.26 -24.10
N GLU B 206 -12.69 -10.05 -23.90
CA GLU B 206 -11.26 -9.80 -24.01
C GLU B 206 -10.60 -10.07 -22.67
N ARG B 207 -9.49 -10.81 -22.71
CA ARG B 207 -8.63 -10.98 -21.55
C ARG B 207 -8.07 -9.62 -21.14
N VAL B 208 -7.98 -9.41 -19.83
CA VAL B 208 -7.36 -8.22 -19.28
C VAL B 208 -6.01 -8.64 -18.68
N GLU B 209 -4.94 -8.06 -19.20
CA GLU B 209 -3.59 -8.31 -18.72
C GLU B 209 -3.43 -7.48 -17.45
N ASP B 210 -2.40 -7.80 -16.64
CA ASP B 210 -2.14 -7.03 -15.44
C ASP B 210 -1.70 -5.62 -15.80
N ALA B 211 -2.53 -4.64 -15.42
CA ALA B 211 -2.16 -3.23 -15.49
C ALA B 211 -0.92 -3.00 -14.61
N SER B 212 -0.98 -3.53 -13.39
CA SER B 212 0.17 -3.61 -12.51
C SER B 212 0.53 -5.08 -12.26
N SER B 213 1.75 -5.48 -12.65
CA SER B 213 2.29 -6.76 -12.26
C SER B 213 2.17 -6.90 -10.74
N PHE B 214 1.88 -8.12 -10.27
CA PHE B 214 1.52 -8.37 -8.89
C PHE B 214 0.05 -7.99 -8.71
N PRO B 215 -0.88 -8.84 -9.20
CA PRO B 215 -2.31 -8.63 -9.03
C PRO B 215 -2.77 -8.75 -7.58
N LEU B 216 -4.06 -8.44 -7.39
CA LEU B 216 -4.65 -8.43 -6.07
C LEU B 216 -5.11 -9.86 -5.76
N ASP B 217 -4.64 -10.40 -4.63
CA ASP B 217 -4.94 -11.77 -4.21
C ASP B 217 -4.85 -11.86 -2.69
N TYR B 218 -5.99 -12.14 -2.03
CA TYR B 218 -6.02 -12.18 -0.58
C TYR B 218 -6.21 -13.62 -0.11
N GLY B 219 -6.29 -14.58 -1.04
CA GLY B 219 -6.26 -15.99 -0.69
C GLY B 219 -7.55 -16.76 -0.99
N ILE B 220 -8.59 -16.07 -1.45
CA ILE B 220 -9.82 -16.74 -1.83
C ILE B 220 -9.57 -17.58 -3.08
N ARG B 221 -10.03 -18.83 -3.05
CA ARG B 221 -9.68 -19.79 -4.09
C ARG B 221 -10.89 -20.36 -4.83
N ARG B 222 -12.08 -20.42 -4.23
CA ARG B 222 -13.24 -20.97 -4.92
C ARG B 222 -14.53 -20.73 -4.16
N LEU B 223 -15.65 -20.92 -4.86
CA LEU B 223 -16.96 -20.87 -4.24
C LEU B 223 -17.23 -22.19 -3.55
N ASP B 224 -17.69 -22.14 -2.29
CA ASP B 224 -17.93 -23.33 -1.49
C ASP B 224 -19.42 -23.69 -1.49
N HIS B 225 -20.26 -22.71 -1.21
CA HIS B 225 -21.70 -22.92 -1.35
C HIS B 225 -22.39 -21.59 -1.58
N ALA B 226 -23.65 -21.68 -2.02
CA ALA B 226 -24.47 -20.53 -2.35
C ALA B 226 -25.88 -20.80 -1.84
N VAL B 227 -26.38 -19.87 -1.00
CA VAL B 227 -27.56 -20.13 -0.17
C VAL B 227 -28.69 -19.22 -0.61
N GLY B 228 -29.88 -19.80 -0.75
CA GLY B 228 -31.08 -19.09 -1.14
C GLY B 228 -32.06 -18.99 0.02
N ASN B 229 -32.73 -17.83 0.13
CA ASN B 229 -33.85 -17.63 1.02
C ASN B 229 -35.13 -17.68 0.20
N VAL B 230 -36.09 -18.47 0.67
CA VAL B 230 -37.41 -18.58 0.08
C VAL B 230 -38.47 -18.46 1.19
N PRO B 231 -39.74 -18.17 0.86
CA PRO B 231 -40.82 -18.19 1.85
C PRO B 231 -41.19 -19.59 2.38
N GLU B 232 -41.04 -20.63 1.54
CA GLU B 232 -41.39 -21.99 1.94
C GLU B 232 -40.38 -23.01 1.41
N LEU B 233 -39.67 -23.66 2.33
CA LEU B 233 -38.59 -24.59 2.01
C LEU B 233 -39.12 -25.78 1.21
N GLY B 234 -40.25 -26.35 1.65
CA GLY B 234 -40.77 -27.58 1.10
C GLY B 234 -40.98 -27.51 -0.41
N PRO B 235 -41.88 -26.62 -0.90
CA PRO B 235 -42.06 -26.41 -2.33
C PRO B 235 -40.76 -26.13 -3.10
N ALA B 236 -39.81 -25.43 -2.47
CA ALA B 236 -38.57 -25.05 -3.14
C ALA B 236 -37.66 -26.26 -3.32
N LEU B 237 -37.49 -27.08 -2.28
CA LEU B 237 -36.67 -28.29 -2.37
C LEU B 237 -37.28 -29.26 -3.37
N THR B 238 -38.61 -29.38 -3.36
CA THR B 238 -39.29 -30.32 -4.23
C THR B 238 -38.91 -29.99 -5.66
N TYR B 239 -38.97 -28.69 -6.00
CA TYR B 239 -38.72 -28.21 -7.34
C TYR B 239 -37.27 -28.49 -7.76
N VAL B 240 -36.31 -28.10 -6.91
CA VAL B 240 -34.91 -28.09 -7.32
C VAL B 240 -34.42 -29.54 -7.43
N ALA B 241 -34.48 -30.27 -6.31
CA ALA B 241 -34.11 -31.68 -6.27
C ALA B 241 -34.85 -32.43 -7.39
N GLY B 242 -36.09 -32.00 -7.64
CA GLY B 242 -36.93 -32.63 -8.64
C GLY B 242 -36.30 -32.62 -10.03
N PHE B 243 -35.62 -31.52 -10.40
CA PHE B 243 -35.14 -31.38 -11.77
C PHE B 243 -33.63 -31.61 -11.84
N THR B 244 -32.93 -31.65 -10.70
CA THR B 244 -31.49 -31.90 -10.73
C THR B 244 -31.15 -33.32 -10.30
N GLY B 245 -31.96 -33.90 -9.39
CA GLY B 245 -31.62 -35.16 -8.76
C GLY B 245 -30.52 -34.98 -7.71
N PHE B 246 -30.35 -33.75 -7.23
CA PHE B 246 -29.43 -33.46 -6.13
C PHE B 246 -30.02 -34.05 -4.86
N HIS B 247 -29.18 -34.63 -4.00
CA HIS B 247 -29.65 -35.27 -2.79
C HIS B 247 -29.49 -34.32 -1.62
N GLN B 248 -30.12 -34.67 -0.50
CA GLN B 248 -30.06 -33.85 0.70
C GLN B 248 -28.78 -34.19 1.45
N PHE B 249 -28.01 -33.15 1.85
CA PHE B 249 -26.77 -33.32 2.59
C PHE B 249 -27.06 -32.96 4.05
N ALA B 250 -26.83 -33.91 4.96
CA ALA B 250 -27.27 -33.79 6.33
C ALA B 250 -26.33 -32.89 7.12
N GLU B 251 -26.91 -32.14 8.07
CA GLU B 251 -26.16 -31.30 9.00
C GLU B 251 -26.15 -31.97 10.37
N PHE B 252 -24.95 -32.32 10.86
CA PHE B 252 -24.76 -32.93 12.16
C PHE B 252 -25.08 -31.91 13.24
N THR B 253 -25.63 -32.40 14.37
CA THR B 253 -25.93 -31.57 15.53
C THR B 253 -25.21 -32.13 16.74
N GLU B 261 -34.91 -19.05 18.26
CA GLU B 261 -33.91 -20.06 17.84
C GLU B 261 -32.84 -19.34 17.01
N SER B 262 -32.86 -19.58 15.69
CA SER B 262 -32.04 -18.84 14.74
C SER B 262 -32.93 -18.30 13.61
N GLY B 263 -34.23 -18.57 13.72
CA GLY B 263 -35.24 -18.01 12.83
C GLY B 263 -35.27 -18.64 11.44
N LEU B 264 -34.68 -19.83 11.26
CA LEU B 264 -34.67 -20.46 9.94
C LEU B 264 -34.71 -21.99 10.06
N ASN B 265 -35.42 -22.62 9.12
CA ASN B 265 -35.19 -24.01 8.78
C ASN B 265 -34.38 -24.07 7.50
N SER B 266 -33.49 -25.06 7.42
CA SER B 266 -32.49 -25.15 6.36
C SER B 266 -32.51 -26.53 5.75
N ALA B 267 -32.19 -26.61 4.45
CA ALA B 267 -31.85 -27.87 3.82
C ALA B 267 -30.82 -27.61 2.72
N VAL B 268 -29.88 -28.55 2.59
CA VAL B 268 -28.76 -28.45 1.65
C VAL B 268 -28.95 -29.45 0.53
N LEU B 269 -28.94 -28.97 -0.72
CA LEU B 269 -28.95 -29.81 -1.89
C LEU B 269 -27.53 -29.96 -2.41
N ALA B 270 -27.18 -31.17 -2.87
CA ALA B 270 -25.81 -31.50 -3.20
C ALA B 270 -25.71 -32.36 -4.46
N SER B 271 -24.68 -32.10 -5.24
CA SER B 271 -24.32 -32.91 -6.39
C SER B 271 -23.71 -34.24 -5.92
N ASN B 272 -23.58 -35.20 -6.85
CA ASN B 272 -23.14 -36.56 -6.55
C ASN B 272 -21.87 -36.54 -5.71
N ASP B 273 -20.92 -35.68 -6.09
CA ASP B 273 -19.62 -35.61 -5.44
C ASP B 273 -19.61 -34.58 -4.31
N GLU B 274 -20.73 -33.86 -4.16
CA GLU B 274 -20.93 -32.92 -3.05
C GLU B 274 -19.94 -31.75 -3.12
N MET B 275 -19.53 -31.37 -4.34
CA MET B 275 -18.71 -30.18 -4.55
C MET B 275 -19.57 -29.01 -5.01
N VAL B 276 -20.79 -29.30 -5.50
CA VAL B 276 -21.78 -28.26 -5.72
C VAL B 276 -22.84 -28.35 -4.63
N LEU B 277 -22.87 -27.34 -3.76
CA LEU B 277 -23.70 -27.28 -2.58
C LEU B 277 -24.63 -26.07 -2.67
N LEU B 278 -25.92 -26.29 -2.43
CA LEU B 278 -26.92 -25.25 -2.61
C LEU B 278 -27.88 -25.28 -1.42
N PRO B 279 -27.52 -24.69 -0.26
CA PRO B 279 -28.46 -24.58 0.86
C PRO B 279 -29.66 -23.70 0.50
N ILE B 280 -30.81 -23.99 1.11
CA ILE B 280 -31.99 -23.17 1.01
C ILE B 280 -32.57 -22.94 2.40
N ASN B 281 -32.91 -21.67 2.72
CA ASN B 281 -33.49 -21.32 4.00
C ASN B 281 -34.94 -20.88 3.82
N GLU B 282 -35.77 -21.16 4.83
CA GLU B 282 -37.07 -20.53 4.96
C GLU B 282 -37.13 -19.85 6.31
N PRO B 283 -38.06 -18.89 6.51
CA PRO B 283 -38.18 -18.21 7.80
C PRO B 283 -38.93 -19.11 8.80
N VAL B 284 -38.59 -18.95 10.09
CA VAL B 284 -39.39 -19.51 11.17
C VAL B 284 -40.09 -18.34 11.86
N HIS B 285 -41.40 -18.22 11.63
CA HIS B 285 -42.23 -17.14 12.14
C HIS B 285 -42.61 -17.41 13.59
N GLY B 286 -42.99 -16.34 14.30
CA GLY B 286 -43.43 -16.42 15.68
C GLY B 286 -42.27 -16.39 16.68
N THR B 287 -41.04 -16.57 16.18
CA THR B 287 -39.85 -16.53 17.01
C THR B 287 -39.79 -15.20 17.76
N LYS B 288 -39.14 -15.23 18.93
CA LYS B 288 -38.93 -14.06 19.76
C LYS B 288 -38.40 -12.91 18.92
N ARG B 289 -37.12 -13.02 18.51
CA ARG B 289 -36.51 -12.08 17.58
C ARG B 289 -36.98 -12.45 16.17
N LYS B 290 -37.41 -11.42 15.41
CA LYS B 290 -37.84 -11.58 14.04
C LYS B 290 -36.76 -12.31 13.24
N SER B 291 -37.20 -13.19 12.33
CA SER B 291 -36.33 -13.96 11.45
C SER B 291 -35.56 -13.05 10.48
N GLN B 292 -34.23 -13.26 10.41
CA GLN B 292 -33.39 -12.56 9.45
C GLN B 292 -33.76 -12.98 8.03
N ILE B 293 -34.30 -14.19 7.86
CA ILE B 293 -34.75 -14.69 6.56
C ILE B 293 -35.96 -13.89 6.12
N GLN B 294 -36.88 -13.65 7.06
CA GLN B 294 -38.09 -12.89 6.79
C GLN B 294 -37.74 -11.45 6.44
N THR B 295 -36.73 -10.89 7.12
CA THR B 295 -36.26 -9.55 6.81
C THR B 295 -35.78 -9.51 5.37
N TYR B 296 -34.92 -10.50 5.03
CA TYR B 296 -34.37 -10.61 3.68
C TYR B 296 -35.52 -10.52 2.68
N LEU B 297 -36.56 -11.32 2.90
CA LEU B 297 -37.64 -11.43 1.93
C LEU B 297 -38.33 -10.08 1.77
N GLU B 298 -38.43 -9.30 2.85
CA GLU B 298 -39.11 -8.01 2.80
C GLU B 298 -38.27 -6.99 2.03
N HIS B 299 -36.98 -6.90 2.35
CA HIS B 299 -36.09 -5.94 1.73
C HIS B 299 -35.77 -6.33 0.27
N ASN B 300 -35.72 -7.63 -0.04
CA ASN B 300 -35.31 -8.09 -1.36
C ASN B 300 -36.50 -8.09 -2.32
N GLU B 301 -37.71 -7.92 -1.79
CA GLU B 301 -38.94 -8.13 -2.57
C GLU B 301 -39.02 -9.58 -3.03
N GLY B 302 -38.84 -10.52 -2.09
CA GLY B 302 -39.04 -11.92 -2.34
C GLY B 302 -37.77 -12.77 -2.26
N ALA B 303 -37.88 -14.01 -2.72
CA ALA B 303 -36.82 -14.99 -2.62
C ALA B 303 -35.64 -14.57 -3.48
N GLY B 304 -34.46 -15.01 -3.09
CA GLY B 304 -33.24 -14.68 -3.80
C GLY B 304 -32.05 -15.26 -3.05
N LEU B 305 -30.85 -14.97 -3.54
CA LEU B 305 -29.66 -15.57 -2.98
C LEU B 305 -29.20 -14.74 -1.79
N GLN B 306 -29.01 -15.41 -0.66
CA GLN B 306 -28.73 -14.74 0.61
C GLN B 306 -27.22 -14.58 0.82
N HIS B 307 -26.44 -15.65 0.65
CA HIS B 307 -25.01 -15.49 0.84
C HIS B 307 -24.20 -16.45 -0.02
N LEU B 308 -22.95 -16.04 -0.22
CA LEU B 308 -21.97 -16.80 -0.95
C LEU B 308 -20.84 -17.12 0.02
N ALA B 309 -20.53 -18.41 0.17
CA ALA B 309 -19.42 -18.81 1.02
C ALA B 309 -18.21 -19.03 0.14
N LEU B 310 -17.11 -18.34 0.45
CA LEU B 310 -15.94 -18.33 -0.39
C LEU B 310 -14.81 -19.01 0.38
N MET B 311 -14.20 -20.03 -0.23
CA MET B 311 -13.20 -20.83 0.44
C MET B 311 -11.88 -20.09 0.32
N SER B 312 -11.17 -20.02 1.44
CA SER B 312 -9.82 -19.48 1.51
C SER B 312 -8.84 -20.58 1.89
N GLU B 313 -7.61 -20.47 1.39
CA GLU B 313 -6.56 -21.42 1.71
C GLU B 313 -5.92 -21.03 3.04
N ASP B 314 -6.09 -19.77 3.44
CA ASP B 314 -5.61 -19.29 4.73
C ASP B 314 -6.52 -18.15 5.19
N ILE B 315 -7.54 -18.50 5.99
CA ILE B 315 -8.56 -17.55 6.40
C ILE B 315 -7.95 -16.40 7.22
N PHE B 316 -6.85 -16.68 7.94
CA PHE B 316 -6.18 -15.66 8.74
C PHE B 316 -5.62 -14.57 7.82
N ARG B 317 -4.94 -15.00 6.75
CA ARG B 317 -4.40 -14.08 5.76
C ARG B 317 -5.54 -13.28 5.13
N THR B 318 -6.57 -13.99 4.63
CA THR B 318 -7.70 -13.38 3.95
C THR B 318 -8.31 -12.27 4.81
N LEU B 319 -8.51 -12.53 6.09
CA LEU B 319 -9.24 -11.62 6.96
C LEU B 319 -8.38 -10.44 7.42
N ARG B 320 -7.07 -10.64 7.54
CA ARG B 320 -6.17 -9.53 7.83
C ARG B 320 -6.24 -8.53 6.66
N GLU B 321 -6.19 -9.06 5.44
CA GLU B 321 -6.26 -8.28 4.22
C GLU B 321 -7.60 -7.56 4.10
N MET B 322 -8.69 -8.31 4.35
CA MET B 322 -10.02 -7.75 4.15
C MET B 322 -10.31 -6.72 5.25
N ARG B 323 -9.79 -6.92 6.45
CA ARG B 323 -10.14 -6.08 7.59
C ARG B 323 -9.44 -4.74 7.46
N LYS B 324 -8.19 -4.75 6.98
CA LYS B 324 -7.46 -3.50 6.84
C LYS B 324 -8.11 -2.61 5.79
N ARG B 325 -8.96 -3.16 4.92
CA ARG B 325 -9.57 -2.37 3.86
C ARG B 325 -11.02 -1.96 4.17
N SER B 326 -11.55 -2.38 5.33
CA SER B 326 -12.95 -2.21 5.69
C SER B 326 -13.37 -0.73 5.60
N SER B 327 -12.51 0.15 6.14
CA SER B 327 -12.86 1.56 6.25
C SER B 327 -12.33 2.38 5.07
N ILE B 328 -11.65 1.73 4.10
CA ILE B 328 -11.11 2.39 2.92
C ILE B 328 -11.65 1.73 1.66
N GLY B 329 -12.95 1.42 1.65
CA GLY B 329 -13.65 1.06 0.44
C GLY B 329 -14.02 -0.43 0.42
N GLY B 330 -13.49 -1.18 1.40
CA GLY B 330 -13.69 -2.61 1.46
C GLY B 330 -15.03 -3.01 2.08
N PHE B 331 -15.02 -4.18 2.74
CA PHE B 331 -16.20 -4.76 3.35
C PHE B 331 -16.10 -4.70 4.87
N ASP B 332 -17.27 -4.52 5.51
CA ASP B 332 -17.36 -4.60 6.96
C ASP B 332 -17.81 -6.01 7.36
N PHE B 333 -17.44 -6.39 8.59
CA PHE B 333 -17.74 -7.69 9.14
C PHE B 333 -18.77 -7.55 10.26
N MET B 334 -19.49 -8.64 10.52
CA MET B 334 -20.44 -8.68 11.62
C MET B 334 -19.71 -8.48 12.93
N PRO B 335 -20.39 -7.98 13.98
CA PRO B 335 -19.82 -7.92 15.33
C PRO B 335 -19.15 -9.24 15.78
N SER B 336 -17.94 -9.13 16.33
CA SER B 336 -17.20 -10.28 16.82
C SER B 336 -17.94 -10.95 17.99
N PRO B 337 -17.71 -12.25 18.25
CA PRO B 337 -18.28 -12.92 19.42
C PRO B 337 -17.61 -12.38 20.68
N PRO B 338 -18.22 -12.55 21.87
CA PRO B 338 -17.61 -12.14 23.13
C PRO B 338 -16.33 -12.93 23.42
N PRO B 339 -15.47 -12.46 24.35
CA PRO B 339 -14.22 -13.16 24.69
C PRO B 339 -14.42 -14.58 25.22
N THR B 340 -15.62 -14.81 25.77
CA THR B 340 -16.05 -16.12 26.24
C THR B 340 -15.95 -17.18 25.15
N TYR B 341 -16.38 -16.82 23.94
CA TYR B 341 -16.44 -17.76 22.82
C TYR B 341 -15.05 -18.36 22.57
N TYR B 342 -14.02 -17.52 22.68
CA TYR B 342 -12.66 -17.94 22.35
C TYR B 342 -12.06 -18.78 23.48
N GLN B 343 -12.53 -18.54 24.70
CA GLN B 343 -12.11 -19.34 25.85
C GLN B 343 -12.68 -20.76 25.77
N ASN B 344 -13.86 -20.91 25.16
CA ASN B 344 -14.50 -22.21 25.02
C ASN B 344 -13.88 -23.03 23.89
N LEU B 345 -13.01 -22.43 23.07
CA LEU B 345 -12.56 -23.06 21.83
C LEU B 345 -11.68 -24.28 22.12
N LYS B 346 -10.78 -24.18 23.10
CA LYS B 346 -9.84 -25.26 23.37
C LYS B 346 -10.60 -26.54 23.76
N LYS B 347 -11.62 -26.44 24.60
CA LYS B 347 -12.49 -27.57 24.89
C LYS B 347 -13.08 -28.12 23.59
N ARG B 348 -13.60 -27.25 22.72
CA ARG B 348 -14.37 -27.70 21.57
C ARG B 348 -13.47 -28.19 20.43
N VAL B 349 -12.34 -27.51 20.18
CA VAL B 349 -11.52 -27.76 19.00
C VAL B 349 -10.02 -27.68 19.32
N GLY B 350 -9.64 -27.84 20.60
CA GLY B 350 -8.26 -27.76 21.02
C GLY B 350 -7.35 -28.80 20.38
N ASP B 351 -7.94 -29.90 19.87
CA ASP B 351 -7.16 -30.92 19.19
C ASP B 351 -6.82 -30.49 17.77
N VAL B 352 -7.70 -29.72 17.12
CA VAL B 352 -7.48 -29.32 15.74
C VAL B 352 -6.65 -28.03 15.71
N LEU B 353 -7.06 -27.02 16.48
CA LEU B 353 -6.39 -25.72 16.46
C LEU B 353 -5.49 -25.61 17.69
N SER B 354 -4.32 -25.01 17.49
CA SER B 354 -3.39 -24.71 18.57
C SER B 354 -3.90 -23.50 19.37
N ASP B 355 -3.19 -23.17 20.44
CA ASP B 355 -3.56 -22.04 21.30
C ASP B 355 -3.38 -20.74 20.52
N ASP B 356 -2.32 -20.67 19.70
CA ASP B 356 -1.99 -19.47 18.95
C ASP B 356 -2.97 -19.26 17.80
N GLN B 357 -3.48 -20.36 17.25
CA GLN B 357 -4.47 -20.28 16.19
C GLN B 357 -5.81 -19.81 16.74
N ILE B 358 -6.05 -20.05 18.03
CA ILE B 358 -7.31 -19.67 18.66
C ILE B 358 -7.25 -18.17 19.00
N LYS B 359 -6.08 -17.69 19.40
CA LYS B 359 -5.88 -16.28 19.67
C LYS B 359 -6.05 -15.50 18.35
N GLU B 360 -5.64 -16.13 17.25
CA GLU B 360 -5.72 -15.55 15.93
C GLU B 360 -7.19 -15.41 15.51
N CYS B 361 -7.99 -16.45 15.76
CA CYS B 361 -9.43 -16.40 15.55
C CYS B 361 -10.05 -15.26 16.37
N GLU B 362 -9.49 -15.04 17.56
CA GLU B 362 -9.96 -13.99 18.46
C GLU B 362 -9.58 -12.61 17.92
N GLU B 363 -8.37 -12.47 17.36
CA GLU B 363 -7.94 -11.21 16.75
C GLU B 363 -8.90 -10.81 15.63
N LEU B 364 -9.38 -11.78 14.85
CA LEU B 364 -10.04 -11.51 13.58
C LEU B 364 -11.54 -11.73 13.65
N GLY B 365 -12.05 -12.22 14.80
CA GLY B 365 -13.49 -12.40 14.99
C GLY B 365 -14.03 -13.63 14.27
N ILE B 366 -13.17 -14.64 14.08
CA ILE B 366 -13.49 -15.82 13.29
C ILE B 366 -14.23 -16.84 14.17
N LEU B 367 -15.29 -17.44 13.60
CA LEU B 367 -16.06 -18.45 14.28
C LEU B 367 -15.51 -19.82 13.89
N VAL B 368 -15.67 -20.78 14.81
CA VAL B 368 -15.16 -22.13 14.61
C VAL B 368 -16.27 -23.10 14.98
N ASP B 369 -16.50 -24.10 14.12
CA ASP B 369 -17.47 -25.16 14.38
C ASP B 369 -16.86 -26.49 13.96
N ARG B 370 -17.52 -27.56 14.39
CA ARG B 370 -17.08 -28.92 14.14
C ARG B 370 -18.30 -29.75 13.75
N ASP B 371 -18.04 -30.82 12.98
CA ASP B 371 -19.06 -31.85 12.78
C ASP B 371 -18.41 -33.22 12.94
N ASP B 372 -19.08 -34.26 12.45
CA ASP B 372 -18.59 -35.63 12.43
C ASP B 372 -17.16 -35.69 11.88
N GLN B 373 -16.98 -35.10 10.70
CA GLN B 373 -15.87 -35.42 9.81
C GLN B 373 -14.72 -34.40 9.95
N GLY B 374 -15.02 -33.14 10.34
CA GLY B 374 -13.95 -32.14 10.38
C GLY B 374 -14.37 -30.82 11.03
N THR B 375 -13.57 -29.78 10.76
CA THR B 375 -13.66 -28.49 11.42
C THR B 375 -13.75 -27.37 10.37
N LEU B 376 -14.51 -26.32 10.72
CA LEU B 376 -14.80 -25.21 9.84
C LEU B 376 -14.36 -23.91 10.53
N LEU B 377 -13.78 -22.99 9.75
CA LEU B 377 -13.59 -21.62 10.21
C LEU B 377 -14.40 -20.70 9.30
N GLN B 378 -15.14 -19.74 9.88
CA GLN B 378 -16.06 -18.94 9.09
C GLN B 378 -16.13 -17.52 9.64
N ILE B 379 -16.46 -16.57 8.77
CA ILE B 379 -16.84 -15.23 9.18
C ILE B 379 -17.76 -14.63 8.13
N PHE B 380 -18.64 -13.72 8.57
CA PHE B 380 -19.65 -13.15 7.70
C PHE B 380 -19.46 -11.64 7.58
N THR B 381 -19.64 -11.12 6.37
CA THR B 381 -19.63 -9.68 6.11
C THR B 381 -20.99 -9.09 6.46
N LYS B 382 -21.01 -7.74 6.56
CA LYS B 382 -22.24 -6.99 6.54
C LYS B 382 -22.76 -6.99 5.12
N PRO B 383 -24.02 -6.59 4.86
CA PRO B 383 -24.56 -6.58 3.50
C PRO B 383 -23.59 -5.93 2.51
N LEU B 384 -23.68 -6.37 1.25
CA LEU B 384 -22.74 -5.94 0.21
C LEU B 384 -23.14 -4.60 -0.40
N GLY B 385 -24.45 -4.33 -0.40
CA GLY B 385 -24.98 -3.07 -0.91
C GLY B 385 -25.91 -2.40 0.10
N ASP B 386 -26.87 -1.63 -0.42
CA ASP B 386 -27.71 -0.78 0.39
C ASP B 386 -28.64 -1.61 1.27
N ARG B 387 -29.21 -2.66 0.68
CA ARG B 387 -30.26 -3.44 1.31
C ARG B 387 -29.65 -4.49 2.23
N PRO B 388 -30.35 -4.85 3.33
CA PRO B 388 -29.92 -5.95 4.20
C PRO B 388 -30.32 -7.30 3.61
N THR B 389 -29.67 -7.67 2.50
CA THR B 389 -30.02 -8.87 1.75
C THR B 389 -28.80 -9.77 1.64
N ILE B 390 -28.02 -9.64 0.55
CA ILE B 390 -26.92 -10.53 0.27
C ILE B 390 -25.71 -10.14 1.13
N PHE B 391 -24.94 -11.14 1.54
CA PHE B 391 -23.69 -10.91 2.25
C PHE B 391 -22.71 -12.00 1.82
N ILE B 392 -21.50 -11.95 2.37
CA ILE B 392 -20.47 -12.92 2.02
C ILE B 392 -19.96 -13.61 3.28
N GLU B 393 -19.70 -14.91 3.14
CA GLU B 393 -19.06 -15.70 4.17
C GLU B 393 -17.67 -16.10 3.68
N ILE B 394 -16.68 -16.05 4.57
CA ILE B 394 -15.34 -16.53 4.26
C ILE B 394 -15.08 -17.78 5.10
N ILE B 395 -14.64 -18.86 4.46
CA ILE B 395 -14.54 -20.15 5.13
C ILE B 395 -13.20 -20.81 4.84
N GLN B 396 -12.78 -21.65 5.79
CA GLN B 396 -11.69 -22.59 5.61
C GLN B 396 -12.08 -23.92 6.25
N ARG B 397 -12.04 -24.99 5.46
CA ARG B 397 -12.39 -26.31 5.91
C ARG B 397 -11.12 -27.08 6.27
N VAL B 398 -11.14 -27.74 7.44
CA VAL B 398 -10.00 -28.48 7.94
C VAL B 398 -10.41 -29.92 8.15
N GLY B 399 -9.68 -30.84 7.50
CA GLY B 399 -9.89 -32.28 7.67
C GLY B 399 -10.41 -32.94 6.39
N CYS B 400 -10.93 -34.17 6.58
CA CYS B 400 -11.36 -35.08 5.52
C CYS B 400 -10.55 -34.94 4.22
N MET B 401 -9.24 -35.17 4.33
CA MET B 401 -8.35 -35.25 3.18
C MET B 401 -8.31 -36.70 2.68
N MET B 402 -8.64 -36.91 1.40
CA MET B 402 -8.73 -38.24 0.82
C MET B 402 -8.09 -38.27 -0.57
N LYS B 403 -8.06 -39.47 -1.18
CA LYS B 403 -7.47 -39.67 -2.49
C LYS B 403 -8.48 -40.33 -3.43
N ASP B 404 -8.33 -40.08 -4.74
CA ASP B 404 -9.31 -40.42 -5.75
C ASP B 404 -8.79 -41.60 -6.60
N GLU B 405 -9.26 -41.68 -7.86
CA GLU B 405 -8.87 -42.75 -8.78
C GLU B 405 -7.47 -42.46 -9.33
N GLU B 406 -7.21 -41.17 -9.62
CA GLU B 406 -5.90 -40.72 -10.08
C GLU B 406 -4.88 -40.79 -8.94
N GLY B 407 -5.36 -40.77 -7.68
CA GLY B 407 -4.49 -40.78 -6.50
C GLY B 407 -4.15 -39.37 -6.04
N LYS B 408 -4.74 -38.37 -6.71
CA LYS B 408 -4.60 -36.97 -6.34
C LYS B 408 -5.40 -36.72 -5.06
N ALA B 409 -4.92 -35.80 -4.23
CA ALA B 409 -5.53 -35.50 -2.94
C ALA B 409 -6.75 -34.61 -3.15
N TYR B 410 -7.86 -34.95 -2.49
CA TYR B 410 -9.04 -34.11 -2.48
C TYR B 410 -9.53 -33.98 -1.04
N GLN B 411 -10.22 -32.86 -0.77
CA GLN B 411 -10.98 -32.71 0.46
C GLN B 411 -12.45 -32.93 0.12
N SER B 412 -13.15 -33.68 0.98
CA SER B 412 -14.56 -33.96 0.77
C SER B 412 -15.36 -32.66 0.86
N GLY B 413 -16.43 -32.57 0.07
CA GLY B 413 -17.33 -31.44 0.12
C GLY B 413 -18.07 -31.40 1.45
N GLY B 414 -18.02 -30.24 2.11
CA GLY B 414 -18.80 -29.97 3.31
C GLY B 414 -18.07 -30.33 4.60
N CYS B 415 -16.74 -30.55 4.55
CA CYS B 415 -15.97 -30.87 5.75
C CYS B 415 -16.20 -29.85 6.86
N GLY B 416 -16.88 -30.29 7.92
CA GLY B 416 -17.12 -29.47 9.11
C GLY B 416 -18.53 -28.86 9.12
N GLY B 417 -19.30 -29.12 8.05
CA GLY B 417 -20.65 -28.60 7.98
C GLY B 417 -20.66 -27.14 7.56
N PHE B 418 -21.57 -26.37 8.16
CA PHE B 418 -21.87 -25.02 7.72
C PHE B 418 -22.04 -24.06 8.91
N GLY B 419 -21.69 -24.50 10.13
CA GLY B 419 -21.67 -23.65 11.31
C GLY B 419 -23.01 -23.52 12.03
N LYS B 420 -23.90 -24.50 11.87
CA LYS B 420 -25.19 -24.48 12.56
C LYS B 420 -25.02 -24.47 14.07
N GLY B 421 -23.95 -25.08 14.58
CA GLY B 421 -23.69 -25.09 16.01
C GLY B 421 -23.37 -23.70 16.55
N ASN B 422 -22.88 -22.80 15.69
CA ASN B 422 -22.39 -21.51 16.11
C ASN B 422 -23.53 -20.59 16.54
N PHE B 423 -24.78 -20.92 16.18
CA PHE B 423 -25.93 -20.17 16.67
C PHE B 423 -26.01 -20.36 18.19
N SER B 424 -25.91 -21.61 18.65
CA SER B 424 -25.95 -21.93 20.06
C SER B 424 -24.71 -21.43 20.77
N GLU B 425 -23.52 -21.74 20.22
CA GLU B 425 -22.26 -21.37 20.85
C GLU B 425 -22.16 -19.86 21.08
N LEU B 426 -22.71 -19.07 20.13
CA LEU B 426 -22.79 -17.63 20.25
C LEU B 426 -23.70 -17.24 21.41
N PHE B 427 -24.90 -17.83 21.45
CA PHE B 427 -25.86 -17.54 22.51
C PHE B 427 -25.26 -17.93 23.87
N LYS B 428 -24.63 -19.10 23.94
CA LYS B 428 -23.98 -19.56 25.16
C LYS B 428 -22.95 -18.54 25.64
N SER B 429 -22.04 -18.16 24.73
CA SER B 429 -20.88 -17.36 25.10
C SER B 429 -21.32 -15.98 25.59
N ILE B 430 -22.44 -15.49 25.06
CA ILE B 430 -22.98 -14.18 25.44
C ILE B 430 -23.62 -14.28 26.83
N GLU B 431 -24.36 -15.36 27.08
CA GLU B 431 -24.94 -15.65 28.38
C GLU B 431 -23.84 -15.79 29.44
N GLU B 432 -22.73 -16.43 29.06
CA GLU B 432 -21.64 -16.68 29.98
C GLU B 432 -20.89 -15.39 30.26
N TYR B 433 -20.64 -14.60 29.21
CA TYR B 433 -19.92 -13.34 29.33
C TYR B 433 -20.70 -12.36 30.21
N GLU B 434 -22.02 -12.36 30.05
CA GLU B 434 -22.89 -11.49 30.82
C GLU B 434 -22.91 -11.92 32.29
N LYS B 435 -22.82 -13.23 32.54
CA LYS B 435 -22.91 -13.77 33.88
C LYS B 435 -21.62 -13.49 34.68
N THR B 436 -20.51 -13.21 34.01
CA THR B 436 -19.23 -13.07 34.69
C THR B 436 -18.88 -11.61 34.95
N LEU B 437 -19.78 -10.67 34.64
CA LEU B 437 -19.51 -9.26 34.91
C LEU B 437 -19.17 -9.09 36.39
N GLU B 438 -20.06 -9.60 37.25
CA GLU B 438 -19.84 -9.76 38.69
C GLU B 438 -18.43 -9.28 39.10
N SER C 29 6.08 47.19 15.39
CA SER C 29 7.27 46.30 15.47
C SER C 29 7.98 46.20 14.12
N LYS C 30 9.30 45.97 14.19
CA LYS C 30 10.14 45.92 13.01
C LYS C 30 11.42 45.18 13.39
N PHE C 31 11.86 44.25 12.52
CA PHE C 31 13.09 43.52 12.72
C PHE C 31 13.96 43.81 11.49
N VAL C 32 15.20 44.28 11.73
CA VAL C 32 16.08 44.70 10.65
C VAL C 32 17.28 43.78 10.59
N ARG C 33 17.58 43.27 9.38
CA ARG C 33 18.60 42.26 9.17
C ARG C 33 19.81 42.87 8.50
N LYS C 34 21.00 42.48 8.97
CA LYS C 34 22.25 42.88 8.36
C LYS C 34 22.78 41.73 7.50
N ASN C 35 23.37 42.10 6.36
CA ASN C 35 24.05 41.16 5.49
C ASN C 35 25.23 41.88 4.85
N PRO C 36 26.47 41.69 5.34
CA PRO C 36 27.64 42.29 4.69
C PRO C 36 28.20 41.58 3.45
N LYS C 37 27.58 40.47 3.03
CA LYS C 37 28.05 39.73 1.87
C LYS C 37 29.58 39.55 1.93
N SER C 38 30.05 38.90 2.98
CA SER C 38 31.47 38.83 3.27
C SER C 38 32.09 37.48 2.90
N ASP C 39 31.43 36.68 2.06
CA ASP C 39 32.03 35.41 1.64
C ASP C 39 33.39 35.70 1.02
N LYS C 40 34.38 34.87 1.36
CA LYS C 40 35.75 35.02 0.88
C LYS C 40 35.96 34.26 -0.43
N PHE C 41 34.92 33.55 -0.91
CA PHE C 41 34.92 32.95 -2.22
C PHE C 41 33.48 32.76 -2.66
N LYS C 42 33.28 32.44 -3.94
CA LYS C 42 31.94 32.30 -4.50
C LYS C 42 31.34 30.94 -4.12
N VAL C 43 30.25 30.98 -3.35
CA VAL C 43 29.48 29.82 -2.96
C VAL C 43 28.14 29.80 -3.70
N LYS C 44 27.79 28.65 -4.26
CA LYS C 44 26.57 28.53 -5.04
C LYS C 44 25.45 27.94 -4.19
N ARG C 45 25.48 26.62 -3.95
CA ARG C 45 24.37 25.92 -3.32
C ARG C 45 24.91 24.74 -2.53
N PHE C 46 24.09 24.19 -1.62
CA PHE C 46 24.32 22.86 -1.07
C PHE C 46 24.32 21.87 -2.23
N HIS C 47 25.33 20.99 -2.25
CA HIS C 47 25.48 20.04 -3.34
C HIS C 47 24.97 18.66 -2.94
N HIS C 48 25.50 18.10 -1.85
CA HIS C 48 25.13 16.79 -1.37
C HIS C 48 25.55 16.61 0.09
N ILE C 49 24.95 15.61 0.73
CA ILE C 49 25.36 15.15 2.06
C ILE C 49 25.87 13.71 1.90
N GLU C 50 27.05 13.44 2.48
CA GLU C 50 27.58 12.09 2.52
C GLU C 50 27.45 11.51 3.93
N PHE C 51 26.69 10.43 4.04
CA PHE C 51 26.65 9.58 5.23
C PHE C 51 27.71 8.50 5.12
N TRP C 52 28.49 8.30 6.19
CA TRP C 52 29.34 7.13 6.30
C TRP C 52 28.64 6.05 7.11
N CYS C 53 28.42 4.91 6.44
CA CYS C 53 27.70 3.78 6.98
C CYS C 53 28.67 2.62 7.15
N GLY C 54 28.20 1.60 7.87
CA GLY C 54 28.85 0.31 7.87
C GLY C 54 28.39 -0.51 6.67
N ASP C 55 27.10 -0.36 6.33
CA ASP C 55 26.51 -1.03 5.19
C ASP C 55 25.65 -0.03 4.41
N ALA C 56 26.20 0.45 3.28
CA ALA C 56 25.58 1.49 2.48
C ALA C 56 24.26 1.02 1.89
N THR C 57 24.18 -0.26 1.52
CA THR C 57 23.03 -0.82 0.83
C THR C 57 21.79 -0.76 1.71
N ASN C 58 21.92 -1.18 2.97
CA ASN C 58 20.76 -1.26 3.86
C ASN C 58 20.29 0.14 4.24
N VAL C 59 21.22 1.05 4.50
CA VAL C 59 20.86 2.40 4.87
C VAL C 59 20.20 3.10 3.67
N ALA C 60 20.77 2.92 2.48
CA ALA C 60 20.24 3.59 1.30
C ALA C 60 18.83 3.09 0.98
N ARG C 61 18.60 1.77 1.10
CA ARG C 61 17.28 1.18 0.80
C ARG C 61 16.23 1.73 1.76
N ARG C 62 16.61 1.82 3.05
CA ARG C 62 15.73 2.28 4.09
C ARG C 62 15.37 3.75 3.87
N PHE C 63 16.40 4.59 3.70
CA PHE C 63 16.22 6.00 3.44
C PHE C 63 15.39 6.21 2.18
N SER C 64 15.63 5.41 1.14
CA SER C 64 14.93 5.54 -0.13
C SER C 64 13.41 5.40 0.08
N TRP C 65 13.00 4.39 0.84
CA TRP C 65 11.60 4.09 1.10
C TRP C 65 11.00 5.11 2.07
N GLY C 66 11.79 5.46 3.10
CA GLY C 66 11.35 6.36 4.15
C GLY C 66 11.09 7.79 3.68
N LEU C 67 11.90 8.28 2.72
CA LEU C 67 11.90 9.69 2.32
C LEU C 67 11.36 9.88 0.91
N GLY C 68 11.19 8.79 0.17
CA GLY C 68 10.75 8.88 -1.21
C GLY C 68 11.84 9.48 -2.09
N MET C 69 13.07 8.95 -1.95
CA MET C 69 14.23 9.37 -2.75
C MET C 69 14.60 8.25 -3.74
N ARG C 70 14.90 8.63 -4.98
CA ARG C 70 15.14 7.68 -6.06
C ARG C 70 16.62 7.29 -6.09
N PHE C 71 16.87 6.01 -6.41
CA PHE C 71 18.23 5.52 -6.66
C PHE C 71 18.66 6.08 -8.02
N SER C 72 19.62 7.01 -8.02
CA SER C 72 19.94 7.73 -9.25
C SER C 72 21.37 7.46 -9.76
N ALA C 73 22.31 7.08 -8.88
CA ALA C 73 23.66 6.77 -9.33
C ALA C 73 24.41 5.88 -8.33
N LYS C 74 25.44 5.17 -8.81
CA LYS C 74 26.23 4.29 -7.97
C LYS C 74 27.68 4.19 -8.42
N SER C 75 28.53 3.86 -7.45
CA SER C 75 29.90 3.46 -7.69
C SER C 75 30.25 2.34 -6.70
N ASP C 76 30.30 1.11 -7.22
CA ASP C 76 30.50 -0.07 -6.38
C ASP C 76 31.21 -1.13 -7.22
N LEU C 77 31.22 -2.38 -6.73
CA LEU C 77 31.83 -3.50 -7.42
C LEU C 77 31.31 -3.59 -8.85
N SER C 78 30.00 -3.42 -9.04
CA SER C 78 29.41 -3.58 -10.36
C SER C 78 29.79 -2.44 -11.32
N THR C 79 30.49 -1.39 -10.83
CA THR C 79 31.00 -0.33 -11.71
C THR C 79 32.53 -0.35 -11.76
N GLY C 80 33.15 -1.28 -11.06
CA GLY C 80 34.59 -1.43 -11.12
C GLY C 80 35.27 -0.91 -9.87
N ASN C 81 34.47 -0.41 -8.92
CA ASN C 81 34.99 0.15 -7.68
C ASN C 81 35.06 -0.93 -6.62
N MET C 82 36.28 -1.14 -6.06
CA MET C 82 36.50 -2.15 -5.05
C MET C 82 37.24 -1.58 -3.85
N VAL C 83 37.11 -0.26 -3.66
CA VAL C 83 37.52 0.39 -2.44
C VAL C 83 36.30 0.63 -1.56
N HIS C 84 35.19 1.07 -2.18
CA HIS C 84 34.03 1.53 -1.44
C HIS C 84 32.77 1.40 -2.28
N ALA C 85 31.65 1.09 -1.61
CA ALA C 85 30.32 1.11 -2.20
C ALA C 85 29.69 2.45 -1.88
N SER C 86 29.22 3.16 -2.92
CA SER C 86 28.63 4.47 -2.76
C SER C 86 27.35 4.55 -3.58
N TYR C 87 26.23 4.90 -2.92
CA TYR C 87 24.92 4.91 -3.55
C TYR C 87 24.32 6.30 -3.35
N LEU C 88 23.87 6.90 -4.45
CA LEU C 88 23.30 8.23 -4.44
C LEU C 88 21.80 8.14 -4.56
N LEU C 89 21.10 8.79 -3.61
CA LEU C 89 19.66 8.99 -3.71
C LEU C 89 19.42 10.48 -3.96
N THR C 90 18.35 10.79 -4.69
CA THR C 90 18.01 12.15 -5.06
C THR C 90 16.51 12.36 -4.92
N SER C 91 16.14 13.59 -4.52
CA SER C 91 14.77 14.06 -4.55
C SER C 91 14.79 15.55 -4.85
N GLY C 92 14.28 15.93 -6.03
CA GLY C 92 14.57 17.23 -6.61
C GLY C 92 16.08 17.47 -6.68
N ASP C 93 16.56 18.47 -5.94
CA ASP C 93 17.96 18.85 -5.92
C ASP C 93 18.65 18.35 -4.66
N LEU C 94 17.93 17.57 -3.84
CA LEU C 94 18.52 16.98 -2.65
C LEU C 94 19.31 15.75 -3.08
N ARG C 95 20.54 15.64 -2.58
CA ARG C 95 21.40 14.52 -2.90
C ARG C 95 22.02 13.92 -1.64
N PHE C 96 21.67 12.65 -1.36
CA PHE C 96 22.19 11.91 -0.24
C PHE C 96 23.10 10.80 -0.75
N LEU C 97 24.34 10.78 -0.27
CA LEU C 97 25.31 9.76 -0.67
C LEU C 97 25.58 8.86 0.53
N PHE C 98 25.45 7.55 0.31
CA PHE C 98 25.74 6.56 1.35
C PHE C 98 26.97 5.76 0.93
N THR C 99 27.96 5.73 1.80
CA THR C 99 29.24 5.13 1.46
C THR C 99 29.65 4.17 2.56
N ALA C 100 30.20 3.01 2.14
CA ALA C 100 30.75 2.04 3.05
C ALA C 100 32.04 1.48 2.46
N PRO C 101 32.99 1.02 3.30
CA PRO C 101 34.26 0.46 2.84
C PRO C 101 34.11 -1.03 2.57
N TYR C 102 34.74 -1.50 1.49
CA TYR C 102 34.95 -2.93 1.25
C TYR C 102 36.21 -3.39 1.98
N SER C 103 36.47 -4.70 1.97
CA SER C 103 37.71 -5.22 2.50
C SER C 103 38.89 -4.60 1.77
N PRO C 104 39.91 -4.08 2.49
CA PRO C 104 41.15 -3.63 1.87
C PRO C 104 41.78 -4.68 0.95
N SER C 105 41.51 -5.96 1.23
CA SER C 105 42.20 -7.05 0.54
C SER C 105 41.87 -7.08 -0.94
N LEU C 106 40.72 -6.51 -1.34
CA LEU C 106 40.29 -6.52 -2.73
C LEU C 106 41.18 -5.60 -3.57
N SER C 107 41.72 -4.55 -2.94
CA SER C 107 42.52 -3.56 -3.62
C SER C 107 43.96 -3.62 -3.12
N ALA C 108 44.35 -4.77 -2.55
CA ALA C 108 45.71 -5.02 -2.11
C ALA C 108 46.70 -4.66 -3.22
N GLY C 109 46.44 -5.18 -4.43
CA GLY C 109 47.23 -4.87 -5.61
C GLY C 109 46.54 -3.86 -6.51
N THR C 114 47.32 4.23 -8.57
CA THR C 114 45.94 4.41 -9.10
C THR C 114 44.99 3.61 -8.20
N THR C 115 43.70 3.91 -8.29
CA THR C 115 42.70 3.24 -7.48
C THR C 115 41.36 3.21 -8.23
N THR C 116 40.52 2.24 -7.89
CA THR C 116 39.19 2.12 -8.49
C THR C 116 38.19 3.02 -7.77
N ALA C 117 38.62 3.69 -6.69
CA ALA C 117 37.80 4.61 -5.94
C ALA C 117 37.34 5.77 -6.82
N SER C 118 36.10 6.22 -6.61
CA SER C 118 35.56 7.36 -7.32
C SER C 118 35.65 8.62 -6.46
N ILE C 119 35.65 8.46 -5.14
CA ILE C 119 35.84 9.56 -4.22
C ILE C 119 37.31 9.54 -3.79
N PRO C 120 38.14 10.50 -4.24
CA PRO C 120 39.57 10.48 -3.92
C PRO C 120 39.98 10.65 -2.46
N SER C 121 39.12 11.29 -1.64
CA SER C 121 39.38 11.50 -0.24
C SER C 121 39.14 10.23 0.59
N PHE C 122 38.45 9.23 0.03
CA PHE C 122 37.99 8.09 0.82
C PHE C 122 39.18 7.32 1.37
N ASP C 123 39.02 6.79 2.59
CA ASP C 123 40.06 6.02 3.26
C ASP C 123 39.39 4.97 4.14
N HIS C 124 39.79 3.69 3.99
CA HIS C 124 39.24 2.58 4.75
C HIS C 124 39.30 2.87 6.26
N GLY C 125 40.49 3.20 6.75
CA GLY C 125 40.72 3.46 8.15
C GLY C 125 39.87 4.61 8.69
N SER C 126 39.76 5.70 7.92
CA SER C 126 39.00 6.86 8.36
C SER C 126 37.52 6.47 8.49
N CYS C 127 37.03 5.73 7.51
CA CYS C 127 35.61 5.38 7.44
C CYS C 127 35.24 4.49 8.62
N ARG C 128 35.98 3.38 8.81
CA ARG C 128 35.71 2.44 9.89
C ARG C 128 35.79 3.15 11.24
N SER C 129 36.76 4.05 11.36
CA SER C 129 37.04 4.74 12.61
C SER C 129 35.89 5.69 12.97
N PHE C 130 35.48 6.51 12.00
CA PHE C 130 34.29 7.34 12.14
C PHE C 130 33.12 6.50 12.60
N PHE C 131 32.82 5.40 11.88
CA PHE C 131 31.57 4.69 12.11
C PHE C 131 31.63 3.90 13.44
N SER C 132 32.81 3.42 13.79
CA SER C 132 32.99 2.72 15.04
C SER C 132 32.79 3.67 16.21
N SER C 133 33.16 4.94 16.02
CA SER C 133 33.16 5.93 17.08
C SER C 133 31.81 6.63 17.22
N HIS C 134 31.12 6.84 16.09
CA HIS C 134 29.99 7.74 16.01
C HIS C 134 28.71 7.02 15.60
N GLY C 135 28.85 5.88 14.91
CA GLY C 135 27.71 5.19 14.34
C GLY C 135 27.22 5.94 13.09
N LEU C 136 26.08 5.51 12.55
CA LEU C 136 25.58 6.12 11.33
C LEU C 136 25.63 7.64 11.50
N GLY C 137 26.28 8.34 10.56
CA GLY C 137 26.31 9.79 10.65
C GLY C 137 26.87 10.47 9.40
N VAL C 138 26.68 11.80 9.35
CA VAL C 138 27.07 12.61 8.21
C VAL C 138 28.56 12.89 8.31
N ARG C 139 29.29 12.50 7.26
CA ARG C 139 30.72 12.71 7.17
C ARG C 139 31.00 14.05 6.48
N ALA C 140 30.26 14.34 5.41
CA ALA C 140 30.57 15.49 4.58
C ALA C 140 29.32 16.32 4.33
N VAL C 141 29.46 17.64 4.57
CA VAL C 141 28.52 18.62 4.08
C VAL C 141 29.16 19.26 2.86
N ALA C 142 28.57 19.02 1.68
CA ALA C 142 29.18 19.41 0.42
C ALA C 142 28.43 20.60 -0.20
N ILE C 143 29.20 21.63 -0.58
CA ILE C 143 28.66 22.83 -1.22
C ILE C 143 29.32 23.02 -2.58
N GLU C 144 28.50 23.33 -3.59
CA GLU C 144 28.99 23.69 -4.91
C GLU C 144 29.59 25.10 -4.85
N VAL C 145 30.84 25.23 -5.31
CA VAL C 145 31.51 26.52 -5.35
C VAL C 145 31.97 26.78 -6.78
N GLU C 146 32.46 27.99 -7.02
CA GLU C 146 32.94 28.37 -8.33
C GLU C 146 34.24 27.66 -8.65
N ASP C 147 35.14 27.55 -7.67
CA ASP C 147 36.44 26.94 -7.88
C ASP C 147 36.95 26.34 -6.57
N ALA C 148 36.98 25.01 -6.51
CA ALA C 148 37.23 24.29 -5.27
C ALA C 148 38.68 24.49 -4.85
N GLU C 149 39.56 24.70 -5.83
CA GLU C 149 40.98 24.83 -5.54
C GLU C 149 41.23 26.13 -4.79
N SER C 150 40.62 27.22 -5.26
CA SER C 150 40.78 28.52 -4.63
C SER C 150 39.98 28.57 -3.33
N ALA C 151 38.84 27.88 -3.28
CA ALA C 151 38.08 27.80 -2.04
C ALA C 151 38.95 27.15 -0.96
N PHE C 152 39.68 26.08 -1.32
CA PHE C 152 40.53 25.39 -0.37
C PHE C 152 41.70 26.29 0.07
N SER C 153 42.33 26.96 -0.93
CA SER C 153 43.45 27.86 -0.66
C SER C 153 43.05 29.01 0.25
N ILE C 154 41.93 29.66 -0.08
CA ILE C 154 41.45 30.80 0.69
C ILE C 154 41.02 30.35 2.08
N SER C 155 40.42 29.16 2.18
CA SER C 155 39.98 28.64 3.48
C SER C 155 41.19 28.41 4.40
N VAL C 156 42.20 27.69 3.92
CA VAL C 156 43.32 27.30 4.75
C VAL C 156 44.10 28.54 5.18
N ALA C 157 44.30 29.47 4.24
CA ALA C 157 44.96 30.73 4.52
C ALA C 157 44.25 31.45 5.66
N ASN C 158 42.92 31.35 5.71
CA ASN C 158 42.12 32.02 6.72
C ASN C 158 41.69 31.10 7.86
N GLY C 159 42.50 30.07 8.17
CA GLY C 159 42.35 29.35 9.43
C GLY C 159 41.83 27.91 9.30
N ALA C 160 41.26 27.55 8.16
CA ALA C 160 40.68 26.22 8.00
C ALA C 160 41.76 25.16 8.17
N ILE C 161 41.40 24.05 8.83
CA ILE C 161 42.23 22.87 8.92
C ILE C 161 41.97 22.01 7.67
N PRO C 162 42.99 21.72 6.87
CA PRO C 162 42.82 20.92 5.65
C PRO C 162 42.55 19.45 6.00
N SER C 163 41.77 18.79 5.13
CA SER C 163 41.39 17.40 5.34
C SER C 163 41.79 16.58 4.11
N SER C 164 41.31 16.98 2.93
CA SER C 164 41.80 16.44 1.67
C SER C 164 42.10 17.61 0.73
N PRO C 165 43.27 17.60 0.03
CA PRO C 165 43.61 18.69 -0.87
C PRO C 165 42.75 18.67 -2.13
N PRO C 166 42.82 19.73 -2.97
CA PRO C 166 42.01 19.78 -4.19
C PRO C 166 42.46 18.73 -5.21
N ILE C 167 41.51 17.93 -5.68
CA ILE C 167 41.79 16.85 -6.60
C ILE C 167 40.84 17.02 -7.78
N VAL C 168 41.42 17.13 -8.98
CA VAL C 168 40.64 17.24 -10.20
C VAL C 168 40.35 15.83 -10.70
N LEU C 169 39.08 15.58 -11.00
CA LEU C 169 38.60 14.26 -11.39
C LEU C 169 38.22 14.30 -12.85
N ASN C 170 38.87 13.44 -13.65
CA ASN C 170 38.60 13.29 -15.07
C ASN C 170 38.47 14.68 -15.72
N GLU C 171 39.32 15.63 -15.30
CA GLU C 171 39.39 16.95 -15.87
C GLU C 171 37.98 17.56 -16.00
N ALA C 172 37.17 17.39 -14.95
CA ALA C 172 35.74 17.72 -15.01
C ALA C 172 35.24 18.34 -13.70
N VAL C 173 35.63 17.74 -12.56
CA VAL C 173 35.14 18.20 -11.27
C VAL C 173 36.35 18.35 -10.35
N THR C 174 36.34 19.36 -9.50
CA THR C 174 37.34 19.44 -8.44
C THR C 174 36.65 19.30 -7.09
N ILE C 175 37.29 18.52 -6.19
CA ILE C 175 36.79 18.25 -4.86
C ILE C 175 37.91 18.52 -3.87
N ALA C 176 37.60 19.27 -2.81
CA ALA C 176 38.48 19.46 -1.67
C ALA C 176 37.67 19.45 -0.38
N GLU C 177 38.36 19.28 0.75
CA GLU C 177 37.69 19.10 2.03
C GLU C 177 38.47 19.82 3.13
N VAL C 178 37.74 20.53 3.98
CA VAL C 178 38.30 21.09 5.21
C VAL C 178 37.45 20.63 6.38
N LYS C 179 38.09 20.56 7.55
CA LYS C 179 37.39 20.21 8.79
C LYS C 179 36.37 21.30 9.12
N LEU C 180 35.19 20.85 9.57
CA LEU C 180 34.09 21.74 9.90
C LEU C 180 33.91 21.75 11.42
N TYR C 181 33.59 20.58 11.98
CA TYR C 181 33.44 20.37 13.42
C TYR C 181 33.44 18.85 13.63
N GLY C 182 34.05 18.40 14.73
CA GLY C 182 34.21 16.99 15.01
C GLY C 182 34.93 16.31 13.84
N ASP C 183 34.36 15.21 13.35
CA ASP C 183 34.91 14.48 12.22
C ASP C 183 34.10 14.80 10.96
N VAL C 184 33.36 15.91 10.98
CA VAL C 184 32.58 16.35 9.82
C VAL C 184 33.44 17.29 8.98
N VAL C 185 33.33 17.16 7.65
CA VAL C 185 34.12 17.95 6.73
C VAL C 185 33.17 18.79 5.88
N LEU C 186 33.64 20.00 5.53
CA LEU C 186 33.02 20.83 4.51
C LEU C 186 33.70 20.50 3.19
N ARG C 187 32.92 19.99 2.23
CA ARG C 187 33.46 19.58 0.95
C ARG C 187 33.09 20.62 -0.10
N TYR C 188 34.11 21.07 -0.85
CA TYR C 188 33.91 22.01 -1.94
C TYR C 188 33.89 21.23 -3.25
N VAL C 189 32.87 21.49 -4.08
CA VAL C 189 32.73 20.82 -5.36
C VAL C 189 32.60 21.88 -6.45
N SER C 190 33.49 21.83 -7.45
CA SER C 190 33.43 22.76 -8.57
C SER C 190 33.51 21.98 -9.88
N TYR C 191 32.64 22.38 -10.82
CA TYR C 191 32.60 21.85 -12.17
C TYR C 191 33.40 22.76 -13.09
N LYS C 192 34.32 22.17 -13.87
CA LYS C 192 35.14 22.91 -14.80
C LYS C 192 34.26 23.81 -15.67
N ALA C 193 33.14 23.27 -16.15
CA ALA C 193 32.30 23.98 -17.11
C ALA C 193 30.81 23.81 -16.81
N GLU C 194 30.03 24.82 -17.22
CA GLU C 194 28.57 24.81 -17.12
C GLU C 194 27.99 24.10 -18.35
N LYS C 198 27.14 16.87 -15.09
CA LYS C 198 26.42 15.62 -15.43
C LYS C 198 25.49 15.20 -14.29
N SER C 199 24.42 14.47 -14.64
CA SER C 199 23.50 13.91 -13.66
C SER C 199 24.05 12.60 -13.08
N GLU C 200 25.22 12.15 -13.57
CA GLU C 200 25.92 11.03 -12.96
C GLU C 200 26.75 11.53 -11.79
N PHE C 201 26.50 12.78 -11.34
CA PHE C 201 26.94 13.24 -10.03
C PHE C 201 28.44 13.53 -10.06
N LEU C 202 29.25 12.48 -10.05
CA LEU C 202 30.70 12.60 -10.05
C LEU C 202 31.28 11.61 -11.06
N PRO C 203 32.52 11.86 -11.57
CA PRO C 203 33.22 10.88 -12.40
C PRO C 203 33.34 9.53 -11.70
N GLY C 204 32.98 8.47 -12.43
CA GLY C 204 33.15 7.10 -11.96
C GLY C 204 31.83 6.48 -11.48
N PHE C 205 30.81 7.32 -11.30
CA PHE C 205 29.49 6.86 -10.93
C PHE C 205 28.75 6.51 -12.20
N GLU C 206 28.03 5.39 -12.20
CA GLU C 206 27.09 5.06 -13.26
C GLU C 206 25.72 5.52 -12.82
N ARG C 207 24.98 6.08 -13.77
CA ARG C 207 23.59 6.47 -13.56
C ARG C 207 22.76 5.20 -13.51
N VAL C 208 21.78 5.16 -12.59
CA VAL C 208 20.78 4.12 -12.54
C VAL C 208 19.50 4.64 -13.19
N GLU C 209 18.95 3.88 -14.12
CA GLU C 209 17.80 4.32 -14.90
C GLU C 209 16.52 3.84 -14.21
N ASP C 210 15.61 3.23 -14.99
CA ASP C 210 14.28 2.86 -14.54
C ASP C 210 14.37 1.63 -13.63
N ALA C 211 13.39 1.50 -12.73
CA ALA C 211 13.22 0.31 -11.91
C ALA C 211 11.75 0.07 -11.56
N SER C 212 10.87 1.04 -11.87
CA SER C 212 9.50 1.07 -11.36
C SER C 212 8.64 1.93 -12.28
N SER C 213 7.34 1.61 -12.35
CA SER C 213 6.38 2.39 -13.11
C SER C 213 6.16 3.76 -12.47
N PHE C 214 6.19 3.82 -11.13
CA PHE C 214 6.06 5.04 -10.37
C PHE C 214 7.30 5.22 -9.49
N PRO C 215 8.35 5.92 -9.97
CA PRO C 215 9.49 6.25 -9.13
C PRO C 215 9.06 7.09 -7.92
N LEU C 216 9.78 6.93 -6.80
CA LEU C 216 9.34 7.46 -5.52
C LEU C 216 9.62 8.96 -5.44
N ASP C 217 8.65 9.69 -4.87
CA ASP C 217 8.76 11.13 -4.67
C ASP C 217 7.68 11.57 -3.68
N TYR C 218 8.11 12.07 -2.51
CA TYR C 218 7.18 12.53 -1.50
C TYR C 218 7.20 14.05 -1.40
N GLY C 219 7.89 14.72 -2.35
CA GLY C 219 7.83 16.16 -2.48
C GLY C 219 9.02 16.88 -1.85
N ILE C 220 10.01 16.13 -1.34
CA ILE C 220 11.24 16.72 -0.81
C ILE C 220 12.07 17.24 -1.98
N ARG C 221 12.60 18.47 -1.87
CA ARG C 221 13.20 19.15 -3.01
C ARG C 221 14.64 19.60 -2.78
N ARG C 222 15.04 19.93 -1.54
CA ARG C 222 16.42 20.39 -1.34
C ARG C 222 16.79 20.41 0.14
N LEU C 223 18.09 20.61 0.39
CA LEU C 223 18.61 20.80 1.73
C LEU C 223 18.49 22.28 2.12
N ASP C 224 17.79 22.54 3.23
CA ASP C 224 17.53 23.91 3.65
C ASP C 224 18.64 24.38 4.60
N HIS C 225 18.88 23.61 5.65
CA HIS C 225 19.98 23.91 6.55
C HIS C 225 20.49 22.62 7.15
N ALA C 226 21.68 22.73 7.76
CA ALA C 226 22.41 21.60 8.29
C ALA C 226 23.11 22.05 9.57
N VAL C 227 22.72 21.42 10.69
CA VAL C 227 22.99 21.91 12.03
C VAL C 227 24.02 21.00 12.69
N GLY C 228 25.05 21.61 13.28
CA GLY C 228 26.06 20.89 14.03
C GLY C 228 25.94 21.14 15.53
N ASN C 229 26.28 20.12 16.34
CA ASN C 229 26.41 20.29 17.77
C ASN C 229 27.91 20.30 18.10
N VAL C 230 28.28 21.28 18.93
CA VAL C 230 29.66 21.43 19.39
C VAL C 230 29.61 21.65 20.90
N PRO C 231 30.70 21.34 21.63
CA PRO C 231 30.77 21.65 23.07
C PRO C 231 30.73 23.14 23.45
N GLU C 232 31.29 24.01 22.58
CA GLU C 232 31.37 25.45 22.85
C GLU C 232 31.15 26.26 21.57
N LEU C 233 30.02 26.96 21.51
CA LEU C 233 29.60 27.68 20.31
C LEU C 233 30.62 28.73 19.91
N GLY C 234 31.28 29.34 20.91
CA GLY C 234 32.22 30.43 20.68
C GLY C 234 33.35 30.07 19.72
N PRO C 235 34.33 29.24 20.13
CA PRO C 235 35.41 28.82 19.24
C PRO C 235 34.96 28.24 17.90
N ALA C 236 33.80 27.57 17.89
CA ALA C 236 33.29 26.91 16.70
C ALA C 236 32.91 27.94 15.64
N LEU C 237 32.16 28.96 16.05
CA LEU C 237 31.72 30.05 15.18
C LEU C 237 32.93 30.84 14.67
N THR C 238 33.88 31.11 15.58
CA THR C 238 35.07 31.86 15.23
C THR C 238 35.80 31.17 14.09
N TYR C 239 35.89 29.84 14.17
CA TYR C 239 36.62 29.05 13.20
C TYR C 239 35.90 29.09 11.85
N VAL C 240 34.61 28.72 11.80
CA VAL C 240 33.95 28.50 10.52
C VAL C 240 33.80 29.84 9.80
N ALA C 241 33.18 30.84 10.48
CA ALA C 241 33.02 32.18 9.94
C ALA C 241 34.40 32.74 9.55
N GLY C 242 35.41 32.43 10.36
CA GLY C 242 36.77 32.85 10.10
C GLY C 242 37.19 32.52 8.67
N PHE C 243 37.05 31.25 8.27
CA PHE C 243 37.62 30.78 7.01
C PHE C 243 36.64 30.94 5.85
N THR C 244 35.34 31.07 6.11
CA THR C 244 34.36 31.16 5.02
C THR C 244 34.03 32.62 4.72
N GLY C 245 34.02 33.48 5.74
CA GLY C 245 33.45 34.81 5.63
C GLY C 245 31.93 34.78 5.67
N PHE C 246 31.35 33.66 6.18
CA PHE C 246 29.91 33.55 6.32
C PHE C 246 29.49 34.49 7.45
N HIS C 247 28.37 35.18 7.27
CA HIS C 247 27.89 36.14 8.26
C HIS C 247 26.79 35.51 9.12
N GLN C 248 26.58 36.12 10.30
CA GLN C 248 25.61 35.62 11.26
C GLN C 248 24.20 36.04 10.83
N PHE C 249 23.30 35.06 10.76
CA PHE C 249 21.93 35.28 10.34
C PHE C 249 21.07 35.32 11.60
N ALA C 250 20.51 36.49 11.90
CA ALA C 250 19.79 36.72 13.15
C ALA C 250 18.47 35.94 13.16
N GLU C 251 18.12 35.40 14.33
CA GLU C 251 16.82 34.79 14.58
C GLU C 251 15.88 35.79 15.26
N PHE C 252 14.71 36.01 14.66
CA PHE C 252 13.69 36.87 15.25
C PHE C 252 13.11 36.16 16.48
N GLU C 261 14.31 26.45 29.89
CA GLU C 261 14.90 26.95 28.62
C GLU C 261 14.71 25.89 27.52
N SER C 262 15.41 26.05 26.40
CA SER C 262 15.39 25.09 25.31
C SER C 262 16.59 24.14 25.38
N GLY C 263 17.54 24.43 26.26
CA GLY C 263 18.70 23.57 26.48
C GLY C 263 19.89 23.92 25.59
N LEU C 264 19.74 24.87 24.67
CA LEU C 264 20.76 25.09 23.64
C LEU C 264 21.04 26.58 23.43
N ASN C 265 22.29 26.87 23.05
CA ASN C 265 22.69 28.15 22.50
C ASN C 265 23.07 27.98 21.03
N SER C 266 22.45 28.77 20.14
CA SER C 266 22.67 28.60 18.72
C SER C 266 23.16 29.89 18.07
N ALA C 267 23.58 29.76 16.82
CA ALA C 267 23.89 30.89 15.94
C ALA C 267 24.03 30.34 14.53
N VAL C 268 23.44 31.04 13.55
CA VAL C 268 23.40 30.61 12.17
C VAL C 268 24.47 31.34 11.36
N LEU C 269 25.28 30.59 10.61
CA LEU C 269 26.18 31.14 9.60
C LEU C 269 25.55 30.99 8.23
N ALA C 270 25.63 32.06 7.40
CA ALA C 270 25.00 32.08 6.09
C ALA C 270 25.95 32.58 4.99
N SER C 271 25.71 32.09 3.78
CA SER C 271 26.38 32.55 2.57
C SER C 271 25.75 33.88 2.13
N ASN C 272 26.38 34.57 1.17
CA ASN C 272 25.99 35.92 0.78
C ASN C 272 24.49 35.99 0.43
N ASP C 273 24.00 35.00 -0.32
CA ASP C 273 22.60 34.97 -0.72
C ASP C 273 21.76 34.20 0.31
N GLU C 274 22.43 33.69 1.36
CA GLU C 274 21.77 33.04 2.49
C GLU C 274 20.95 31.83 2.04
N MET C 275 21.46 31.10 1.03
CA MET C 275 20.90 29.84 0.57
C MET C 275 21.72 28.66 1.09
N VAL C 276 22.92 28.94 1.64
CA VAL C 276 23.67 27.97 2.40
C VAL C 276 23.63 28.42 3.85
N LEU C 277 23.02 27.58 4.70
CA LEU C 277 22.72 27.92 6.08
C LEU C 277 23.30 26.85 6.98
N LEU C 278 24.15 27.25 7.93
CA LEU C 278 24.85 26.33 8.79
C LEU C 278 24.70 26.75 10.25
N PRO C 279 23.57 26.45 10.92
CA PRO C 279 23.44 26.65 12.36
C PRO C 279 24.40 25.81 13.18
N ILE C 280 24.70 26.28 14.39
CA ILE C 280 25.55 25.53 15.31
C ILE C 280 24.97 25.68 16.71
N ASN C 281 24.94 24.57 17.46
CA ASN C 281 24.43 24.53 18.82
C ASN C 281 25.54 24.14 19.80
N GLU C 282 25.47 24.72 21.01
CA GLU C 282 26.22 24.25 22.15
C GLU C 282 25.23 23.94 23.26
N PRO C 283 25.61 23.15 24.28
CA PRO C 283 24.72 22.86 25.41
C PRO C 283 24.59 24.09 26.31
N VAL C 284 23.39 24.27 26.86
CA VAL C 284 23.19 25.11 28.05
C VAL C 284 23.10 24.14 29.23
N HIS C 285 24.22 23.98 29.94
CA HIS C 285 24.31 23.09 31.09
C HIS C 285 23.59 23.72 32.29
N GLY C 286 23.08 22.87 33.20
CA GLY C 286 22.51 23.32 34.46
C GLY C 286 20.98 23.40 34.45
N THR C 287 20.37 23.34 33.26
CA THR C 287 18.92 23.46 33.12
C THR C 287 18.23 22.37 33.93
N LYS C 288 16.91 22.54 34.12
CA LYS C 288 16.06 21.54 34.76
C LYS C 288 16.24 20.18 34.09
N ARG C 289 15.74 20.07 32.86
CA ARG C 289 15.99 18.88 32.04
C ARG C 289 17.41 18.96 31.49
N LYS C 290 18.02 17.79 31.25
CA LYS C 290 19.34 17.74 30.64
C LYS C 290 19.22 18.28 29.22
N SER C 291 20.28 18.96 28.75
CA SER C 291 20.36 19.46 27.39
C SER C 291 20.42 18.31 26.39
N GLN C 292 19.52 18.32 25.40
CA GLN C 292 19.55 17.35 24.31
C GLN C 292 20.88 17.42 23.57
N ILE C 293 21.49 18.61 23.53
CA ILE C 293 22.77 18.84 22.87
C ILE C 293 23.85 18.03 23.60
N GLN C 294 23.75 18.01 24.94
CA GLN C 294 24.73 17.31 25.75
C GLN C 294 24.58 15.81 25.56
N THR C 295 23.33 15.34 25.45
CA THR C 295 23.04 13.93 25.21
C THR C 295 23.64 13.54 23.87
N TYR C 296 23.47 14.41 22.87
CA TYR C 296 24.02 14.18 21.54
C TYR C 296 25.53 13.99 21.68
N LEU C 297 26.22 14.92 22.34
CA LEU C 297 27.67 14.87 22.44
C LEU C 297 28.11 13.56 23.09
N GLU C 298 27.39 13.10 24.12
CA GLU C 298 27.78 11.90 24.83
C GLU C 298 27.63 10.67 23.92
N HIS C 299 26.45 10.51 23.29
CA HIS C 299 26.16 9.33 22.50
C HIS C 299 26.94 9.30 21.18
N ASN C 300 27.37 10.47 20.69
CA ASN C 300 28.05 10.60 19.41
C ASN C 300 29.58 10.61 19.60
N GLU C 301 30.04 10.59 20.86
CA GLU C 301 31.46 10.66 21.17
C GLU C 301 32.06 11.95 20.59
N GLY C 302 31.35 13.07 20.75
CA GLY C 302 31.90 14.38 20.38
C GLY C 302 30.98 15.18 19.46
N ALA C 303 31.53 16.27 18.93
CA ALA C 303 30.80 17.16 18.05
C ALA C 303 30.46 16.44 16.74
N GLY C 304 29.38 16.89 16.12
CA GLY C 304 28.97 16.33 14.85
C GLY C 304 27.66 16.95 14.39
N LEU C 305 27.16 16.44 13.27
CA LEU C 305 25.97 17.00 12.67
C LEU C 305 24.74 16.45 13.37
N GLN C 306 23.86 17.36 13.81
CA GLN C 306 22.69 16.99 14.60
C GLN C 306 21.48 16.74 13.68
N HIS C 307 21.17 17.68 12.79
CA HIS C 307 20.06 17.45 11.91
C HIS C 307 20.25 18.14 10.56
N LEU C 308 19.42 17.67 9.63
CA LEU C 308 19.32 18.14 8.28
C LEU C 308 17.87 18.55 8.07
N ALA C 309 17.65 19.81 7.67
CA ALA C 309 16.31 20.27 7.37
C ALA C 309 16.10 20.16 5.87
N LEU C 310 15.17 19.30 5.47
CA LEU C 310 14.90 19.07 4.07
C LEU C 310 13.62 19.83 3.73
N MET C 311 13.71 20.64 2.67
CA MET C 311 12.60 21.47 2.24
C MET C 311 11.70 20.64 1.33
N SER C 312 10.38 20.80 1.53
CA SER C 312 9.36 20.15 0.73
C SER C 312 8.54 21.19 0.00
N GLU C 313 8.06 20.86 -1.19
CA GLU C 313 7.12 21.73 -1.89
C GLU C 313 5.77 21.71 -1.18
N ASP C 314 5.49 20.66 -0.39
CA ASP C 314 4.21 20.50 0.28
C ASP C 314 4.34 19.52 1.45
N ILE C 315 4.45 20.07 2.66
CA ILE C 315 4.75 19.27 3.84
C ILE C 315 3.58 18.33 4.14
N PHE C 316 2.36 18.72 3.76
CA PHE C 316 1.18 17.88 3.97
C PHE C 316 1.33 16.59 3.17
N ARG C 317 1.75 16.72 1.91
CA ARG C 317 2.02 15.60 1.02
C ARG C 317 3.12 14.70 1.61
N THR C 318 4.27 15.30 1.95
CA THR C 318 5.43 14.56 2.42
C THR C 318 5.09 13.78 3.68
N LEU C 319 4.34 14.40 4.59
CA LEU C 319 4.11 13.82 5.90
C LEU C 319 3.10 12.68 5.81
N ARG C 320 2.09 12.84 4.95
CA ARG C 320 1.16 11.76 4.69
C ARG C 320 1.93 10.52 4.21
N GLU C 321 2.86 10.72 3.27
CA GLU C 321 3.66 9.63 2.70
C GLU C 321 4.60 9.05 3.75
N MET C 322 5.28 9.89 4.52
CA MET C 322 6.30 9.39 5.44
C MET C 322 5.65 8.72 6.65
N ARG C 323 4.47 9.18 7.07
CA ARG C 323 3.81 8.64 8.25
C ARG C 323 3.23 7.26 7.96
N LYS C 324 2.60 7.09 6.79
CA LYS C 324 2.13 5.79 6.33
C LYS C 324 3.22 4.72 6.43
N ARG C 325 4.49 5.10 6.31
CA ARG C 325 5.55 4.13 6.18
C ARG C 325 6.31 3.95 7.49
N SER C 326 5.93 4.71 8.52
CA SER C 326 6.64 4.71 9.79
C SER C 326 6.82 3.29 10.35
N SER C 327 5.78 2.46 10.24
CA SER C 327 5.78 1.16 10.87
C SER C 327 6.12 0.05 9.87
N ILE C 328 6.45 0.44 8.62
CA ILE C 328 6.79 -0.51 7.58
C ILE C 328 8.12 -0.11 6.95
N GLY C 329 9.07 0.28 7.82
CA GLY C 329 10.45 0.45 7.40
C GLY C 329 10.89 1.91 7.31
N GLY C 330 9.92 2.84 7.40
CA GLY C 330 10.16 4.27 7.27
C GLY C 330 10.70 4.89 8.55
N PHE C 331 10.52 6.21 8.69
CA PHE C 331 11.00 6.94 9.86
C PHE C 331 9.84 7.23 10.82
N ASP C 332 10.19 7.28 12.11
CA ASP C 332 9.23 7.63 13.14
C ASP C 332 9.29 9.13 13.38
N PHE C 333 8.22 9.68 13.97
CA PHE C 333 8.14 11.10 14.27
C PHE C 333 8.03 11.33 15.77
N MET C 334 8.43 12.53 16.17
CA MET C 334 8.39 12.93 17.57
C MET C 334 6.94 13.06 18.00
N PRO C 335 6.60 12.82 19.28
CA PRO C 335 5.22 12.97 19.77
C PRO C 335 4.65 14.34 19.38
N SER C 336 3.40 14.33 18.94
CA SER C 336 2.72 15.52 18.45
C SER C 336 2.48 16.50 19.59
N PRO C 337 2.26 17.80 19.28
CA PRO C 337 1.76 18.76 20.28
C PRO C 337 0.37 18.40 20.79
N PRO C 338 -0.05 18.90 21.97
CA PRO C 338 -1.42 18.71 22.42
C PRO C 338 -2.39 19.45 21.52
N PRO C 339 -3.68 19.04 21.49
CA PRO C 339 -4.69 19.76 20.72
C PRO C 339 -4.83 21.26 20.98
N THR C 340 -4.36 21.74 22.15
CA THR C 340 -4.39 23.16 22.48
C THR C 340 -3.51 23.96 21.52
N TYR C 341 -2.40 23.37 21.06
CA TYR C 341 -1.49 24.03 20.15
C TYR C 341 -2.21 24.42 18.85
N TYR C 342 -3.10 23.53 18.39
CA TYR C 342 -3.77 23.72 17.11
C TYR C 342 -4.94 24.67 17.29
N GLN C 343 -5.46 24.75 18.51
CA GLN C 343 -6.53 25.70 18.82
C GLN C 343 -5.97 27.13 18.80
N ASN C 344 -4.67 27.28 19.07
CA ASN C 344 -4.04 28.58 19.09
C ASN C 344 -3.47 28.98 17.72
N LEU C 345 -3.56 28.12 16.71
CA LEU C 345 -2.93 28.43 15.44
C LEU C 345 -3.68 29.56 14.75
N LYS C 346 -5.02 29.52 14.73
CA LYS C 346 -5.79 30.50 13.98
C LYS C 346 -5.46 31.92 14.43
N LYS C 347 -5.25 32.12 15.73
CA LYS C 347 -4.93 33.44 16.24
C LYS C 347 -3.51 33.83 15.82
N ARG C 348 -2.62 32.84 15.65
CA ARG C 348 -1.22 33.09 15.34
C ARG C 348 -0.97 33.20 13.84
N VAL C 349 -1.64 32.36 13.04
CA VAL C 349 -1.30 32.18 11.64
C VAL C 349 -2.55 32.04 10.75
N GLY C 350 -3.73 32.38 11.26
CA GLY C 350 -4.97 32.22 10.52
C GLY C 350 -5.13 33.25 9.39
N ASP C 351 -4.17 34.17 9.26
CA ASP C 351 -4.08 35.04 8.10
C ASP C 351 -3.30 34.37 6.97
N VAL C 352 -2.59 33.27 7.27
CA VAL C 352 -1.70 32.64 6.31
C VAL C 352 -2.17 31.22 6.01
N LEU C 353 -2.69 30.50 7.01
CA LEU C 353 -3.23 29.16 6.81
C LEU C 353 -4.75 29.21 6.90
N SER C 354 -5.40 28.42 6.03
CA SER C 354 -6.84 28.23 6.10
C SER C 354 -7.16 27.28 7.26
N ASP C 355 -8.46 27.16 7.57
CA ASP C 355 -8.93 26.28 8.62
C ASP C 355 -8.60 24.83 8.27
N ASP C 356 -8.83 24.44 7.01
CA ASP C 356 -8.53 23.09 6.57
C ASP C 356 -7.04 22.78 6.72
N GLN C 357 -6.17 23.79 6.59
CA GLN C 357 -4.73 23.56 6.68
C GLN C 357 -4.28 23.42 8.12
N ILE C 358 -4.99 24.08 9.05
CA ILE C 358 -4.69 23.95 10.47
C ILE C 358 -5.12 22.56 10.94
N LYS C 359 -6.28 22.07 10.47
CA LYS C 359 -6.70 20.70 10.75
C LYS C 359 -5.65 19.71 10.25
N GLU C 360 -5.10 19.94 9.05
CA GLU C 360 -4.10 19.06 8.47
C GLU C 360 -2.84 19.04 9.35
N CYS C 361 -2.41 20.22 9.81
CA CYS C 361 -1.29 20.32 10.73
C CYS C 361 -1.56 19.47 11.98
N GLU C 362 -2.82 19.45 12.43
CA GLU C 362 -3.18 18.74 13.64
C GLU C 362 -3.11 17.23 13.41
N GLU C 363 -3.63 16.78 12.27
CA GLU C 363 -3.67 15.37 11.94
C GLU C 363 -2.26 14.81 11.69
N LEU C 364 -1.30 15.67 11.32
CA LEU C 364 0.02 15.20 10.95
C LEU C 364 1.07 15.56 11.99
N GLY C 365 0.67 16.33 13.01
CA GLY C 365 1.55 16.71 14.11
C GLY C 365 2.58 17.77 13.71
N ILE C 366 2.20 18.65 12.77
CA ILE C 366 3.09 19.66 12.21
C ILE C 366 3.12 20.91 13.08
N LEU C 367 4.33 21.42 13.36
CA LEU C 367 4.53 22.66 14.08
C LEU C 367 4.55 23.83 13.11
N VAL C 368 4.11 25.00 13.58
CA VAL C 368 4.09 26.21 12.76
C VAL C 368 4.69 27.36 13.57
N ASP C 369 5.71 28.02 13.00
CA ASP C 369 6.26 29.22 13.58
C ASP C 369 6.21 30.34 12.55
N ARG C 370 6.39 31.57 13.03
CA ARG C 370 6.29 32.76 12.22
C ARG C 370 7.40 33.71 12.64
N ASP C 371 7.84 34.56 11.70
CA ASP C 371 8.72 35.67 12.03
C ASP C 371 8.25 36.93 11.30
N ASP C 372 9.15 37.92 11.22
CA ASP C 372 8.92 39.18 10.52
C ASP C 372 8.49 38.93 9.07
N GLN C 373 9.21 38.03 8.40
CA GLN C 373 9.15 37.93 6.94
C GLN C 373 8.21 36.82 6.48
N GLY C 374 8.02 35.75 7.26
CA GLY C 374 7.21 34.65 6.74
C GLY C 374 6.87 33.58 7.78
N THR C 375 6.41 32.43 7.27
CA THR C 375 5.85 31.38 8.09
C THR C 375 6.51 30.05 7.73
N LEU C 376 6.74 29.23 8.75
CA LEU C 376 7.49 27.99 8.63
C LEU C 376 6.61 26.84 9.11
N LEU C 377 6.47 25.79 8.30
CA LEU C 377 5.85 24.54 8.75
C LEU C 377 6.95 23.51 8.93
N GLN C 378 6.96 22.81 10.07
CA GLN C 378 8.07 21.91 10.37
C GLN C 378 7.61 20.69 11.17
N ILE C 379 8.43 19.65 11.10
CA ILE C 379 8.27 18.46 11.92
C ILE C 379 9.62 17.76 11.98
N PHE C 380 9.84 16.98 13.05
CA PHE C 380 11.10 16.31 13.30
C PHE C 380 10.88 14.81 13.45
N THR C 381 11.79 14.03 12.86
CA THR C 381 11.80 12.58 13.01
C THR C 381 12.46 12.20 14.34
N LYS C 382 12.23 10.95 14.76
CA LYS C 382 13.08 10.32 15.76
C LYS C 382 14.45 10.09 15.15
N PRO C 383 15.48 9.75 15.95
CA PRO C 383 16.80 9.47 15.38
C PRO C 383 16.72 8.48 14.20
N LEU C 384 17.62 8.65 13.22
CA LEU C 384 17.59 7.89 11.99
C LEU C 384 18.18 6.50 12.22
N GLY C 385 19.07 6.38 13.21
CA GLY C 385 19.74 5.14 13.52
C GLY C 385 19.66 4.79 15.00
N ASP C 386 20.57 3.94 15.46
CA ASP C 386 20.49 3.33 16.78
C ASP C 386 20.70 4.38 17.88
N ARG C 387 21.56 5.37 17.60
CA ARG C 387 21.95 6.32 18.61
C ARG C 387 21.01 7.52 18.63
N PRO C 388 20.75 8.15 19.80
CA PRO C 388 19.95 9.37 19.83
C PRO C 388 20.78 10.59 19.41
N THR C 389 21.22 10.58 18.15
CA THR C 389 22.11 11.61 17.64
C THR C 389 21.43 12.35 16.49
N ILE C 390 21.56 11.81 15.27
CA ILE C 390 21.13 12.53 14.07
C ILE C 390 19.66 12.29 13.83
N PHE C 391 18.93 13.35 13.47
CA PHE C 391 17.53 13.26 13.11
C PHE C 391 17.34 14.11 11.86
N ILE C 392 16.11 14.09 11.32
CA ILE C 392 15.73 14.85 10.14
C ILE C 392 14.55 15.76 10.48
N GLU C 393 14.61 16.97 9.92
CA GLU C 393 13.53 17.94 9.98
C GLU C 393 12.97 18.10 8.56
N ILE C 394 11.64 18.09 8.44
CA ILE C 394 10.96 18.43 7.20
C ILE C 394 10.37 19.82 7.40
N ILE C 395 10.65 20.74 6.46
CA ILE C 395 10.19 22.10 6.59
C ILE C 395 9.48 22.54 5.31
N GLN C 396 8.59 23.52 5.46
CA GLN C 396 8.08 24.26 4.32
C GLN C 396 8.02 25.73 4.71
N ARG C 397 8.55 26.60 3.83
CA ARG C 397 8.59 28.03 4.06
C ARG C 397 7.51 28.74 3.26
N VAL C 398 6.76 29.64 3.90
CA VAL C 398 5.71 30.41 3.25
C VAL C 398 6.10 31.89 3.28
N GLY C 399 6.00 32.54 2.11
CA GLY C 399 6.20 33.99 1.98
C GLY C 399 7.54 34.33 1.35
N CYS C 400 7.97 35.59 1.56
CA CYS C 400 9.24 36.12 1.10
C CYS C 400 9.49 35.86 -0.39
N MET C 401 8.46 36.05 -1.21
CA MET C 401 8.58 35.81 -2.64
C MET C 401 8.99 37.11 -3.35
N MET C 402 10.30 37.30 -3.52
CA MET C 402 10.82 38.48 -4.19
C MET C 402 11.18 38.13 -5.63
N LYS C 403 11.80 39.10 -6.32
CA LYS C 403 12.18 39.00 -7.72
C LYS C 403 13.62 39.48 -7.86
N ASP C 404 14.37 38.90 -8.81
CA ASP C 404 15.79 39.18 -8.94
C ASP C 404 16.04 40.21 -10.04
N GLU C 405 17.26 40.21 -10.61
CA GLU C 405 17.71 41.22 -11.56
C GLU C 405 17.32 40.85 -13.00
N GLU C 406 17.26 39.55 -13.30
CA GLU C 406 16.82 39.07 -14.61
C GLU C 406 15.29 39.15 -14.71
N GLY C 407 14.61 39.30 -13.58
CA GLY C 407 13.16 39.49 -13.53
C GLY C 407 12.41 38.25 -13.05
N LYS C 408 13.12 37.31 -12.41
CA LYS C 408 12.54 36.04 -11.98
C LYS C 408 12.25 36.08 -10.48
N ALA C 409 11.15 35.44 -10.09
CA ALA C 409 10.79 35.32 -8.68
C ALA C 409 11.64 34.24 -8.00
N TYR C 410 12.08 34.56 -6.78
CA TYR C 410 12.75 33.59 -5.91
C TYR C 410 12.13 33.70 -4.52
N GLN C 411 12.61 32.88 -3.58
CA GLN C 411 12.23 32.98 -2.18
C GLN C 411 13.47 33.23 -1.33
N SER C 412 13.39 34.24 -0.44
CA SER C 412 14.48 34.54 0.46
C SER C 412 14.84 33.30 1.28
N GLY C 413 16.13 32.99 1.36
CA GLY C 413 16.61 31.94 2.25
C GLY C 413 16.33 32.29 3.70
N GLY C 414 15.75 31.35 4.45
CA GLY C 414 15.53 31.50 5.88
C GLY C 414 14.15 32.07 6.19
N CYS C 415 13.30 32.15 5.17
CA CYS C 415 11.97 32.70 5.30
C CYS C 415 11.16 31.98 6.37
N GLY C 416 10.89 32.66 7.48
CA GLY C 416 10.11 32.11 8.59
C GLY C 416 10.99 31.69 9.76
N GLY C 417 12.31 31.77 9.58
CA GLY C 417 13.26 31.43 10.62
C GLY C 417 13.49 29.92 10.69
N PHE C 418 13.72 29.42 11.90
CA PHE C 418 14.07 28.02 12.12
C PHE C 418 13.21 27.40 13.22
N GLY C 419 12.18 28.11 13.67
CA GLY C 419 11.18 27.57 14.58
C GLY C 419 11.53 27.72 16.06
N LYS C 420 12.40 28.67 16.40
CA LYS C 420 12.78 28.93 17.79
C LYS C 420 11.57 29.35 18.64
N GLY C 421 10.52 29.87 18.01
CA GLY C 421 9.31 30.26 18.72
C GLY C 421 8.55 29.06 19.25
N ASN C 422 8.76 27.88 18.66
CA ASN C 422 7.93 26.72 18.95
C ASN C 422 8.27 26.10 20.30
N PHE C 423 9.51 26.23 20.77
CA PHE C 423 9.86 25.73 22.09
C PHE C 423 8.92 26.35 23.11
N SER C 424 8.71 27.66 23.00
CA SER C 424 7.84 28.41 23.88
C SER C 424 6.37 28.07 23.63
N GLU C 425 5.95 28.13 22.36
CA GLU C 425 4.56 27.86 22.00
C GLU C 425 4.16 26.42 22.34
N LEU C 426 5.14 25.51 22.49
CA LEU C 426 4.87 24.12 22.81
C LEU C 426 4.62 23.96 24.31
N PHE C 427 5.44 24.63 25.14
CA PHE C 427 5.27 24.60 26.59
C PHE C 427 3.96 25.28 26.99
N LYS C 428 3.62 26.39 26.33
CA LYS C 428 2.38 27.09 26.62
C LYS C 428 1.20 26.17 26.35
N SER C 429 1.26 25.41 25.25
CA SER C 429 0.12 24.61 24.80
C SER C 429 -0.11 23.44 25.76
N ILE C 430 0.96 22.93 26.38
CA ILE C 430 0.90 21.78 27.28
C ILE C 430 0.35 22.22 28.63
N GLU C 431 0.75 23.41 29.11
CA GLU C 431 0.25 23.94 30.37
C GLU C 431 -1.23 24.29 30.25
N GLU C 432 -1.69 24.61 29.03
CA GLU C 432 -3.09 24.92 28.78
C GLU C 432 -3.92 23.64 28.67
N TYR C 433 -3.27 22.53 28.30
CA TYR C 433 -3.95 21.25 28.15
C TYR C 433 -4.32 20.67 29.51
N GLU C 434 -3.87 21.32 30.60
CA GLU C 434 -4.30 20.95 31.95
C GLU C 434 -5.83 20.88 32.05
N LYS C 435 -6.56 21.82 31.40
CA LYS C 435 -8.01 21.77 31.33
C LYS C 435 -8.52 22.47 30.06
N PHE D 28 13.94 -50.55 -11.84
CA PHE D 28 13.83 -49.09 -11.51
C PHE D 28 15.10 -48.67 -10.75
N SER D 29 15.00 -47.54 -10.05
CA SER D 29 16.08 -47.03 -9.22
C SER D 29 15.57 -46.82 -7.79
N LYS D 30 16.47 -46.90 -6.81
CA LYS D 30 16.12 -46.73 -5.41
C LYS D 30 17.25 -45.96 -4.71
N PHE D 31 16.87 -45.04 -3.83
CA PHE D 31 17.82 -44.28 -3.03
C PHE D 31 17.57 -44.62 -1.57
N VAL D 32 18.59 -45.18 -0.90
CA VAL D 32 18.47 -45.60 0.48
C VAL D 32 19.20 -44.58 1.34
N ARG D 33 18.54 -44.12 2.40
CA ARG D 33 19.07 -43.12 3.32
C ARG D 33 19.37 -43.79 4.65
N LYS D 34 20.48 -43.37 5.28
CA LYS D 34 20.83 -43.83 6.62
C LYS D 34 20.68 -42.69 7.62
N ASN D 35 20.26 -43.05 8.85
CA ASN D 35 20.19 -42.12 9.98
C ASN D 35 20.57 -42.85 11.26
N PRO D 36 21.83 -42.72 11.74
CA PRO D 36 22.24 -43.33 13.01
C PRO D 36 21.73 -42.68 14.28
N LYS D 37 21.14 -41.48 14.17
CA LYS D 37 20.64 -40.75 15.32
C LYS D 37 21.71 -40.66 16.40
N SER D 38 22.85 -40.08 16.00
CA SER D 38 24.05 -40.00 16.82
C SER D 38 24.21 -38.64 17.51
N ASP D 39 23.16 -37.81 17.52
CA ASP D 39 23.20 -36.54 18.25
C ASP D 39 23.62 -36.80 19.70
N LYS D 40 24.64 -36.06 20.17
CA LYS D 40 25.24 -36.27 21.48
C LYS D 40 24.45 -35.54 22.58
N PHE D 41 23.48 -34.71 22.19
CA PHE D 41 22.58 -34.08 23.13
C PHE D 41 21.26 -33.81 22.41
N LYS D 42 20.22 -33.50 23.18
CA LYS D 42 18.90 -33.35 22.60
C LYS D 42 18.79 -31.98 21.94
N VAL D 43 18.45 -31.97 20.65
CA VAL D 43 18.29 -30.76 19.88
C VAL D 43 16.85 -30.68 19.37
N LYS D 44 16.23 -29.50 19.46
CA LYS D 44 14.80 -29.38 19.22
C LYS D 44 14.55 -28.76 17.86
N ARG D 45 14.98 -27.51 17.67
CA ARG D 45 14.73 -26.79 16.43
C ARG D 45 15.70 -25.63 16.33
N PHE D 46 15.71 -24.95 15.18
CA PHE D 46 16.38 -23.67 15.07
C PHE D 46 15.60 -22.64 15.88
N HIS D 47 16.31 -21.82 16.67
CA HIS D 47 15.66 -20.88 17.57
C HIS D 47 15.66 -19.47 16.96
N HIS D 48 16.85 -18.94 16.64
CA HIS D 48 16.95 -17.63 15.99
C HIS D 48 18.27 -17.51 15.22
N ILE D 49 18.33 -16.48 14.37
CA ILE D 49 19.57 -16.04 13.74
C ILE D 49 19.88 -14.63 14.21
N GLU D 50 21.13 -14.41 14.66
CA GLU D 50 21.61 -13.10 15.07
C GLU D 50 22.58 -12.54 14.02
N PHE D 51 22.17 -11.45 13.38
CA PHE D 51 23.06 -10.63 12.55
C PHE D 51 23.76 -9.57 13.40
N TRP D 52 25.06 -9.41 13.16
CA TRP D 52 25.82 -8.30 13.71
C TRP D 52 26.02 -7.25 12.62
N CYS D 53 25.51 -6.05 12.91
CA CYS D 53 25.48 -4.97 11.95
C CYS D 53 26.27 -3.80 12.52
N GLY D 54 26.29 -2.72 11.75
CA GLY D 54 26.80 -1.45 12.26
C GLY D 54 25.67 -0.62 12.85
N ASP D 55 24.53 -0.61 12.13
CA ASP D 55 23.32 0.06 12.58
C ASP D 55 22.19 -0.95 12.53
N ALA D 56 21.74 -1.41 13.70
CA ALA D 56 20.72 -2.44 13.80
C ALA D 56 19.39 -1.92 13.27
N THR D 57 19.14 -0.62 13.48
CA THR D 57 17.86 0.00 13.14
C THR D 57 17.60 -0.09 11.65
N ASN D 58 18.56 0.38 10.83
CA ASN D 58 18.36 0.45 9.38
C ASN D 58 18.27 -0.94 8.75
N VAL D 59 19.15 -1.86 9.19
CA VAL D 59 19.09 -3.22 8.67
C VAL D 59 17.76 -3.86 9.05
N ALA D 60 17.35 -3.75 10.34
CA ALA D 60 16.11 -4.37 10.78
C ALA D 60 14.90 -3.77 10.05
N ARG D 61 14.90 -2.45 9.86
CA ARG D 61 13.80 -1.78 9.18
C ARG D 61 13.69 -2.28 7.75
N ARG D 62 14.86 -2.46 7.10
CA ARG D 62 14.95 -2.87 5.72
C ARG D 62 14.46 -4.30 5.56
N PHE D 63 15.00 -5.20 6.39
CA PHE D 63 14.60 -6.59 6.38
C PHE D 63 13.11 -6.73 6.69
N SER D 64 12.62 -5.97 7.66
CA SER D 64 11.25 -6.06 8.08
C SER D 64 10.33 -5.88 6.87
N TRP D 65 10.60 -4.83 6.07
CA TRP D 65 9.80 -4.44 4.93
C TRP D 65 10.02 -5.39 3.76
N GLY D 66 11.29 -5.79 3.56
CA GLY D 66 11.69 -6.63 2.45
C GLY D 66 11.15 -8.07 2.55
N LEU D 67 11.06 -8.61 3.78
CA LEU D 67 10.70 -10.01 4.00
C LEU D 67 9.30 -10.16 4.56
N GLY D 68 8.72 -9.08 5.09
CA GLY D 68 7.42 -9.12 5.75
C GLY D 68 7.52 -9.78 7.12
N MET D 69 8.46 -9.30 7.93
CA MET D 69 8.66 -9.79 9.29
C MET D 69 8.25 -8.69 10.27
N ARG D 70 7.48 -9.04 11.31
CA ARG D 70 6.96 -8.04 12.23
C ARG D 70 8.00 -7.76 13.31
N PHE D 71 8.07 -6.49 13.76
CA PHE D 71 8.86 -6.06 14.90
C PHE D 71 8.25 -6.61 16.19
N SER D 72 8.92 -7.53 16.88
CA SER D 72 8.27 -8.28 17.93
C SER D 72 8.91 -8.04 19.30
N ALA D 73 10.19 -7.66 19.35
CA ALA D 73 10.84 -7.41 20.63
C ALA D 73 12.11 -6.57 20.46
N LYS D 74 12.54 -5.92 21.55
CA LYS D 74 13.72 -5.06 21.53
C LYS D 74 14.41 -5.02 22.89
N SER D 75 15.71 -4.77 22.83
CA SER D 75 16.50 -4.43 24.01
C SER D 75 17.51 -3.36 23.59
N ASP D 76 17.26 -2.12 24.02
CA ASP D 76 18.04 -0.97 23.58
C ASP D 76 18.02 0.06 24.71
N LEU D 77 18.38 1.32 24.39
CA LEU D 77 18.34 2.41 25.36
C LEU D 77 16.92 2.64 25.89
N SER D 78 15.90 2.42 25.06
CA SER D 78 14.53 2.64 25.50
C SER D 78 14.05 1.56 26.47
N THR D 79 14.87 0.52 26.72
CA THR D 79 14.50 -0.53 27.66
C THR D 79 15.48 -0.55 28.82
N GLY D 80 16.58 0.21 28.73
CA GLY D 80 17.55 0.28 29.81
C GLY D 80 18.93 -0.19 29.39
N ASN D 81 19.05 -0.69 28.15
CA ASN D 81 20.27 -1.33 27.69
C ASN D 81 21.21 -0.25 27.16
N MET D 82 22.36 -0.12 27.83
CA MET D 82 23.36 0.90 27.53
C MET D 82 24.52 0.31 26.74
N VAL D 83 24.43 -0.99 26.42
CA VAL D 83 25.57 -1.70 25.86
C VAL D 83 25.34 -1.98 24.37
N HIS D 84 24.16 -2.49 24.02
CA HIS D 84 23.88 -2.88 22.65
C HIS D 84 22.42 -2.61 22.33
N ALA D 85 22.16 -2.31 21.04
CA ALA D 85 20.81 -2.25 20.53
C ALA D 85 20.51 -3.55 19.80
N SER D 86 19.42 -4.23 20.19
CA SER D 86 19.04 -5.50 19.58
C SER D 86 17.56 -5.47 19.22
N TYR D 87 17.24 -5.72 17.96
CA TYR D 87 15.86 -5.72 17.49
C TYR D 87 15.56 -7.10 16.93
N LEU D 88 14.44 -7.69 17.39
CA LEU D 88 13.99 -8.98 16.95
C LEU D 88 12.89 -8.80 15.93
N LEU D 89 12.99 -9.51 14.79
CA LEU D 89 11.88 -9.62 13.85
C LEU D 89 11.46 -11.10 13.83
N THR D 90 10.17 -11.34 13.60
CA THR D 90 9.63 -12.69 13.56
C THR D 90 8.64 -12.83 12.40
N SER D 91 8.54 -14.07 11.88
CA SER D 91 7.54 -14.41 10.88
C SER D 91 7.24 -15.91 10.99
N GLY D 92 6.06 -16.23 11.55
CA GLY D 92 5.80 -17.55 12.10
C GLY D 92 6.80 -17.86 13.21
N ASP D 93 7.64 -18.88 12.99
CA ASP D 93 8.62 -19.35 13.95
C ASP D 93 10.01 -18.81 13.61
N LEU D 94 10.14 -18.10 12.49
CA LEU D 94 11.42 -17.52 12.10
C LEU D 94 11.72 -16.32 13.00
N ARG D 95 12.92 -16.31 13.59
CA ARG D 95 13.37 -15.23 14.46
C ARG D 95 14.71 -14.70 13.98
N PHE D 96 14.72 -13.40 13.64
CA PHE D 96 15.88 -12.68 13.13
C PHE D 96 16.25 -11.57 14.10
N LEU D 97 17.45 -11.64 14.64
CA LEU D 97 17.92 -10.71 15.64
C LEU D 97 19.04 -9.86 15.03
N PHE D 98 18.87 -8.54 15.09
CA PHE D 98 19.85 -7.60 14.60
C PHE D 98 20.41 -6.82 15.78
N THR D 99 21.74 -6.76 15.88
CA THR D 99 22.40 -6.26 17.06
C THR D 99 23.56 -5.36 16.63
N ALA D 100 23.67 -4.18 17.26
CA ALA D 100 24.83 -3.34 17.09
C ALA D 100 25.27 -2.75 18.44
N PRO D 101 26.55 -2.36 18.57
CA PRO D 101 27.06 -1.80 19.82
C PRO D 101 26.84 -0.29 19.93
N TYR D 102 26.57 0.18 21.15
CA TYR D 102 26.68 1.60 21.45
C TYR D 102 28.13 1.90 21.81
N SER D 103 28.44 3.19 21.96
CA SER D 103 29.73 3.63 22.44
C SER D 103 30.02 3.01 23.80
N PRO D 104 31.22 2.44 24.01
CA PRO D 104 31.63 1.96 25.34
C PRO D 104 31.50 2.98 26.45
N SER D 105 31.56 4.27 26.10
CA SER D 105 31.57 5.34 27.08
C SER D 105 30.25 5.45 27.84
N LEU D 106 29.16 4.91 27.28
CA LEU D 106 27.86 5.02 27.91
C LEU D 106 27.80 4.17 29.18
N SER D 107 28.61 3.10 29.23
CA SER D 107 28.54 2.13 30.31
C SER D 107 29.90 2.03 31.00
N ALA D 108 30.52 3.20 31.23
CA ALA D 108 31.85 3.25 31.85
C ALA D 108 31.75 2.99 33.36
N GLY D 109 30.59 3.31 33.98
CA GLY D 109 30.37 3.10 35.40
C GLY D 109 30.15 1.63 35.72
N THR D 114 26.74 -5.73 37.16
CA THR D 114 25.51 -6.12 36.45
C THR D 114 25.26 -5.14 35.30
N THR D 115 25.87 -5.43 34.15
CA THR D 115 25.69 -4.67 32.93
C THR D 115 24.20 -4.66 32.54
N THR D 116 23.80 -3.63 31.78
CA THR D 116 22.44 -3.50 31.29
C THR D 116 22.23 -4.32 30.02
N ALA D 117 23.26 -5.08 29.62
CA ALA D 117 23.21 -5.96 28.45
C ALA D 117 22.29 -7.16 28.70
N SER D 118 21.47 -7.47 27.69
CA SER D 118 20.54 -8.58 27.74
C SER D 118 21.14 -9.85 27.15
N ILE D 119 22.08 -9.68 26.19
CA ILE D 119 22.77 -10.83 25.64
C ILE D 119 24.15 -10.92 26.32
N PRO D 120 24.35 -11.89 27.22
CA PRO D 120 25.57 -11.89 28.04
C PRO D 120 26.84 -12.15 27.24
N SER D 121 26.69 -12.74 26.04
CA SER D 121 27.84 -13.04 25.21
C SER D 121 28.36 -11.79 24.50
N PHE D 122 27.59 -10.70 24.53
CA PHE D 122 27.89 -9.55 23.70
C PHE D 122 29.19 -8.88 24.15
N ASP D 123 29.96 -8.42 23.17
CA ASP D 123 31.24 -7.78 23.42
C ASP D 123 31.44 -6.66 22.39
N HIS D 124 31.62 -5.42 22.87
CA HIS D 124 31.83 -4.26 22.03
C HIS D 124 32.91 -4.55 20.99
N GLY D 125 34.09 -4.96 21.48
CA GLY D 125 35.25 -5.22 20.65
C GLY D 125 34.94 -6.25 19.57
N SER D 126 34.29 -7.34 19.97
CA SER D 126 34.00 -8.46 19.06
C SER D 126 33.05 -8.02 17.96
N CYS D 127 32.05 -7.20 18.31
CA CYS D 127 31.05 -6.78 17.35
C CYS D 127 31.70 -5.86 16.32
N ARG D 128 32.48 -4.88 16.78
CA ARG D 128 33.14 -3.93 15.90
C ARG D 128 34.09 -4.70 14.98
N SER D 129 34.94 -5.53 15.59
CA SER D 129 35.93 -6.28 14.86
C SER D 129 35.26 -7.16 13.81
N PHE D 130 34.14 -7.80 14.16
CA PHE D 130 33.42 -8.67 13.25
C PHE D 130 32.94 -7.89 12.04
N PHE D 131 32.24 -6.78 12.32
CA PHE D 131 31.59 -6.00 11.27
C PHE D 131 32.63 -5.34 10.37
N SER D 132 33.75 -4.88 10.97
CA SER D 132 34.85 -4.31 10.22
C SER D 132 35.45 -5.33 9.26
N SER D 133 35.54 -6.59 9.72
CA SER D 133 36.19 -7.63 8.94
C SER D 133 35.26 -8.18 7.87
N HIS D 134 33.99 -8.38 8.21
CA HIS D 134 33.09 -9.20 7.40
C HIS D 134 32.00 -8.38 6.73
N GLY D 135 31.74 -7.17 7.24
CA GLY D 135 30.53 -6.45 6.89
C GLY D 135 29.31 -7.14 7.51
N LEU D 136 28.12 -6.81 7.00
CA LEU D 136 26.88 -7.34 7.50
C LEU D 136 26.89 -8.85 7.36
N GLY D 137 26.57 -9.58 8.45
CA GLY D 137 26.54 -11.04 8.37
C GLY D 137 25.97 -11.68 9.64
N VAL D 138 25.75 -12.99 9.55
CA VAL D 138 25.28 -13.79 10.66
C VAL D 138 26.43 -14.03 11.61
N ARG D 139 26.24 -13.61 12.87
CA ARG D 139 27.15 -13.93 13.96
C ARG D 139 26.80 -15.30 14.57
N ALA D 140 25.52 -15.61 14.69
CA ALA D 140 25.09 -16.71 15.54
C ALA D 140 23.95 -17.46 14.87
N VAL D 141 24.10 -18.79 14.80
CA VAL D 141 23.03 -19.73 14.51
C VAL D 141 22.61 -20.36 15.84
N ALA D 142 21.35 -20.14 16.23
CA ALA D 142 20.87 -20.51 17.54
C ALA D 142 19.88 -21.66 17.44
N ILE D 143 20.12 -22.71 18.22
CA ILE D 143 19.25 -23.86 18.24
C ILE D 143 18.70 -24.03 19.65
N GLU D 144 17.41 -24.33 19.75
CA GLU D 144 16.82 -24.70 21.03
C GLU D 144 17.28 -26.13 21.37
N VAL D 145 18.00 -26.26 22.49
CA VAL D 145 18.35 -27.55 23.02
C VAL D 145 17.65 -27.74 24.36
N GLU D 146 17.80 -28.93 24.94
CA GLU D 146 17.07 -29.27 26.16
C GLU D 146 17.81 -28.71 27.37
N ASP D 147 19.14 -28.68 27.30
CA ASP D 147 19.95 -28.13 28.38
C ASP D 147 21.22 -27.54 27.78
N ALA D 148 21.35 -26.22 27.84
CA ALA D 148 22.47 -25.51 27.23
C ALA D 148 23.77 -25.81 27.97
N GLU D 149 23.71 -25.88 29.30
CA GLU D 149 24.88 -26.22 30.09
C GLU D 149 25.43 -27.58 29.64
N SER D 150 24.51 -28.56 29.53
CA SER D 150 24.83 -29.90 29.08
C SER D 150 25.34 -29.90 27.64
N ALA D 151 24.57 -29.29 26.73
CA ALA D 151 24.97 -29.21 25.33
C ALA D 151 26.38 -28.63 25.19
N PHE D 152 26.72 -27.67 26.05
CA PHE D 152 27.98 -26.98 25.97
C PHE D 152 29.14 -27.86 26.46
N SER D 153 28.97 -28.49 27.63
CA SER D 153 29.98 -29.37 28.23
C SER D 153 30.33 -30.52 27.28
N ILE D 154 29.30 -31.17 26.73
CA ILE D 154 29.47 -32.32 25.85
C ILE D 154 30.17 -31.86 24.57
N SER D 155 29.73 -30.72 24.02
CA SER D 155 30.35 -30.16 22.82
C SER D 155 31.85 -29.98 23.07
N VAL D 156 32.21 -29.32 24.16
CA VAL D 156 33.60 -28.99 24.43
C VAL D 156 34.40 -30.27 24.64
N ALA D 157 33.83 -31.21 25.43
CA ALA D 157 34.41 -32.52 25.66
C ALA D 157 34.77 -33.18 24.33
N ASN D 158 33.88 -33.05 23.34
CA ASN D 158 34.01 -33.70 22.05
C ASN D 158 34.60 -32.77 20.98
N GLY D 159 35.40 -31.77 21.40
CA GLY D 159 36.24 -31.02 20.46
C GLY D 159 35.78 -29.58 20.19
N ALA D 160 34.59 -29.17 20.65
CA ALA D 160 34.12 -27.82 20.36
C ALA D 160 35.00 -26.77 21.03
N ILE D 161 35.33 -25.71 20.29
CA ILE D 161 36.07 -24.59 20.84
C ILE D 161 35.08 -23.65 21.53
N PRO D 162 35.21 -23.39 22.84
CA PRO D 162 34.26 -22.54 23.57
C PRO D 162 34.34 -21.09 23.10
N SER D 163 33.17 -20.45 22.98
CA SER D 163 33.09 -19.04 22.61
C SER D 163 32.55 -18.23 23.79
N SER D 164 31.32 -18.54 24.24
CA SER D 164 30.79 -18.02 25.50
C SER D 164 30.26 -19.18 26.34
N PRO D 165 30.56 -19.23 27.65
CA PRO D 165 30.14 -20.33 28.51
C PRO D 165 28.67 -20.24 28.90
N PRO D 166 28.10 -21.29 29.54
CA PRO D 166 26.67 -21.30 29.85
C PRO D 166 26.38 -20.22 30.88
N ILE D 167 25.35 -19.42 30.60
CA ILE D 167 24.93 -18.34 31.47
C ILE D 167 23.41 -18.46 31.60
N VAL D 168 22.93 -18.51 32.85
CA VAL D 168 21.50 -18.56 33.10
C VAL D 168 21.03 -17.12 33.29
N LEU D 169 19.90 -16.78 32.66
CA LEU D 169 19.42 -15.42 32.62
C LEU D 169 18.11 -15.35 33.38
N ASN D 170 18.10 -14.59 34.48
CA ASN D 170 16.92 -14.39 35.29
C ASN D 170 16.30 -15.74 35.60
N GLU D 171 17.16 -16.74 35.85
CA GLU D 171 16.76 -18.09 36.17
C GLU D 171 15.62 -18.56 35.26
N ALA D 172 15.70 -18.23 33.97
CA ALA D 172 14.63 -18.52 33.04
C ALA D 172 15.15 -19.17 31.75
N VAL D 173 16.34 -18.76 31.30
CA VAL D 173 16.86 -19.18 30.01
C VAL D 173 18.36 -19.39 30.17
N THR D 174 18.88 -20.49 29.65
CA THR D 174 20.32 -20.69 29.61
C THR D 174 20.82 -20.59 28.15
N ILE D 175 21.99 -19.94 27.98
CA ILE D 175 22.57 -19.66 26.68
C ILE D 175 24.07 -19.95 26.71
N ALA D 176 24.55 -20.74 25.75
CA ALA D 176 25.98 -20.94 25.55
C ALA D 176 26.32 -20.87 24.06
N GLU D 177 27.61 -20.60 23.76
CA GLU D 177 28.08 -20.46 22.40
C GLU D 177 29.37 -21.27 22.18
N VAL D 178 29.44 -21.97 21.06
CA VAL D 178 30.69 -22.56 20.59
C VAL D 178 30.91 -22.17 19.13
N LYS D 179 32.19 -22.17 18.74
CA LYS D 179 32.60 -21.77 17.41
C LYS D 179 32.12 -22.79 16.39
N LEU D 180 31.53 -22.30 15.30
CA LEU D 180 30.96 -23.15 14.26
C LEU D 180 31.91 -23.19 13.06
N TYR D 181 32.03 -22.06 12.35
CA TYR D 181 33.05 -21.89 11.32
C TYR D 181 33.33 -20.38 11.22
N GLY D 182 34.62 -20.02 11.15
CA GLY D 182 35.02 -18.63 11.04
C GLY D 182 34.77 -17.89 12.34
N ASP D 183 34.02 -16.79 12.28
CA ASP D 183 33.61 -16.02 13.43
C ASP D 183 32.12 -16.23 13.67
N VAL D 184 31.55 -17.28 13.07
CA VAL D 184 30.18 -17.70 13.33
C VAL D 184 30.19 -18.65 14.52
N VAL D 185 29.16 -18.54 15.37
CA VAL D 185 29.04 -19.41 16.51
C VAL D 185 27.70 -20.12 16.43
N LEU D 186 27.69 -21.36 16.93
CA LEU D 186 26.49 -22.10 17.25
C LEU D 186 26.08 -21.71 18.68
N ARG D 187 24.86 -21.20 18.81
CA ARG D 187 24.34 -20.78 20.09
C ARG D 187 23.29 -21.79 20.56
N TYR D 188 23.44 -22.24 21.82
CA TYR D 188 22.50 -23.18 22.41
C TYR D 188 21.58 -22.40 23.33
N VAL D 189 20.27 -22.66 23.21
CA VAL D 189 19.27 -21.96 24.01
C VAL D 189 18.35 -23.00 24.65
N SER D 190 18.22 -22.98 25.98
CA SER D 190 17.30 -23.87 26.67
C SER D 190 16.47 -23.11 27.70
N TYR D 191 15.19 -23.46 27.75
CA TYR D 191 14.24 -22.92 28.71
C TYR D 191 14.07 -23.92 29.85
N LYS D 192 14.58 -23.57 31.04
CA LYS D 192 14.17 -24.24 32.27
C LYS D 192 12.68 -23.93 32.49
N ALA D 193 12.30 -22.67 32.25
CA ALA D 193 10.91 -22.24 32.28
C ALA D 193 9.99 -23.28 31.63
N GLU D 194 10.40 -23.79 30.46
CA GLU D 194 9.56 -24.63 29.62
C GLU D 194 8.37 -23.81 29.14
N ASP D 195 8.64 -22.57 28.69
CA ASP D 195 7.64 -21.66 28.17
C ASP D 195 8.35 -20.41 27.59
N LYS D 198 8.18 -17.28 25.80
CA LYS D 198 7.96 -15.81 25.87
C LYS D 198 8.06 -15.20 24.46
N SER D 199 7.08 -14.35 24.12
CA SER D 199 7.16 -13.51 22.94
C SER D 199 8.20 -12.40 23.14
N GLU D 200 8.68 -12.29 24.39
CA GLU D 200 9.75 -11.38 24.77
C GLU D 200 11.10 -11.98 24.37
N PHE D 201 11.13 -13.30 24.13
CA PHE D 201 12.27 -13.98 23.51
C PHE D 201 13.37 -14.27 24.54
N LEU D 202 13.83 -13.24 25.24
CA LEU D 202 14.88 -13.38 26.24
C LEU D 202 14.65 -12.41 27.39
N PRO D 203 15.16 -12.70 28.61
CA PRO D 203 15.17 -11.72 29.70
C PRO D 203 15.84 -10.45 29.19
N GLY D 204 15.23 -9.30 29.48
CA GLY D 204 15.80 -8.00 29.14
C GLY D 204 15.07 -7.34 27.97
N PHE D 205 14.21 -8.09 27.28
CA PHE D 205 13.59 -7.65 26.04
C PHE D 205 12.16 -7.23 26.34
N GLU D 206 11.80 -6.03 25.89
CA GLU D 206 10.41 -5.61 25.92
C GLU D 206 9.71 -6.14 24.68
N ARG D 207 8.56 -6.78 24.87
CA ARG D 207 7.69 -7.16 23.77
C ARG D 207 7.30 -5.86 23.07
N VAL D 208 7.30 -5.86 21.74
CA VAL D 208 6.74 -4.76 20.99
C VAL D 208 5.33 -5.16 20.55
N GLU D 209 4.36 -4.34 20.94
CA GLU D 209 2.98 -4.48 20.52
C GLU D 209 2.87 -3.73 19.18
N ASP D 210 2.25 -4.34 18.18
CA ASP D 210 2.24 -3.77 16.85
C ASP D 210 1.45 -2.45 16.84
N ALA D 211 2.06 -1.43 16.21
CA ALA D 211 1.53 -0.08 16.19
C ALA D 211 0.40 0.06 15.15
N SER D 212 0.24 -0.97 14.32
CA SER D 212 -1.03 -1.21 13.62
C SER D 212 -1.56 -2.58 14.04
N SER D 213 -2.87 -2.79 13.84
CA SER D 213 -3.49 -4.08 14.14
C SER D 213 -3.17 -5.10 13.04
N PHE D 214 -2.52 -4.65 11.96
CA PHE D 214 -2.24 -5.50 10.81
C PHE D 214 -0.73 -5.68 10.63
N PRO D 215 -0.16 -6.83 11.02
CA PRO D 215 1.29 -7.03 10.96
C PRO D 215 1.76 -7.27 9.52
N LEU D 216 3.08 -7.17 9.32
CA LEU D 216 3.67 -7.57 8.06
C LEU D 216 3.90 -9.07 8.09
N ASP D 217 3.58 -9.73 6.96
CA ASP D 217 3.57 -11.18 6.86
C ASP D 217 3.43 -11.57 5.39
N TYR D 218 4.50 -12.11 4.80
CA TYR D 218 4.43 -12.52 3.40
C TYR D 218 4.48 -14.04 3.30
N GLY D 219 4.31 -14.73 4.44
CA GLY D 219 4.12 -16.18 4.46
C GLY D 219 5.36 -16.97 4.84
N ILE D 220 6.46 -16.29 5.21
CA ILE D 220 7.62 -17.01 5.69
C ILE D 220 7.31 -17.53 7.09
N ARG D 221 7.66 -18.79 7.32
CA ARG D 221 7.19 -19.52 8.49
C ARG D 221 8.34 -20.05 9.34
N ARG D 222 9.48 -20.42 8.75
CA ARG D 222 10.60 -20.89 9.56
C ARG D 222 11.90 -21.02 8.76
N LEU D 223 13.01 -21.16 9.51
CA LEU D 223 14.31 -21.43 8.94
C LEU D 223 14.45 -22.92 8.62
N ASP D 224 14.75 -23.22 7.35
CA ASP D 224 14.82 -24.60 6.90
C ASP D 224 16.25 -25.10 7.05
N HIS D 225 17.20 -24.34 6.49
CA HIS D 225 18.61 -24.66 6.67
C HIS D 225 19.47 -23.39 6.62
N ALA D 226 20.75 -23.57 6.98
CA ALA D 226 21.68 -22.47 7.14
C ALA D 226 23.06 -22.95 6.72
N VAL D 227 23.61 -22.32 5.67
CA VAL D 227 24.70 -22.88 4.89
C VAL D 227 25.95 -22.07 5.12
N GLY D 228 27.04 -22.78 5.41
CA GLY D 228 28.34 -22.18 5.64
C GLY D 228 29.27 -22.44 4.46
N ASN D 229 30.12 -21.44 4.16
CA ASN D 229 31.19 -21.60 3.20
C ASN D 229 32.50 -21.62 3.99
N VAL D 230 33.35 -22.61 3.70
CA VAL D 230 34.63 -22.76 4.37
C VAL D 230 35.67 -23.04 3.29
N PRO D 231 36.98 -22.84 3.57
CA PRO D 231 38.05 -23.17 2.64
C PRO D 231 38.30 -24.65 2.38
N GLU D 232 38.06 -25.51 3.38
CA GLU D 232 38.29 -26.95 3.28
C GLU D 232 37.18 -27.70 4.00
N LEU D 233 36.38 -28.45 3.25
CA LEU D 233 35.17 -29.07 3.75
C LEU D 233 35.49 -30.14 4.80
N GLY D 234 36.47 -31.00 4.49
CA GLY D 234 36.75 -32.15 5.33
C GLY D 234 36.96 -31.76 6.79
N PRO D 235 38.06 -31.05 7.11
CA PRO D 235 38.30 -30.57 8.46
C PRO D 235 37.08 -29.94 9.14
N ALA D 236 36.27 -29.19 8.39
CA ALA D 236 35.11 -28.50 8.95
C ALA D 236 34.03 -29.49 9.34
N LEU D 237 33.80 -30.52 8.52
CA LEU D 237 32.82 -31.57 8.84
C LEU D 237 33.27 -32.37 10.06
N THR D 238 34.56 -32.71 10.11
CA THR D 238 35.10 -33.48 11.22
C THR D 238 34.84 -32.77 12.53
N TYR D 239 35.05 -31.45 12.54
CA TYR D 239 34.87 -30.62 13.72
C TYR D 239 33.40 -30.59 14.16
N VAL D 240 32.51 -30.16 13.27
CA VAL D 240 31.12 -29.92 13.65
C VAL D 240 30.45 -31.25 14.00
N ALA D 241 30.54 -32.22 13.07
CA ALA D 241 29.98 -33.55 13.28
C ALA D 241 30.52 -34.17 14.58
N GLY D 242 31.80 -33.94 14.84
CA GLY D 242 32.45 -34.48 16.01
C GLY D 242 31.74 -34.05 17.28
N PHE D 243 31.55 -32.74 17.47
CA PHE D 243 31.09 -32.24 18.75
C PHE D 243 29.56 -32.34 18.85
N THR D 244 28.85 -32.43 17.72
CA THR D 244 27.39 -32.51 17.75
C THR D 244 26.91 -33.97 17.69
N GLY D 245 27.64 -34.79 16.92
CA GLY D 245 27.17 -36.09 16.50
C GLY D 245 26.06 -35.99 15.44
N PHE D 246 25.99 -34.85 14.73
CA PHE D 246 25.05 -34.73 13.62
C PHE D 246 25.53 -35.70 12.53
N HIS D 247 24.58 -36.34 11.86
CA HIS D 247 24.90 -37.30 10.80
C HIS D 247 24.85 -36.60 9.46
N GLN D 248 25.50 -37.22 8.46
CA GLN D 248 25.44 -36.76 7.08
C GLN D 248 24.08 -37.09 6.48
N PHE D 249 23.43 -36.06 5.93
CA PHE D 249 22.22 -36.23 5.14
C PHE D 249 22.64 -36.28 3.68
N ALA D 250 22.19 -37.33 2.97
CA ALA D 250 22.59 -37.55 1.59
C ALA D 250 21.70 -36.74 0.65
N GLU D 251 22.27 -36.33 -0.50
CA GLU D 251 21.52 -35.69 -1.57
C GLU D 251 21.42 -36.61 -2.78
N PHE D 252 20.18 -36.80 -3.26
CA PHE D 252 19.86 -37.60 -4.44
C PHE D 252 20.39 -36.94 -5.72
N THR D 253 21.51 -37.45 -6.24
CA THR D 253 21.98 -37.08 -7.56
C THR D 253 21.20 -37.90 -8.61
N ALA D 254 20.39 -37.20 -9.43
CA ALA D 254 19.49 -37.84 -10.37
C ALA D 254 20.17 -38.07 -11.73
N GLU D 261 31.39 -28.33 -11.63
CA GLU D 261 30.45 -27.59 -12.53
C GLU D 261 29.68 -26.54 -11.73
N SER D 262 29.27 -26.89 -10.50
CA SER D 262 28.63 -25.95 -9.61
C SER D 262 29.65 -25.00 -8.99
N GLY D 263 30.90 -25.48 -8.88
CA GLY D 263 31.99 -24.72 -8.29
C GLY D 263 32.23 -25.06 -6.82
N LEU D 264 31.47 -26.01 -6.27
CA LEU D 264 31.49 -26.27 -4.83
C LEU D 264 31.47 -27.77 -4.55
N ASN D 265 32.01 -28.14 -3.39
CA ASN D 265 31.73 -29.41 -2.74
C ASN D 265 30.93 -29.16 -1.46
N SER D 266 29.84 -29.92 -1.29
CA SER D 266 28.86 -29.70 -0.24
C SER D 266 28.67 -30.98 0.56
N ALA D 267 28.38 -30.82 1.85
CA ALA D 267 27.81 -31.88 2.68
C ALA D 267 26.84 -31.27 3.67
N VAL D 268 25.90 -32.08 4.15
CA VAL D 268 24.85 -31.60 5.03
C VAL D 268 24.89 -32.36 6.35
N LEU D 269 25.08 -31.62 7.44
CA LEU D 269 24.95 -32.16 8.78
C LEU D 269 23.51 -31.98 9.23
N ALA D 270 22.98 -32.97 9.94
CA ALA D 270 21.57 -33.04 10.31
C ALA D 270 21.40 -33.57 11.73
N SER D 271 20.37 -33.07 12.41
CA SER D 271 19.97 -33.52 13.73
C SER D 271 19.22 -34.84 13.60
N ASN D 272 18.89 -35.50 14.72
CA ASN D 272 18.30 -36.83 14.72
C ASN D 272 17.01 -36.86 13.92
N ASP D 273 16.16 -35.85 14.12
CA ASP D 273 14.91 -35.71 13.40
C ASP D 273 15.12 -35.00 12.06
N GLU D 274 16.37 -34.54 11.85
CA GLU D 274 16.76 -33.88 10.61
C GLU D 274 15.92 -32.63 10.33
N MET D 275 15.50 -31.92 11.39
CA MET D 275 14.78 -30.67 11.24
C MET D 275 15.76 -29.50 11.40
N VAL D 276 16.91 -29.77 12.03
CA VAL D 276 18.05 -28.87 12.02
C VAL D 276 19.02 -29.34 10.94
N LEU D 277 19.30 -28.43 9.98
CA LEU D 277 20.06 -28.75 8.77
C LEU D 277 21.15 -27.70 8.58
N LEU D 278 22.40 -28.17 8.54
CA LEU D 278 23.56 -27.31 8.49
C LEU D 278 24.47 -27.76 7.34
N PRO D 279 24.15 -27.43 6.07
CA PRO D 279 25.09 -27.61 4.96
C PRO D 279 26.39 -26.83 5.10
N ILE D 280 27.46 -27.38 4.52
CA ILE D 280 28.73 -26.68 4.45
C ILE D 280 29.31 -26.85 3.04
N ASN D 281 29.79 -25.74 2.46
CA ASN D 281 30.40 -25.74 1.14
C ASN D 281 31.89 -25.46 1.23
N GLU D 282 32.63 -26.07 0.30
CA GLU D 282 34.00 -25.67 0.02
C GLU D 282 34.08 -25.35 -1.47
N PRO D 283 35.10 -24.58 -1.90
CA PRO D 283 35.25 -24.25 -3.32
C PRO D 283 35.90 -25.41 -4.09
N VAL D 284 35.42 -25.65 -5.32
CA VAL D 284 36.16 -26.42 -6.31
C VAL D 284 37.02 -25.45 -7.13
N HIS D 285 38.34 -25.48 -6.90
CA HIS D 285 39.26 -24.63 -7.64
C HIS D 285 39.53 -25.21 -9.02
N GLY D 286 40.10 -24.37 -9.91
CA GLY D 286 40.55 -24.79 -11.22
C GLY D 286 39.39 -25.18 -12.14
N THR D 287 38.58 -24.20 -12.53
CA THR D 287 37.34 -24.46 -13.26
C THR D 287 37.16 -23.35 -14.28
N LYS D 288 36.27 -23.59 -15.26
CA LYS D 288 35.88 -22.58 -16.25
C LYS D 288 35.63 -21.24 -15.56
N ARG D 289 34.57 -21.20 -14.74
CA ARG D 289 34.17 -20.00 -14.02
C ARG D 289 34.70 -20.11 -12.59
N LYS D 290 35.13 -18.97 -12.03
CA LYS D 290 35.62 -18.91 -10.67
C LYS D 290 34.49 -19.32 -9.72
N SER D 291 34.86 -20.09 -8.70
CA SER D 291 33.92 -20.51 -7.66
C SER D 291 33.27 -19.30 -6.99
N GLN D 292 31.94 -19.28 -6.94
CA GLN D 292 31.20 -18.35 -6.11
C GLN D 292 31.57 -18.54 -4.64
N ILE D 293 32.03 -19.73 -4.24
CA ILE D 293 32.44 -19.99 -2.87
C ILE D 293 33.73 -19.24 -2.57
N GLN D 294 34.69 -19.33 -3.50
CA GLN D 294 35.99 -18.70 -3.35
C GLN D 294 35.84 -17.17 -3.34
N THR D 295 34.87 -16.67 -4.12
CA THR D 295 34.56 -15.24 -4.15
C THR D 295 33.99 -14.82 -2.81
N TYR D 296 33.06 -15.62 -2.26
CA TYR D 296 32.57 -15.42 -0.92
C TYR D 296 33.75 -15.32 0.03
N LEU D 297 34.68 -16.28 -0.01
CA LEU D 297 35.77 -16.34 0.94
C LEU D 297 36.61 -15.07 0.85
N GLU D 298 36.81 -14.54 -0.36
CA GLU D 298 37.64 -13.35 -0.55
C GLU D 298 36.96 -12.10 0.02
N HIS D 299 35.68 -11.90 -0.34
CA HIS D 299 34.93 -10.71 0.03
C HIS D 299 34.50 -10.70 1.50
N ASN D 300 34.32 -11.89 2.10
CA ASN D 300 33.92 -12.03 3.50
C ASN D 300 35.14 -12.07 4.42
N GLU D 301 36.35 -12.02 3.84
CA GLU D 301 37.60 -12.24 4.57
C GLU D 301 37.51 -13.55 5.37
N GLY D 302 37.17 -14.65 4.69
CA GLY D 302 37.24 -15.97 5.30
C GLY D 302 35.86 -16.62 5.41
N ALA D 303 35.81 -17.72 6.16
CA ALA D 303 34.62 -18.53 6.30
C ALA D 303 33.50 -17.75 6.96
N GLY D 304 32.27 -18.15 6.66
CA GLY D 304 31.11 -17.52 7.24
C GLY D 304 29.85 -18.11 6.64
N LEU D 305 28.70 -17.61 7.08
CA LEU D 305 27.43 -18.15 6.65
C LEU D 305 27.13 -17.58 5.27
N GLN D 306 26.83 -18.47 4.33
CA GLN D 306 26.59 -18.07 2.95
C GLN D 306 25.12 -17.75 2.71
N HIS D 307 24.20 -18.62 3.12
CA HIS D 307 22.80 -18.32 2.90
C HIS D 307 21.91 -18.98 3.95
N LEU D 308 20.71 -18.40 4.06
CA LEU D 308 19.65 -18.86 4.93
C LEU D 308 18.46 -19.21 4.04
N ALA D 309 17.99 -20.45 4.15
CA ALA D 309 16.81 -20.85 3.41
C ALA D 309 15.60 -20.73 4.33
N LEU D 310 14.62 -19.95 3.87
CA LEU D 310 13.47 -19.60 4.68
C LEU D 310 12.26 -20.28 4.05
N MET D 311 11.55 -21.06 4.86
CA MET D 311 10.44 -21.86 4.37
C MET D 311 9.21 -20.98 4.28
N SER D 312 8.47 -21.09 3.17
CA SER D 312 7.20 -20.41 3.01
C SER D 312 6.07 -21.43 2.86
N GLU D 313 4.91 -21.09 3.42
CA GLU D 313 3.73 -21.95 3.35
C GLU D 313 3.07 -21.79 1.99
N ASP D 314 3.45 -20.73 1.25
CA ASP D 314 3.01 -20.52 -0.12
C ASP D 314 4.01 -19.61 -0.83
N ILE D 315 4.95 -20.21 -1.54
CA ILE D 315 6.05 -19.48 -2.15
C ILE D 315 5.55 -18.47 -3.18
N PHE D 316 4.40 -18.76 -3.82
CA PHE D 316 3.90 -17.88 -4.87
C PHE D 316 3.47 -16.54 -4.27
N ARG D 317 2.81 -16.58 -3.10
CA ARG D 317 2.44 -15.38 -2.40
C ARG D 317 3.71 -14.63 -1.96
N THR D 318 4.60 -15.32 -1.24
CA THR D 318 5.83 -14.72 -0.72
C THR D 318 6.54 -13.91 -1.80
N LEU D 319 6.74 -14.52 -2.97
CA LEU D 319 7.54 -13.92 -4.03
C LEU D 319 6.82 -12.74 -4.66
N ARG D 320 5.50 -12.84 -4.87
CA ARG D 320 4.73 -11.72 -5.34
C ARG D 320 4.87 -10.53 -4.37
N GLU D 321 4.84 -10.82 -3.06
CA GLU D 321 5.02 -9.80 -2.05
C GLU D 321 6.42 -9.20 -2.18
N MET D 322 7.43 -10.07 -2.21
CA MET D 322 8.82 -9.64 -2.11
C MET D 322 9.25 -8.88 -3.36
N ARG D 323 8.76 -9.32 -4.53
CA ARG D 323 9.18 -8.73 -5.80
C ARG D 323 8.54 -7.37 -6.01
N LYS D 324 7.29 -7.16 -5.53
CA LYS D 324 6.67 -5.84 -5.51
C LYS D 324 7.63 -4.83 -4.89
N ARG D 325 8.39 -5.25 -3.87
CA ARG D 325 9.09 -4.33 -3.01
C ARG D 325 10.57 -4.22 -3.35
N SER D 326 11.02 -4.95 -4.39
CA SER D 326 12.42 -5.01 -4.77
C SER D 326 13.00 -3.62 -5.03
N SER D 327 12.21 -2.77 -5.70
CA SER D 327 12.69 -1.49 -6.17
C SER D 327 12.34 -0.36 -5.19
N ILE D 328 11.69 -0.68 -4.05
CA ILE D 328 11.27 0.30 -3.07
C ILE D 328 11.74 -0.12 -1.69
N GLY D 329 12.99 -0.59 -1.60
CA GLY D 329 13.62 -0.83 -0.32
C GLY D 329 13.76 -2.31 0.01
N GLY D 330 13.07 -3.17 -0.76
CA GLY D 330 13.07 -4.60 -0.52
C GLY D 330 14.36 -5.27 -1.02
N PHE D 331 14.24 -6.53 -1.44
CA PHE D 331 15.39 -7.29 -1.93
C PHE D 331 15.20 -7.62 -3.41
N ASP D 332 16.34 -7.66 -4.12
CA ASP D 332 16.38 -8.05 -5.51
C ASP D 332 16.64 -9.57 -5.61
N PHE D 333 16.26 -10.13 -6.76
CA PHE D 333 16.38 -11.56 -6.99
C PHE D 333 17.37 -11.84 -8.11
N MET D 334 17.93 -13.04 -8.11
CA MET D 334 18.86 -13.46 -9.13
C MET D 334 18.11 -13.48 -10.45
N PRO D 335 18.80 -13.24 -11.58
CA PRO D 335 18.16 -13.25 -12.90
C PRO D 335 17.50 -14.62 -13.12
N SER D 336 16.35 -14.62 -13.78
CA SER D 336 15.51 -15.79 -13.91
C SER D 336 16.09 -16.81 -14.91
N PRO D 337 15.63 -18.08 -14.87
CA PRO D 337 15.95 -19.03 -15.93
C PRO D 337 15.34 -18.56 -17.26
N PRO D 338 15.88 -18.99 -18.42
CA PRO D 338 15.20 -18.75 -19.70
C PRO D 338 13.87 -19.51 -19.78
N PRO D 339 13.04 -19.27 -20.82
CA PRO D 339 11.73 -19.94 -20.93
C PRO D 339 11.82 -21.45 -21.14
N THR D 340 12.98 -21.91 -21.61
CA THR D 340 13.21 -23.32 -21.87
C THR D 340 13.12 -24.14 -20.59
N TYR D 341 13.52 -23.55 -19.46
CA TYR D 341 13.48 -24.21 -18.16
C TYR D 341 12.04 -24.56 -17.79
N TYR D 342 11.09 -23.70 -18.18
CA TYR D 342 9.70 -23.82 -17.75
C TYR D 342 8.92 -24.75 -18.69
N GLN D 343 9.28 -24.77 -19.97
CA GLN D 343 8.72 -25.71 -20.92
C GLN D 343 9.13 -27.13 -20.57
N ASN D 344 10.30 -27.28 -19.94
CA ASN D 344 10.83 -28.58 -19.55
C ASN D 344 10.26 -29.07 -18.21
N LEU D 345 9.41 -28.29 -17.54
CA LEU D 345 8.95 -28.66 -16.20
C LEU D 345 7.85 -29.72 -16.25
N LYS D 346 6.94 -29.66 -17.24
CA LYS D 346 5.81 -30.59 -17.26
C LYS D 346 6.33 -32.02 -17.28
N LYS D 347 7.46 -32.26 -17.97
CA LYS D 347 8.09 -33.57 -17.98
C LYS D 347 8.68 -33.90 -16.62
N ARG D 348 9.44 -32.98 -16.03
CA ARG D 348 10.17 -33.25 -14.80
C ARG D 348 9.25 -33.40 -13.60
N VAL D 349 8.22 -32.54 -13.49
CA VAL D 349 7.39 -32.44 -12.29
C VAL D 349 5.90 -32.31 -12.64
N GLY D 350 5.50 -32.72 -13.84
CA GLY D 350 4.11 -32.59 -14.27
C GLY D 350 3.13 -33.37 -13.40
N ASP D 351 3.63 -34.36 -12.66
CA ASP D 351 2.81 -35.17 -11.77
C ASP D 351 2.49 -34.42 -10.48
N VAL D 352 3.38 -33.52 -10.03
CA VAL D 352 3.20 -32.82 -8.77
C VAL D 352 2.61 -31.43 -9.01
N LEU D 353 3.16 -30.67 -9.98
CA LEU D 353 2.68 -29.33 -10.27
C LEU D 353 1.77 -29.37 -11.49
N SER D 354 0.70 -28.56 -11.46
CA SER D 354 -0.19 -28.41 -12.60
C SER D 354 0.41 -27.45 -13.62
N ASP D 355 -0.28 -27.29 -14.76
CA ASP D 355 0.12 -26.37 -15.81
C ASP D 355 0.05 -24.91 -15.31
N ASP D 356 -0.95 -24.61 -14.48
CA ASP D 356 -1.12 -23.28 -13.93
C ASP D 356 0.00 -22.94 -12.95
N GLN D 357 0.43 -23.94 -12.17
CA GLN D 357 1.47 -23.73 -11.18
C GLN D 357 2.84 -23.61 -11.85
N ILE D 358 3.02 -24.26 -13.00
CA ILE D 358 4.27 -24.14 -13.73
C ILE D 358 4.34 -22.74 -14.33
N LYS D 359 3.21 -22.22 -14.81
CA LYS D 359 3.12 -20.84 -15.29
C LYS D 359 3.55 -19.90 -14.17
N GLU D 360 2.99 -20.10 -12.96
CA GLU D 360 3.26 -19.26 -11.80
C GLU D 360 4.76 -19.20 -11.52
N CYS D 361 5.43 -20.36 -11.56
CA CYS D 361 6.87 -20.43 -11.40
C CYS D 361 7.57 -19.55 -12.45
N GLU D 362 7.07 -19.57 -13.68
CA GLU D 362 7.69 -18.82 -14.77
C GLU D 362 7.58 -17.31 -14.54
N GLU D 363 6.43 -16.85 -14.04
CA GLU D 363 6.23 -15.45 -13.75
C GLU D 363 7.26 -14.96 -12.72
N LEU D 364 7.51 -15.76 -11.68
CA LEU D 364 8.24 -15.30 -10.51
C LEU D 364 9.71 -15.71 -10.58
N GLY D 365 10.06 -16.58 -11.53
CA GLY D 365 11.44 -16.99 -11.70
C GLY D 365 11.87 -18.06 -10.73
N ILE D 366 10.90 -18.89 -10.28
CA ILE D 366 11.11 -19.93 -9.28
C ILE D 366 11.72 -21.19 -9.90
N LEU D 367 12.72 -21.75 -9.24
CA LEU D 367 13.35 -22.99 -9.66
C LEU D 367 12.66 -24.18 -8.98
N VAL D 368 12.69 -25.33 -9.65
CA VAL D 368 12.03 -26.54 -9.17
C VAL D 368 12.98 -27.73 -9.28
N ASP D 369 12.93 -28.63 -8.28
CA ASP D 369 13.75 -29.83 -8.28
C ASP D 369 13.00 -30.96 -7.57
N ARG D 370 13.30 -32.18 -8.00
CA ARG D 370 12.79 -33.42 -7.42
C ARG D 370 13.94 -34.16 -6.75
N ASP D 371 13.61 -34.95 -5.72
CA ASP D 371 14.49 -36.00 -5.23
C ASP D 371 13.70 -37.30 -5.18
N ASP D 372 14.18 -38.26 -4.38
CA ASP D 372 13.50 -39.53 -4.17
C ASP D 372 12.12 -39.29 -3.54
N GLN D 373 12.04 -38.33 -2.61
CA GLN D 373 10.94 -38.22 -1.65
C GLN D 373 9.87 -37.25 -2.14
N GLY D 374 10.29 -36.08 -2.66
CA GLY D 374 9.32 -35.06 -3.07
C GLY D 374 9.95 -33.90 -3.84
N THR D 375 9.28 -32.76 -3.80
CA THR D 375 9.52 -31.66 -4.73
C THR D 375 9.86 -30.37 -3.97
N LEU D 376 10.73 -29.57 -4.59
CA LEU D 376 11.27 -28.37 -3.98
C LEU D 376 11.05 -27.18 -4.92
N LEU D 377 10.39 -26.13 -4.42
CA LEU D 377 10.38 -24.84 -5.07
C LEU D 377 11.37 -23.93 -4.36
N GLN D 378 12.19 -23.20 -5.12
CA GLN D 378 13.21 -22.36 -4.51
C GLN D 378 13.49 -21.11 -5.35
N ILE D 379 14.06 -20.10 -4.69
CA ILE D 379 14.56 -18.91 -5.36
C ILE D 379 15.55 -18.19 -4.45
N PHE D 380 16.49 -17.48 -5.08
CA PHE D 380 17.60 -16.86 -4.38
C PHE D 380 17.61 -15.35 -4.58
N THR D 381 17.88 -14.62 -3.49
CA THR D 381 18.05 -13.18 -3.55
C THR D 381 19.46 -12.90 -4.03
N LYS D 382 19.68 -11.66 -4.49
CA LYS D 382 21.02 -11.10 -4.57
C LYS D 382 21.51 -10.87 -3.14
N PRO D 383 22.82 -10.59 -2.93
CA PRO D 383 23.32 -10.27 -1.59
C PRO D 383 22.46 -9.27 -0.83
N LEU D 384 22.43 -9.43 0.50
CA LEU D 384 21.55 -8.65 1.35
C LEU D 384 22.17 -7.29 1.68
N GLY D 385 23.50 -7.23 1.62
CA GLY D 385 24.23 -6.00 1.88
C GLY D 385 25.28 -5.74 0.80
N ASP D 386 26.34 -5.02 1.18
CA ASP D 386 27.26 -4.41 0.23
C ASP D 386 28.11 -5.48 -0.46
N ARG D 387 28.53 -6.48 0.32
CA ARG D 387 29.48 -7.47 -0.15
C ARG D 387 28.72 -8.56 -0.89
N PRO D 388 29.38 -9.23 -1.86
CA PRO D 388 28.81 -10.43 -2.48
C PRO D 388 29.03 -11.68 -1.63
N THR D 389 28.39 -11.71 -0.45
CA THR D 389 28.54 -12.77 0.52
C THR D 389 27.17 -13.37 0.81
N ILE D 390 26.51 -12.90 1.88
CA ILE D 390 25.31 -13.55 2.41
C ILE D 390 24.13 -13.25 1.49
N PHE D 391 23.24 -14.24 1.29
CA PHE D 391 22.00 -14.05 0.56
C PHE D 391 20.92 -14.91 1.19
N ILE D 392 19.69 -14.80 0.68
CA ILE D 392 18.54 -15.51 1.21
C ILE D 392 17.95 -16.39 0.12
N GLU D 393 17.62 -17.62 0.53
CA GLU D 393 16.82 -18.54 -0.27
C GLU D 393 15.41 -18.60 0.32
N ILE D 394 14.42 -18.59 -0.57
CA ILE D 394 13.03 -18.81 -0.20
C ILE D 394 12.65 -20.17 -0.79
N ILE D 395 12.06 -21.04 0.04
CA ILE D 395 11.77 -22.40 -0.40
C ILE D 395 10.37 -22.82 0.03
N GLN D 396 9.87 -23.83 -0.70
CA GLN D 396 8.69 -24.57 -0.31
C GLN D 396 8.88 -26.04 -0.65
N ARG D 397 8.59 -26.91 0.31
CA ARG D 397 8.74 -28.34 0.13
C ARG D 397 7.37 -28.99 -0.05
N VAL D 398 7.25 -29.89 -1.04
CA VAL D 398 6.01 -30.61 -1.29
C VAL D 398 6.25 -32.12 -1.15
N GLY D 399 5.42 -32.77 -0.30
CA GLY D 399 5.48 -34.21 -0.09
C GLY D 399 6.01 -34.57 1.31
N CYS D 400 6.31 -35.86 1.50
CA CYS D 400 6.92 -36.40 2.70
C CYS D 400 6.08 -36.15 3.96
N MET D 401 4.75 -36.24 3.84
CA MET D 401 3.87 -36.06 4.98
C MET D 401 3.66 -37.39 5.69
N MET D 402 4.51 -37.69 6.70
CA MET D 402 4.30 -38.84 7.59
C MET D 402 3.35 -38.42 8.71
N LYS D 403 2.95 -39.38 9.57
CA LYS D 403 2.04 -39.09 10.68
C LYS D 403 2.82 -39.08 11.99
N ASP D 404 2.35 -38.23 12.92
CA ASP D 404 3.02 -37.92 14.17
C ASP D 404 2.86 -39.08 15.14
N GLU D 405 3.54 -39.00 16.29
CA GLU D 405 3.31 -39.90 17.42
C GLU D 405 1.91 -39.63 17.99
N GLU D 406 1.56 -38.34 18.08
CA GLU D 406 0.25 -37.87 18.51
C GLU D 406 -0.83 -38.31 17.52
N GLY D 407 -0.44 -38.59 16.28
CA GLY D 407 -1.38 -38.88 15.20
C GLY D 407 -1.73 -37.62 14.40
N LYS D 408 -1.06 -36.51 14.71
CA LYS D 408 -1.13 -35.30 13.89
C LYS D 408 -0.20 -35.48 12.69
N ALA D 409 0.13 -34.38 11.99
CA ALA D 409 0.93 -34.44 10.77
C ALA D 409 2.27 -33.74 10.97
N TYR D 410 3.26 -34.19 10.18
CA TYR D 410 4.54 -33.53 10.08
C TYR D 410 5.14 -33.90 8.73
N GLN D 411 5.97 -33.00 8.19
CA GLN D 411 6.73 -33.24 6.97
C GLN D 411 8.16 -33.62 7.36
N SER D 412 8.75 -34.61 6.66
CA SER D 412 10.11 -35.01 6.94
C SER D 412 11.06 -33.87 6.54
N GLY D 413 12.15 -33.73 7.30
CA GLY D 413 13.18 -32.75 6.98
C GLY D 413 13.87 -33.05 5.64
N GLY D 414 14.11 -32.00 4.86
CA GLY D 414 14.87 -32.10 3.61
C GLY D 414 14.05 -32.66 2.46
N CYS D 415 12.71 -32.58 2.57
CA CYS D 415 11.81 -33.08 1.54
C CYS D 415 12.08 -32.38 0.20
N GLY D 416 12.68 -33.09 -0.74
CA GLY D 416 12.95 -32.55 -2.07
C GLY D 416 14.42 -32.18 -2.26
N GLY D 417 15.18 -32.23 -1.17
CA GLY D 417 16.61 -31.97 -1.22
C GLY D 417 16.92 -30.50 -1.04
N PHE D 418 17.96 -30.03 -1.72
CA PHE D 418 18.46 -28.67 -1.58
C PHE D 418 18.65 -28.03 -2.96
N GLY D 419 18.03 -28.63 -3.98
CA GLY D 419 18.07 -28.14 -5.36
C GLY D 419 19.43 -28.34 -6.04
N LYS D 420 20.16 -29.42 -5.72
CA LYS D 420 21.43 -29.70 -6.38
C LYS D 420 21.24 -29.96 -7.88
N GLY D 421 20.08 -30.49 -8.27
CA GLY D 421 19.82 -30.80 -9.67
C GLY D 421 19.69 -29.54 -10.55
N ASN D 422 19.54 -28.37 -9.92
CA ASN D 422 19.18 -27.16 -10.65
C ASN D 422 20.40 -26.53 -11.34
N PHE D 423 21.62 -26.86 -10.89
CA PHE D 423 22.80 -26.40 -11.60
C PHE D 423 22.76 -26.98 -13.02
N SER D 424 22.54 -28.30 -13.12
CA SER D 424 22.47 -28.98 -14.40
C SER D 424 21.24 -28.52 -15.20
N GLU D 425 20.07 -28.47 -14.57
CA GLU D 425 18.85 -28.14 -15.28
C GLU D 425 18.89 -26.71 -15.83
N LEU D 426 19.67 -25.84 -15.20
CA LEU D 426 19.70 -24.43 -15.57
C LEU D 426 20.63 -24.23 -16.77
N PHE D 427 21.80 -24.91 -16.75
CA PHE D 427 22.75 -24.84 -17.85
C PHE D 427 22.18 -25.51 -19.11
N LYS D 428 21.56 -26.68 -18.93
CA LYS D 428 20.84 -27.33 -20.01
C LYS D 428 19.87 -26.35 -20.66
N SER D 429 19.09 -25.63 -19.85
CA SER D 429 18.01 -24.78 -20.35
C SER D 429 18.57 -23.59 -21.12
N ILE D 430 19.77 -23.14 -20.73
CA ILE D 430 20.47 -22.05 -21.37
C ILE D 430 20.99 -22.50 -22.75
N GLU D 431 21.68 -23.65 -22.77
CA GLU D 431 22.07 -24.32 -24.01
C GLU D 431 20.86 -24.50 -24.93
N GLU D 432 19.76 -25.05 -24.39
CA GLU D 432 18.58 -25.36 -25.19
C GLU D 432 17.96 -24.11 -25.78
N TYR D 433 18.04 -23.00 -25.04
CA TYR D 433 17.45 -21.72 -25.43
C TYR D 433 18.28 -21.09 -26.54
N GLU D 434 19.58 -21.35 -26.52
CA GLU D 434 20.50 -20.80 -27.49
C GLU D 434 20.41 -21.60 -28.79
N LYS D 435 20.38 -22.93 -28.67
CA LYS D 435 20.26 -23.82 -29.83
C LYS D 435 19.02 -23.47 -30.63
N THR D 436 17.96 -22.98 -29.96
CA THR D 436 16.73 -22.58 -30.63
C THR D 436 16.85 -21.15 -31.10
CO CO E . -13.11 21.91 -16.94
C1 A1L59 F . -13.54 13.42 -22.39
C2 A1L59 F . -12.45 14.41 -21.96
C3 A1L59 F . -11.38 13.77 -21.07
S1 A1L59 F . -11.70 15.21 -23.44
C4 A1L59 F . -10.48 16.40 -22.89
C5 A1L59 F . -11.04 17.62 -22.24
N1 A1L59 F . -12.29 17.66 -21.73
N2 A1L59 F . -12.49 18.91 -21.18
C6 A1L59 F . -11.38 19.60 -21.36
N3 A1L59 F . -10.42 18.84 -22.02
C7 A1L59 F . -9.15 19.37 -22.32
C8 A1L59 F . -8.13 18.53 -23.03
F1 A1L59 F . -8.54 18.14 -24.24
F2 A1L59 F . -7.81 17.44 -22.36
F3 A1L59 F . -6.99 19.20 -23.22
C9 A1L59 F . -8.89 20.65 -21.93
C10 A1L59 F . -9.83 21.43 -21.28
C11 A1L59 F . -11.08 20.94 -20.98
C12 A1L59 F . -12.11 21.69 -20.23
N4 A1L59 F . -12.44 22.92 -20.69
C13 A1L59 F . -13.44 23.67 -20.13
N5 A1L59 F . -13.82 23.72 -18.87
N6 A1L59 F . -14.89 24.62 -18.82
C14 A1L59 F . -15.09 25.02 -20.02
C15 A1L59 F . -16.09 25.97 -20.56
O1 A1L59 F . -14.21 24.46 -20.90
O2 A1L59 F . -12.63 21.22 -19.22
O3 A1L59 F . -10.95 14.19 -24.11
O4 A1L59 F . -12.76 15.89 -24.13
CO CO G . -22.90 -20.70 4.87
C1 A1L59 H . -26.90 -12.18 8.62
C2 A1L59 H . -25.88 -13.24 9.04
C3 A1L59 H . -24.44 -12.72 9.06
S1 A1L59 H . -26.35 -13.93 10.66
C4 A1L59 H . -25.16 -15.17 11.16
C5 A1L59 H . -25.10 -16.36 10.25
N1 A1L59 H . -25.58 -16.35 9.00
N2 A1L59 H . -25.35 -17.58 8.43
C6 A1L59 H . -24.74 -18.33 9.33
N3 A1L59 H . -24.55 -17.61 10.50
C7 A1L59 H . -23.91 -18.20 11.62
C8 A1L59 H . -23.74 -17.40 12.88
F1 A1L59 H . -23.18 -16.21 12.65
F2 A1L59 H . -22.95 -18.01 13.77
F3 A1L59 H . -24.91 -17.17 13.48
C9 A1L59 H . -23.47 -19.48 11.50
C10 A1L59 H . -23.65 -20.22 10.34
C11 A1L59 H . -24.29 -19.68 9.24
C12 A1L59 H . -24.44 -20.40 7.94
N4 A1L59 H . -25.20 -21.51 7.84
C13 A1L59 H . -25.31 -22.23 6.68
N5 A1L59 H . -24.86 -21.93 5.49
N6 A1L59 H . -25.21 -22.99 4.63
C14 A1L59 H . -25.83 -23.84 5.36
C15 A1L59 H . -26.41 -25.16 5.02
O1 A1L59 H . -25.92 -23.42 6.66
O2 A1L59 H . -23.83 -20.00 6.96
O3 A1L59 H . -26.22 -12.86 11.60
O4 A1L59 H . -27.63 -14.57 10.46
CO CO I . 16.23 23.28 12.00
C1 A1L59 J . 13.51 16.51 17.68
C2 A1L59 J . 14.57 17.20 18.54
C3 A1L59 J . 15.50 16.23 19.25
S1 A1L59 J . 13.75 18.29 19.76
C4 A1L59 J . 12.74 19.51 18.93
C5 A1L59 J . 13.46 20.47 18.03
N1 A1L59 J . 14.67 20.19 17.51
N2 A1L59 J . 15.05 21.25 16.72
C6 A1L59 J . 14.09 22.15 16.76
N3 A1L59 J . 13.05 21.72 17.58
C7 A1L59 J . 11.91 22.51 17.77
C8 A1L59 J . 10.79 22.03 18.66
F1 A1L59 J . 10.31 20.86 18.27
F2 A1L59 J . 9.76 22.87 18.66
F3 A1L59 J . 11.19 21.90 19.93
C9 A1L59 J . 11.84 23.72 17.14
C10 A1L59 J . 12.87 24.18 16.32
C11 A1L59 J . 14.01 23.42 16.11
C12 A1L59 J . 15.11 23.82 15.20
N4 A1L59 J . 15.72 25.02 15.39
C13 A1L59 J . 16.78 25.46 14.63
N5 A1L59 J . 17.26 24.93 13.53
N6 A1L59 J . 18.33 25.73 13.14
C14 A1L59 J . 18.43 26.67 14.02
C15 A1L59 J . 19.37 27.80 14.12
O1 A1L59 J . 17.48 26.54 14.98
O2 A1L59 J . 15.47 23.08 14.30
O3 A1L59 J . 12.84 17.46 20.48
O4 A1L59 J . 14.79 18.95 20.49
CO CO K . 19.96 -23.93 0.03
C1 A1L59 L . 22.35 -17.30 -5.89
C2 A1L59 L . 23.70 -17.96 -5.61
C3 A1L59 L . 24.83 -16.95 -5.41
S1 A1L59 L . 24.15 -19.15 -6.93
C4 A1L59 L . 22.82 -20.31 -7.19
C5 A1L59 L . 22.58 -21.28 -6.08
N1 A1L59 L . 23.08 -21.04 -4.86
N2 A1L59 L . 22.70 -22.08 -4.02
C6 A1L59 L . 21.98 -22.92 -4.75
N3 A1L59 L . 21.88 -22.48 -6.06
C7 A1L59 L . 21.16 -23.23 -7.01
C8 A1L59 L . 21.05 -22.74 -8.44
F1 A1L59 L . 20.39 -21.59 -8.54
F2 A1L59 L . 20.40 -23.60 -9.22
F3 A1L59 L . 22.24 -22.57 -9.00
C9 A1L59 L . 20.58 -24.39 -6.60
C10 A1L59 L . 20.68 -24.85 -5.30
C11 A1L59 L . 21.39 -24.14 -4.35
C12 A1L59 L . 21.50 -24.54 -2.92
N4 A1L59 L . 22.01 -25.75 -2.59
C13 A1L59 L . 22.04 -26.17 -1.27
N5 A1L59 L . 21.74 -25.45 -0.21
N6 A1L59 L . 21.93 -26.28 0.89
C14 A1L59 L . 22.33 -27.41 0.42
C15 A1L59 L . 22.66 -28.67 1.13
O1 A1L59 L . 22.41 -27.39 -0.93
O2 A1L59 L . 21.13 -23.77 -2.03
O3 A1L59 L . 25.33 -19.86 -6.49
O4 A1L59 L . 24.24 -18.39 -8.14
#